data_4NNT
# 
_entry.id   4NNT 
# 
_audit_conform.dict_name       mmcif_pdbx.dic 
_audit_conform.dict_version    5.388 
_audit_conform.dict_location   http://mmcif.pdb.org/dictionaries/ascii/mmcif_pdbx.dic 
# 
loop_
_database_2.database_id 
_database_2.database_code 
_database_2.pdbx_database_accession 
_database_2.pdbx_DOI 
PDB   4NNT         pdb_00004nnt 10.2210/pdb4nnt/pdb 
RCSB  RCSB083434   ?            ?                   
WWPDB D_1000083434 ?            ?                   
# 
loop_
_pdbx_audit_revision_history.ordinal 
_pdbx_audit_revision_history.data_content_type 
_pdbx_audit_revision_history.major_revision 
_pdbx_audit_revision_history.minor_revision 
_pdbx_audit_revision_history.revision_date 
1 'Structure model' 1 0 2014-11-19 
2 'Structure model' 1 1 2017-09-20 
3 'Structure model' 1 2 2024-03-20 
# 
_pdbx_audit_revision_details.ordinal             1 
_pdbx_audit_revision_details.revision_ordinal    1 
_pdbx_audit_revision_details.data_content_type   'Structure model' 
_pdbx_audit_revision_details.provider            repository 
_pdbx_audit_revision_details.type                'Initial release' 
_pdbx_audit_revision_details.description         ? 
_pdbx_audit_revision_details.details             ? 
# 
loop_
_pdbx_audit_revision_group.ordinal 
_pdbx_audit_revision_group.revision_ordinal 
_pdbx_audit_revision_group.data_content_type 
_pdbx_audit_revision_group.group 
1 2 'Structure model' 'Data collection'      
2 3 'Structure model' 'Data collection'      
3 3 'Structure model' 'Database references'  
4 3 'Structure model' 'Derived calculations' 
# 
loop_
_pdbx_audit_revision_category.ordinal 
_pdbx_audit_revision_category.revision_ordinal 
_pdbx_audit_revision_category.data_content_type 
_pdbx_audit_revision_category.category 
1 2 'Structure model' reflns_shell       
2 3 'Structure model' chem_comp_atom     
3 3 'Structure model' chem_comp_bond     
4 3 'Structure model' database_2         
5 3 'Structure model' struct_ref_seq_dif 
6 3 'Structure model' struct_site        
# 
loop_
_pdbx_audit_revision_item.ordinal 
_pdbx_audit_revision_item.revision_ordinal 
_pdbx_audit_revision_item.data_content_type 
_pdbx_audit_revision_item.item 
1 2 'Structure model' '_reflns_shell.Rmerge_I_obs'          
2 2 'Structure model' '_reflns_shell.percent_possible_obs'  
3 3 'Structure model' '_database_2.pdbx_DOI'                
4 3 'Structure model' '_database_2.pdbx_database_accession' 
5 3 'Structure model' '_struct_ref_seq_dif.details'         
6 3 'Structure model' '_struct_site.pdbx_auth_asym_id'      
7 3 'Structure model' '_struct_site.pdbx_auth_comp_id'      
8 3 'Structure model' '_struct_site.pdbx_auth_seq_id'       
# 
_pdbx_database_status.entry_id                        4NNT 
_pdbx_database_status.status_code                     REL 
_pdbx_database_status.methods_development_category    ? 
_pdbx_database_status.deposit_site                    RCSB 
_pdbx_database_status.process_site                    PDBJ 
_pdbx_database_status.recvd_initial_deposition_date   2013-11-19 
_pdbx_database_status.status_code_sf                  REL 
_pdbx_database_status.status_code_mr                  ? 
_pdbx_database_status.SG_entry                        ? 
_pdbx_database_status.status_code_cs                  ? 
_pdbx_database_status.pdb_format_compatible           Y 
_pdbx_database_status.status_code_nmr_data            ? 
# 
_pdbx_database_related.db_name        PDB 
_pdbx_database_related.db_id          4NNS 
_pdbx_database_related.details        . 
_pdbx_database_related.content_type   unspecified 
# 
loop_
_audit_author.name 
_audit_author.pdbx_ordinal 
'Liu, Q.F.'  1 
'Chen, T.T.' 2 
'Xu, Y.C.'   3 
# 
_citation.id                        primary 
_citation.title                     'The complex structure of FABP4 with novel inhibitors' 
_citation.journal_abbrev            'To be Published' 
_citation.journal_volume            ? 
_citation.page_first                ? 
_citation.page_last                 ? 
_citation.year                      ? 
_citation.journal_id_ASTM           ? 
_citation.country                   ? 
_citation.journal_id_ISSN           ? 
_citation.journal_id_CSD            0353 
_citation.book_publisher            ? 
_citation.pdbx_database_id_PubMed   ? 
_citation.pdbx_database_id_DOI      ? 
# 
loop_
_citation_author.citation_id 
_citation_author.name 
_citation_author.ordinal 
_citation_author.identifier_ORCID 
primary 'Liu, Q.F.'  1 ? 
primary 'Chen, T.T.' 2 ? 
primary 'Xu, Y.C.'   3 ? 
# 
loop_
_entity.id 
_entity.type 
_entity.src_method 
_entity.pdbx_description 
_entity.formula_weight 
_entity.pdbx_number_of_molecules 
_entity.pdbx_ec 
_entity.pdbx_mutation 
_entity.pdbx_fragment 
_entity.details 
1 polymer     man 'Fatty acid-binding protein, adipocyte' 16911.268 1   ? ? ? ? 
2 non-polymer syn '2,4,6-tri(propan-2-yl)benzoic acid'    248.361   1   ? ? ? ? 
3 water       nat water                                   18.015    124 ? ? ? ? 
# 
_entity_name_com.entity_id   1 
_entity_name_com.name        
;Hepatocyte growth factor receptor, Adipocyte lipid-binding protein, ALBP, Adipocyte-type fatty acid-binding protein, A-FABP, AFABP, Fatty acid-binding protein 4
;
# 
_entity_poly.entity_id                      1 
_entity_poly.type                           'polypeptide(L)' 
_entity_poly.nstd_linkage                   no 
_entity_poly.nstd_monomer                   no 
_entity_poly.pdbx_seq_one_letter_code       
;MGSSHHHHHHSSGLVPRGSHMCDAFVGTWKLVSSENFDDYMKEVGVGFATRKVAGMAKPNMIISVNGDVITIKSESTFKN
TEISFILGQEFDEVTADDRKVKSTITLDGGVLVHVQKWDGKSTTIKRKREDDKLVVECVMKGVTSTRVYERA
;
_entity_poly.pdbx_seq_one_letter_code_can   
;MGSSHHHHHHSSGLVPRGSHMCDAFVGTWKLVSSENFDDYMKEVGVGFATRKVAGMAKPNMIISVNGDVITIKSESTFKN
TEISFILGQEFDEVTADDRKVKSTITLDGGVLVHVQKWDGKSTTIKRKREDDKLVVECVMKGVTSTRVYERA
;
_entity_poly.pdbx_strand_id                 A 
_entity_poly.pdbx_target_identifier         ? 
# 
loop_
_pdbx_entity_nonpoly.entity_id 
_pdbx_entity_nonpoly.name 
_pdbx_entity_nonpoly.comp_id 
2 '2,4,6-tri(propan-2-yl)benzoic acid' 76D 
3 water                                HOH 
# 
loop_
_entity_poly_seq.entity_id 
_entity_poly_seq.num 
_entity_poly_seq.mon_id 
_entity_poly_seq.hetero 
1 1   MET n 
1 2   GLY n 
1 3   SER n 
1 4   SER n 
1 5   HIS n 
1 6   HIS n 
1 7   HIS n 
1 8   HIS n 
1 9   HIS n 
1 10  HIS n 
1 11  SER n 
1 12  SER n 
1 13  GLY n 
1 14  LEU n 
1 15  VAL n 
1 16  PRO n 
1 17  ARG n 
1 18  GLY n 
1 19  SER n 
1 20  HIS n 
1 21  MET n 
1 22  CYS n 
1 23  ASP n 
1 24  ALA n 
1 25  PHE n 
1 26  VAL n 
1 27  GLY n 
1 28  THR n 
1 29  TRP n 
1 30  LYS n 
1 31  LEU n 
1 32  VAL n 
1 33  SER n 
1 34  SER n 
1 35  GLU n 
1 36  ASN n 
1 37  PHE n 
1 38  ASP n 
1 39  ASP n 
1 40  TYR n 
1 41  MET n 
1 42  LYS n 
1 43  GLU n 
1 44  VAL n 
1 45  GLY n 
1 46  VAL n 
1 47  GLY n 
1 48  PHE n 
1 49  ALA n 
1 50  THR n 
1 51  ARG n 
1 52  LYS n 
1 53  VAL n 
1 54  ALA n 
1 55  GLY n 
1 56  MET n 
1 57  ALA n 
1 58  LYS n 
1 59  PRO n 
1 60  ASN n 
1 61  MET n 
1 62  ILE n 
1 63  ILE n 
1 64  SER n 
1 65  VAL n 
1 66  ASN n 
1 67  GLY n 
1 68  ASP n 
1 69  VAL n 
1 70  ILE n 
1 71  THR n 
1 72  ILE n 
1 73  LYS n 
1 74  SER n 
1 75  GLU n 
1 76  SER n 
1 77  THR n 
1 78  PHE n 
1 79  LYS n 
1 80  ASN n 
1 81  THR n 
1 82  GLU n 
1 83  ILE n 
1 84  SER n 
1 85  PHE n 
1 86  ILE n 
1 87  LEU n 
1 88  GLY n 
1 89  GLN n 
1 90  GLU n 
1 91  PHE n 
1 92  ASP n 
1 93  GLU n 
1 94  VAL n 
1 95  THR n 
1 96  ALA n 
1 97  ASP n 
1 98  ASP n 
1 99  ARG n 
1 100 LYS n 
1 101 VAL n 
1 102 LYS n 
1 103 SER n 
1 104 THR n 
1 105 ILE n 
1 106 THR n 
1 107 LEU n 
1 108 ASP n 
1 109 GLY n 
1 110 GLY n 
1 111 VAL n 
1 112 LEU n 
1 113 VAL n 
1 114 HIS n 
1 115 VAL n 
1 116 GLN n 
1 117 LYS n 
1 118 TRP n 
1 119 ASP n 
1 120 GLY n 
1 121 LYS n 
1 122 SER n 
1 123 THR n 
1 124 THR n 
1 125 ILE n 
1 126 LYS n 
1 127 ARG n 
1 128 LYS n 
1 129 ARG n 
1 130 GLU n 
1 131 ASP n 
1 132 ASP n 
1 133 LYS n 
1 134 LEU n 
1 135 VAL n 
1 136 VAL n 
1 137 GLU n 
1 138 CYS n 
1 139 VAL n 
1 140 MET n 
1 141 LYS n 
1 142 GLY n 
1 143 VAL n 
1 144 THR n 
1 145 SER n 
1 146 THR n 
1 147 ARG n 
1 148 VAL n 
1 149 TYR n 
1 150 GLU n 
1 151 ARG n 
1 152 ALA n 
# 
_entity_src_gen.entity_id                          1 
_entity_src_gen.pdbx_src_id                        1 
_entity_src_gen.pdbx_alt_source_flag               sample 
_entity_src_gen.pdbx_seq_type                      ? 
_entity_src_gen.pdbx_beg_seq_num                   ? 
_entity_src_gen.pdbx_end_seq_num                   ? 
_entity_src_gen.gene_src_common_name               human 
_entity_src_gen.gene_src_genus                     ? 
_entity_src_gen.pdbx_gene_src_gene                 FABP4 
_entity_src_gen.gene_src_species                   ? 
_entity_src_gen.gene_src_strain                    ? 
_entity_src_gen.gene_src_tissue                    ? 
_entity_src_gen.gene_src_tissue_fraction           ? 
_entity_src_gen.gene_src_details                   ? 
_entity_src_gen.pdbx_gene_src_fragment             ? 
_entity_src_gen.pdbx_gene_src_scientific_name      'Homo sapiens' 
_entity_src_gen.pdbx_gene_src_ncbi_taxonomy_id     9606 
_entity_src_gen.pdbx_gene_src_variant              ? 
_entity_src_gen.pdbx_gene_src_cell_line            ? 
_entity_src_gen.pdbx_gene_src_atcc                 ? 
_entity_src_gen.pdbx_gene_src_organ                ? 
_entity_src_gen.pdbx_gene_src_organelle            ? 
_entity_src_gen.pdbx_gene_src_cell                 ? 
_entity_src_gen.pdbx_gene_src_cellular_location    ? 
_entity_src_gen.host_org_common_name               ? 
_entity_src_gen.pdbx_host_org_scientific_name      'Escherichia coli' 
_entity_src_gen.pdbx_host_org_ncbi_taxonomy_id     562 
_entity_src_gen.host_org_genus                     ? 
_entity_src_gen.pdbx_host_org_gene                 ? 
_entity_src_gen.pdbx_host_org_organ                ? 
_entity_src_gen.host_org_species                   ? 
_entity_src_gen.pdbx_host_org_tissue               ? 
_entity_src_gen.pdbx_host_org_tissue_fraction      ? 
_entity_src_gen.pdbx_host_org_strain               'BL21(DE3)' 
_entity_src_gen.pdbx_host_org_variant              ? 
_entity_src_gen.pdbx_host_org_cell_line            ? 
_entity_src_gen.pdbx_host_org_atcc                 ? 
_entity_src_gen.pdbx_host_org_culture_collection   ? 
_entity_src_gen.pdbx_host_org_cell                 ? 
_entity_src_gen.pdbx_host_org_organelle            ? 
_entity_src_gen.pdbx_host_org_cellular_location    ? 
_entity_src_gen.pdbx_host_org_vector_type          plasmid 
_entity_src_gen.pdbx_host_org_vector               ? 
_entity_src_gen.host_org_details                   ? 
_entity_src_gen.expression_system_id               ? 
_entity_src_gen.plasmid_name                       pET28a 
_entity_src_gen.plasmid_details                    ? 
_entity_src_gen.pdbx_description                   ? 
# 
loop_
_chem_comp.id 
_chem_comp.type 
_chem_comp.mon_nstd_flag 
_chem_comp.name 
_chem_comp.pdbx_synonyms 
_chem_comp.formula 
_chem_comp.formula_weight 
76D non-polymer         . '2,4,6-tri(propan-2-yl)benzoic acid' '2,4,6-triisopropylbenzoic acid' 'C16 H24 O2'     248.361 
ALA 'L-peptide linking' y ALANINE                              ?                                'C3 H7 N O2'     89.093  
ARG 'L-peptide linking' y ARGININE                             ?                                'C6 H15 N4 O2 1' 175.209 
ASN 'L-peptide linking' y ASPARAGINE                           ?                                'C4 H8 N2 O3'    132.118 
ASP 'L-peptide linking' y 'ASPARTIC ACID'                      ?                                'C4 H7 N O4'     133.103 
CYS 'L-peptide linking' y CYSTEINE                             ?                                'C3 H7 N O2 S'   121.158 
GLN 'L-peptide linking' y GLUTAMINE                            ?                                'C5 H10 N2 O3'   146.144 
GLU 'L-peptide linking' y 'GLUTAMIC ACID'                      ?                                'C5 H9 N O4'     147.129 
GLY 'peptide linking'   y GLYCINE                              ?                                'C2 H5 N O2'     75.067  
HIS 'L-peptide linking' y HISTIDINE                            ?                                'C6 H10 N3 O2 1' 156.162 
HOH non-polymer         . WATER                                ?                                'H2 O'           18.015  
ILE 'L-peptide linking' y ISOLEUCINE                           ?                                'C6 H13 N O2'    131.173 
LEU 'L-peptide linking' y LEUCINE                              ?                                'C6 H13 N O2'    131.173 
LYS 'L-peptide linking' y LYSINE                               ?                                'C6 H15 N2 O2 1' 147.195 
MET 'L-peptide linking' y METHIONINE                           ?                                'C5 H11 N O2 S'  149.211 
PHE 'L-peptide linking' y PHENYLALANINE                        ?                                'C9 H11 N O2'    165.189 
PRO 'L-peptide linking' y PROLINE                              ?                                'C5 H9 N O2'     115.130 
SER 'L-peptide linking' y SERINE                               ?                                'C3 H7 N O3'     105.093 
THR 'L-peptide linking' y THREONINE                            ?                                'C4 H9 N O3'     119.119 
TRP 'L-peptide linking' y TRYPTOPHAN                           ?                                'C11 H12 N2 O2'  204.225 
TYR 'L-peptide linking' y TYROSINE                             ?                                'C9 H11 N O3'    181.189 
VAL 'L-peptide linking' y VALINE                               ?                                'C5 H11 N O2'    117.146 
# 
loop_
_pdbx_poly_seq_scheme.asym_id 
_pdbx_poly_seq_scheme.entity_id 
_pdbx_poly_seq_scheme.seq_id 
_pdbx_poly_seq_scheme.mon_id 
_pdbx_poly_seq_scheme.ndb_seq_num 
_pdbx_poly_seq_scheme.pdb_seq_num 
_pdbx_poly_seq_scheme.auth_seq_num 
_pdbx_poly_seq_scheme.pdb_mon_id 
_pdbx_poly_seq_scheme.auth_mon_id 
_pdbx_poly_seq_scheme.pdb_strand_id 
_pdbx_poly_seq_scheme.pdb_ins_code 
_pdbx_poly_seq_scheme.hetero 
A 1 1   MET 1   -20 ?   ?   ?   A . n 
A 1 2   GLY 2   -19 ?   ?   ?   A . n 
A 1 3   SER 3   -18 ?   ?   ?   A . n 
A 1 4   SER 4   -17 ?   ?   ?   A . n 
A 1 5   HIS 5   -16 ?   ?   ?   A . n 
A 1 6   HIS 6   -15 ?   ?   ?   A . n 
A 1 7   HIS 7   -14 ?   ?   ?   A . n 
A 1 8   HIS 8   -13 ?   ?   ?   A . n 
A 1 9   HIS 9   -12 ?   ?   ?   A . n 
A 1 10  HIS 10  -11 ?   ?   ?   A . n 
A 1 11  SER 11  -10 ?   ?   ?   A . n 
A 1 12  SER 12  -9  ?   ?   ?   A . n 
A 1 13  GLY 13  -8  ?   ?   ?   A . n 
A 1 14  LEU 14  -7  ?   ?   ?   A . n 
A 1 15  VAL 15  -6  ?   ?   ?   A . n 
A 1 16  PRO 16  -5  ?   ?   ?   A . n 
A 1 17  ARG 17  -4  ?   ?   ?   A . n 
A 1 18  GLY 18  -3  ?   ?   ?   A . n 
A 1 19  SER 19  -2  -2  SER SER A . n 
A 1 20  HIS 20  -1  -1  HIS HIS A . n 
A 1 21  MET 21  0   0   MET MET A . n 
A 1 22  CYS 22  1   1   CYS CYS A . n 
A 1 23  ASP 23  2   2   ASP ASP A . n 
A 1 24  ALA 24  3   3   ALA ALA A . n 
A 1 25  PHE 25  4   4   PHE PHE A . n 
A 1 26  VAL 26  5   5   VAL VAL A . n 
A 1 27  GLY 27  6   6   GLY GLY A . n 
A 1 28  THR 28  7   7   THR THR A . n 
A 1 29  TRP 29  8   8   TRP TRP A . n 
A 1 30  LYS 30  9   9   LYS LYS A . n 
A 1 31  LEU 31  10  10  LEU LEU A . n 
A 1 32  VAL 32  11  11  VAL VAL A . n 
A 1 33  SER 33  12  12  SER SER A . n 
A 1 34  SER 34  13  13  SER SER A . n 
A 1 35  GLU 35  14  14  GLU GLU A . n 
A 1 36  ASN 36  15  15  ASN ASN A . n 
A 1 37  PHE 37  16  16  PHE PHE A . n 
A 1 38  ASP 38  17  17  ASP ASP A . n 
A 1 39  ASP 39  18  18  ASP ASP A . n 
A 1 40  TYR 40  19  19  TYR TYR A . n 
A 1 41  MET 41  20  20  MET MET A . n 
A 1 42  LYS 42  21  21  LYS LYS A . n 
A 1 43  GLU 43  22  22  GLU GLU A . n 
A 1 44  VAL 44  23  23  VAL VAL A . n 
A 1 45  GLY 45  24  24  GLY GLY A . n 
A 1 46  VAL 46  25  25  VAL VAL A . n 
A 1 47  GLY 47  26  26  GLY GLY A . n 
A 1 48  PHE 48  27  27  PHE PHE A . n 
A 1 49  ALA 49  28  28  ALA ALA A . n 
A 1 50  THR 50  29  29  THR THR A . n 
A 1 51  ARG 51  30  30  ARG ARG A . n 
A 1 52  LYS 52  31  31  LYS LYS A . n 
A 1 53  VAL 53  32  32  VAL VAL A . n 
A 1 54  ALA 54  33  33  ALA ALA A . n 
A 1 55  GLY 55  34  34  GLY GLY A . n 
A 1 56  MET 56  35  35  MET MET A . n 
A 1 57  ALA 57  36  36  ALA ALA A . n 
A 1 58  LYS 58  37  37  LYS LYS A . n 
A 1 59  PRO 59  38  38  PRO PRO A . n 
A 1 60  ASN 60  39  39  ASN ASN A . n 
A 1 61  MET 61  40  40  MET MET A . n 
A 1 62  ILE 62  41  41  ILE ILE A . n 
A 1 63  ILE 63  42  42  ILE ILE A . n 
A 1 64  SER 64  43  43  SER SER A . n 
A 1 65  VAL 65  44  44  VAL VAL A . n 
A 1 66  ASN 66  45  45  ASN ASN A . n 
A 1 67  GLY 67  46  46  GLY GLY A . n 
A 1 68  ASP 68  47  47  ASP ASP A . n 
A 1 69  VAL 69  48  48  VAL VAL A . n 
A 1 70  ILE 70  49  49  ILE ILE A . n 
A 1 71  THR 71  50  50  THR THR A . n 
A 1 72  ILE 72  51  51  ILE ILE A . n 
A 1 73  LYS 73  52  52  LYS LYS A . n 
A 1 74  SER 74  53  53  SER SER A . n 
A 1 75  GLU 75  54  54  GLU GLU A . n 
A 1 76  SER 76  55  55  SER SER A . n 
A 1 77  THR 77  56  56  THR THR A . n 
A 1 78  PHE 78  57  57  PHE PHE A . n 
A 1 79  LYS 79  58  58  LYS LYS A . n 
A 1 80  ASN 80  59  59  ASN ASN A . n 
A 1 81  THR 81  60  60  THR THR A . n 
A 1 82  GLU 82  61  61  GLU GLU A . n 
A 1 83  ILE 83  62  62  ILE ILE A . n 
A 1 84  SER 84  63  63  SER SER A . n 
A 1 85  PHE 85  64  64  PHE PHE A . n 
A 1 86  ILE 86  65  65  ILE ILE A . n 
A 1 87  LEU 87  66  66  LEU LEU A . n 
A 1 88  GLY 88  67  67  GLY GLY A . n 
A 1 89  GLN 89  68  68  GLN GLN A . n 
A 1 90  GLU 90  69  69  GLU GLU A . n 
A 1 91  PHE 91  70  70  PHE PHE A . n 
A 1 92  ASP 92  71  71  ASP ASP A . n 
A 1 93  GLU 93  72  72  GLU GLU A . n 
A 1 94  VAL 94  73  73  VAL VAL A . n 
A 1 95  THR 95  74  74  THR THR A . n 
A 1 96  ALA 96  75  75  ALA ALA A . n 
A 1 97  ASP 97  76  76  ASP ASP A . n 
A 1 98  ASP 98  77  77  ASP ASP A . n 
A 1 99  ARG 99  78  78  ARG ARG A . n 
A 1 100 LYS 100 79  79  LYS LYS A . n 
A 1 101 VAL 101 80  80  VAL VAL A . n 
A 1 102 LYS 102 81  81  LYS LYS A . n 
A 1 103 SER 103 82  82  SER SER A . n 
A 1 104 THR 104 83  83  THR THR A . n 
A 1 105 ILE 105 84  84  ILE ILE A . n 
A 1 106 THR 106 85  85  THR THR A . n 
A 1 107 LEU 107 86  86  LEU LEU A . n 
A 1 108 ASP 108 87  87  ASP ASP A . n 
A 1 109 GLY 109 88  88  GLY GLY A . n 
A 1 110 GLY 110 89  89  GLY GLY A . n 
A 1 111 VAL 111 90  90  VAL VAL A . n 
A 1 112 LEU 112 91  91  LEU LEU A . n 
A 1 113 VAL 113 92  92  VAL VAL A . n 
A 1 114 HIS 114 93  93  HIS HIS A . n 
A 1 115 VAL 115 94  94  VAL VAL A . n 
A 1 116 GLN 116 95  95  GLN GLN A . n 
A 1 117 LYS 117 96  96  LYS LYS A . n 
A 1 118 TRP 118 97  97  TRP TRP A . n 
A 1 119 ASP 119 98  98  ASP ASP A . n 
A 1 120 GLY 120 99  99  GLY GLY A . n 
A 1 121 LYS 121 100 100 LYS LYS A . n 
A 1 122 SER 122 101 101 SER SER A . n 
A 1 123 THR 123 102 102 THR THR A . n 
A 1 124 THR 124 103 103 THR THR A . n 
A 1 125 ILE 125 104 104 ILE ILE A . n 
A 1 126 LYS 126 105 105 LYS LYS A . n 
A 1 127 ARG 127 106 106 ARG ARG A . n 
A 1 128 LYS 128 107 107 LYS LYS A . n 
A 1 129 ARG 129 108 108 ARG ARG A . n 
A 1 130 GLU 130 109 109 GLU GLU A . n 
A 1 131 ASP 131 110 110 ASP ASP A . n 
A 1 132 ASP 132 111 111 ASP ASP A . n 
A 1 133 LYS 133 112 112 LYS LYS A . n 
A 1 134 LEU 134 113 113 LEU LEU A . n 
A 1 135 VAL 135 114 114 VAL VAL A . n 
A 1 136 VAL 136 115 115 VAL VAL A . n 
A 1 137 GLU 137 116 116 GLU GLU A . n 
A 1 138 CYS 138 117 117 CYS CYS A . n 
A 1 139 VAL 139 118 118 VAL VAL A . n 
A 1 140 MET 140 119 119 MET MET A . n 
A 1 141 LYS 141 120 120 LYS LYS A . n 
A 1 142 GLY 142 121 121 GLY GLY A . n 
A 1 143 VAL 143 122 122 VAL VAL A . n 
A 1 144 THR 144 123 123 THR THR A . n 
A 1 145 SER 145 124 124 SER SER A . n 
A 1 146 THR 146 125 125 THR THR A . n 
A 1 147 ARG 147 126 126 ARG ARG A . n 
A 1 148 VAL 148 127 127 VAL VAL A . n 
A 1 149 TYR 149 128 128 TYR TYR A . n 
A 1 150 GLU 150 129 129 GLU GLU A . n 
A 1 151 ARG 151 130 130 ARG ARG A . n 
A 1 152 ALA 152 131 131 ALA ALA A . n 
# 
loop_
_pdbx_nonpoly_scheme.asym_id 
_pdbx_nonpoly_scheme.entity_id 
_pdbx_nonpoly_scheme.mon_id 
_pdbx_nonpoly_scheme.ndb_seq_num 
_pdbx_nonpoly_scheme.pdb_seq_num 
_pdbx_nonpoly_scheme.auth_seq_num 
_pdbx_nonpoly_scheme.pdb_mon_id 
_pdbx_nonpoly_scheme.auth_mon_id 
_pdbx_nonpoly_scheme.pdb_strand_id 
_pdbx_nonpoly_scheme.pdb_ins_code 
B 2 76D 1   201 1   76D DRG A . 
C 3 HOH 1   301 1   HOH HOH A . 
C 3 HOH 2   302 2   HOH HOH A . 
C 3 HOH 3   303 3   HOH HOH A . 
C 3 HOH 4   304 4   HOH HOH A . 
C 3 HOH 5   305 5   HOH HOH A . 
C 3 HOH 6   306 6   HOH HOH A . 
C 3 HOH 7   307 7   HOH HOH A . 
C 3 HOH 8   308 8   HOH HOH A . 
C 3 HOH 9   309 9   HOH HOH A . 
C 3 HOH 10  310 10  HOH HOH A . 
C 3 HOH 11  311 11  HOH HOH A . 
C 3 HOH 12  312 12  HOH HOH A . 
C 3 HOH 13  313 13  HOH HOH A . 
C 3 HOH 14  314 14  HOH HOH A . 
C 3 HOH 15  315 15  HOH HOH A . 
C 3 HOH 16  316 16  HOH HOH A . 
C 3 HOH 17  317 17  HOH HOH A . 
C 3 HOH 18  318 18  HOH HOH A . 
C 3 HOH 19  319 19  HOH HOH A . 
C 3 HOH 20  320 20  HOH HOH A . 
C 3 HOH 21  321 21  HOH HOH A . 
C 3 HOH 22  322 22  HOH HOH A . 
C 3 HOH 23  323 23  HOH HOH A . 
C 3 HOH 24  324 24  HOH HOH A . 
C 3 HOH 25  325 25  HOH HOH A . 
C 3 HOH 26  326 26  HOH HOH A . 
C 3 HOH 27  327 27  HOH HOH A . 
C 3 HOH 28  328 28  HOH HOH A . 
C 3 HOH 29  329 29  HOH HOH A . 
C 3 HOH 30  330 30  HOH HOH A . 
C 3 HOH 31  331 31  HOH HOH A . 
C 3 HOH 32  332 32  HOH HOH A . 
C 3 HOH 33  333 33  HOH HOH A . 
C 3 HOH 34  334 34  HOH HOH A . 
C 3 HOH 35  335 35  HOH HOH A . 
C 3 HOH 36  336 36  HOH HOH A . 
C 3 HOH 37  337 37  HOH HOH A . 
C 3 HOH 38  338 38  HOH HOH A . 
C 3 HOH 39  339 39  HOH HOH A . 
C 3 HOH 40  340 40  HOH HOH A . 
C 3 HOH 41  341 41  HOH HOH A . 
C 3 HOH 42  342 42  HOH HOH A . 
C 3 HOH 43  343 43  HOH HOH A . 
C 3 HOH 44  344 44  HOH HOH A . 
C 3 HOH 45  345 45  HOH HOH A . 
C 3 HOH 46  346 46  HOH HOH A . 
C 3 HOH 47  347 47  HOH HOH A . 
C 3 HOH 48  348 48  HOH HOH A . 
C 3 HOH 49  349 49  HOH HOH A . 
C 3 HOH 50  350 50  HOH HOH A . 
C 3 HOH 51  351 51  HOH HOH A . 
C 3 HOH 52  352 52  HOH HOH A . 
C 3 HOH 53  353 53  HOH HOH A . 
C 3 HOH 54  354 54  HOH HOH A . 
C 3 HOH 55  355 55  HOH HOH A . 
C 3 HOH 56  356 56  HOH HOH A . 
C 3 HOH 57  357 57  HOH HOH A . 
C 3 HOH 58  358 58  HOH HOH A . 
C 3 HOH 59  359 59  HOH HOH A . 
C 3 HOH 60  360 60  HOH HOH A . 
C 3 HOH 61  361 61  HOH HOH A . 
C 3 HOH 62  362 62  HOH HOH A . 
C 3 HOH 63  363 63  HOH HOH A . 
C 3 HOH 64  364 64  HOH HOH A . 
C 3 HOH 65  365 65  HOH HOH A . 
C 3 HOH 66  366 66  HOH HOH A . 
C 3 HOH 67  367 67  HOH HOH A . 
C 3 HOH 68  368 68  HOH HOH A . 
C 3 HOH 69  369 69  HOH HOH A . 
C 3 HOH 70  370 70  HOH HOH A . 
C 3 HOH 71  371 71  HOH HOH A . 
C 3 HOH 72  372 72  HOH HOH A . 
C 3 HOH 73  373 73  HOH HOH A . 
C 3 HOH 74  374 74  HOH HOH A . 
C 3 HOH 75  375 75  HOH HOH A . 
C 3 HOH 76  376 76  HOH HOH A . 
C 3 HOH 77  377 77  HOH HOH A . 
C 3 HOH 78  378 78  HOH HOH A . 
C 3 HOH 79  379 79  HOH HOH A . 
C 3 HOH 80  380 80  HOH HOH A . 
C 3 HOH 81  381 81  HOH HOH A . 
C 3 HOH 82  382 82  HOH HOH A . 
C 3 HOH 83  383 83  HOH HOH A . 
C 3 HOH 84  384 84  HOH HOH A . 
C 3 HOH 85  385 85  HOH HOH A . 
C 3 HOH 86  386 86  HOH HOH A . 
C 3 HOH 87  387 87  HOH HOH A . 
C 3 HOH 88  388 88  HOH HOH A . 
C 3 HOH 89  389 89  HOH HOH A . 
C 3 HOH 90  390 90  HOH HOH A . 
C 3 HOH 91  391 91  HOH HOH A . 
C 3 HOH 92  392 92  HOH HOH A . 
C 3 HOH 93  393 93  HOH HOH A . 
C 3 HOH 94  394 94  HOH HOH A . 
C 3 HOH 95  395 95  HOH HOH A . 
C 3 HOH 96  396 96  HOH HOH A . 
C 3 HOH 97  397 97  HOH HOH A . 
C 3 HOH 98  398 98  HOH HOH A . 
C 3 HOH 99  399 99  HOH HOH A . 
C 3 HOH 100 400 100 HOH HOH A . 
C 3 HOH 101 401 101 HOH HOH A . 
C 3 HOH 102 402 102 HOH HOH A . 
C 3 HOH 103 403 103 HOH HOH A . 
C 3 HOH 104 404 104 HOH HOH A . 
C 3 HOH 105 405 105 HOH HOH A . 
C 3 HOH 106 406 106 HOH HOH A . 
C 3 HOH 107 407 107 HOH HOH A . 
C 3 HOH 108 408 108 HOH HOH A . 
C 3 HOH 109 409 109 HOH HOH A . 
C 3 HOH 110 410 110 HOH HOH A . 
C 3 HOH 111 411 111 HOH HOH A . 
C 3 HOH 112 412 112 HOH HOH A . 
C 3 HOH 113 413 116 HOH HOH A . 
C 3 HOH 114 414 117 HOH HOH A . 
C 3 HOH 115 415 118 HOH HOH A . 
C 3 HOH 116 416 119 HOH HOH A . 
C 3 HOH 117 417 120 HOH HOH A . 
C 3 HOH 118 418 121 HOH HOH A . 
C 3 HOH 119 419 122 HOH HOH A . 
C 3 HOH 120 420 123 HOH HOH A . 
C 3 HOH 121 421 124 HOH HOH A . 
C 3 HOH 122 422 125 HOH HOH A . 
C 3 HOH 123 423 126 HOH HOH A . 
C 3 HOH 124 424 127 HOH HOH A . 
# 
loop_
_pdbx_unobs_or_zero_occ_atoms.id 
_pdbx_unobs_or_zero_occ_atoms.PDB_model_num 
_pdbx_unobs_or_zero_occ_atoms.polymer_flag 
_pdbx_unobs_or_zero_occ_atoms.occupancy_flag 
_pdbx_unobs_or_zero_occ_atoms.auth_asym_id 
_pdbx_unobs_or_zero_occ_atoms.auth_comp_id 
_pdbx_unobs_or_zero_occ_atoms.auth_seq_id 
_pdbx_unobs_or_zero_occ_atoms.PDB_ins_code 
_pdbx_unobs_or_zero_occ_atoms.auth_atom_id 
_pdbx_unobs_or_zero_occ_atoms.label_alt_id 
_pdbx_unobs_or_zero_occ_atoms.label_asym_id 
_pdbx_unobs_or_zero_occ_atoms.label_comp_id 
_pdbx_unobs_or_zero_occ_atoms.label_seq_id 
_pdbx_unobs_or_zero_occ_atoms.label_atom_id 
1 1 Y 1 A GLU 14 ? CD  ? A GLU 35 CD  
2 1 Y 1 A GLU 14 ? OE1 ? A GLU 35 OE1 
3 1 Y 1 A GLU 14 ? OE2 ? A GLU 35 OE2 
4 1 Y 1 A LYS 37 ? CE  ? A LYS 58 CE  
5 1 Y 1 A LYS 37 ? NZ  ? A LYS 58 NZ  
# 
loop_
_software.pdbx_ordinal 
_software.name 
_software.version 
_software.date 
_software.type 
_software.contact_author 
_software.contact_author_email 
_software.classification 
_software.location 
_software.language 
_software.citation_id 
1 XSCALE      .          ?                          package 'Wolfgang Kabsch' ?                           'data scaling'    
http://www.mpimf-heidelberg.mpg.de/~kabsch/xds/html_doc/xscale_program.html ?   ? 
2 PHASER      2.1.4      'Wed Jun 24 14:00:05 2009' program 'Randy J. Read'   cimr-phaser@lists.cam.ac.uk phasing           
http://www-structmed.cimr.cam.ac.uk/phaser/                                 ?   ? 
3 PHENIX      1.8.2_1309 ?                          package 'Paul D. Adams'   PDAdams@lbl.gov             refinement        
http://www.phenix-online.org/                                               C++ ? 
4 PDB_EXTRACT 3.11       'April 22, 2011'           package PDB               deposit@deposit.rcsb.org    'data extraction' 
http://sw-tools.pdb.org/apps/PDB_EXTRACT/                                   C++ ? 
5 Blu-Ice     .          ?                          ?       ?                 ?                           'data collection' ? ?   
? 
6 XDS         .          ?                          ?       ?                 ?                           'data reduction'  ? ?   
? 
# 
_cell.length_a           32.490 
_cell.length_b           53.870 
_cell.length_c           75.440 
_cell.angle_alpha        90.000 
_cell.angle_beta         90.000 
_cell.angle_gamma        90.000 
_cell.entry_id           4NNT 
_cell.pdbx_unique_axis   ? 
_cell.Z_PDB              4 
_cell.length_a_esd       ? 
_cell.length_b_esd       ? 
_cell.length_c_esd       ? 
_cell.angle_alpha_esd    ? 
_cell.angle_beta_esd     ? 
_cell.angle_gamma_esd    ? 
# 
_symmetry.space_group_name_H-M             'P 21 21 21' 
_symmetry.entry_id                         4NNT 
_symmetry.Int_Tables_number                19 
_symmetry.pdbx_full_space_group_name_H-M   ? 
_symmetry.cell_setting                     ? 
_symmetry.space_group_name_Hall            ? 
# 
_exptl.crystals_number   1 
_exptl.entry_id          4NNT 
_exptl.method            'X-RAY DIFFRACTION' 
# 
_exptl_crystal.id                    1 
_exptl_crystal.pdbx_mosaicity        ? 
_exptl_crystal.pdbx_mosaicity_esd    ? 
_exptl_crystal.density_Matthews      1.95 
_exptl_crystal.density_diffrn        ? 
_exptl_crystal.density_meas          ? 
_exptl_crystal.density_meas_temp     ? 
_exptl_crystal.density_percent_sol   36.98 
_exptl_crystal.size_max              ? 
_exptl_crystal.size_mid              ? 
_exptl_crystal.size_min              ? 
_exptl_crystal.size_rad              ? 
_exptl_crystal.description           ? 
_exptl_crystal.F_000                 ? 
_exptl_crystal.preparation           ? 
# 
_exptl_crystal_grow.crystal_id      1 
_exptl_crystal_grow.method          'VAPOR DIFFUSION, HANGING DROP' 
_exptl_crystal_grow.pH              6.5 
_exptl_crystal_grow.temp            293 
_exptl_crystal_grow.pdbx_details    '1.6M Na-citrate, pH 6.5, VAPOR DIFFUSION, HANGING DROP, temperature 293K' 
_exptl_crystal_grow.temp_details    ? 
_exptl_crystal_grow.pdbx_pH_range   . 
# 
_diffrn.id                     1 
_diffrn.ambient_temp           100 
_diffrn.ambient_temp_details   ? 
_diffrn.crystal_id             1 
# 
_diffrn_detector.diffrn_id              1 
_diffrn_detector.detector               CCD 
_diffrn_detector.type                   'ADSC QUANTUM 315r' 
_diffrn_detector.pdbx_collection_date   2012-06-30 
_diffrn_detector.details                ? 
# 
_diffrn_radiation.diffrn_id                        1 
_diffrn_radiation.pdbx_diffrn_protocol             'SINGLE WAVELENGTH' 
_diffrn_radiation.monochromator                    ? 
_diffrn_radiation.wavelength_id                    1 
_diffrn_radiation.pdbx_monochromatic_or_laue_m_l   M 
_diffrn_radiation.pdbx_scattering_type             x-ray 
# 
_diffrn_radiation_wavelength.id           1 
_diffrn_radiation_wavelength.wavelength   0.9791 
_diffrn_radiation_wavelength.wt           1.0 
# 
_diffrn_source.diffrn_id                   1 
_diffrn_source.source                      SYNCHROTRON 
_diffrn_source.type                        'SSRF BEAMLINE BL17U' 
_diffrn_source.pdbx_wavelength_list        0.9791 
_diffrn_source.pdbx_wavelength             ? 
_diffrn_source.pdbx_synchrotron_site       SSRF 
_diffrn_source.pdbx_synchrotron_beamline   BL17U 
# 
_reflns.entry_id                     4NNT 
_reflns.observed_criterion_sigma_F   ? 
_reflns.observed_criterion_sigma_I   ? 
_reflns.d_resolution_high            1.53 
_reflns.d_resolution_low             29.84 
_reflns.number_all                   20579 
_reflns.number_obs                   20653 
_reflns.percent_possible_obs         ? 
_reflns.pdbx_Rmerge_I_obs            ? 
_reflns.pdbx_Rsym_value              ? 
_reflns.pdbx_netI_over_sigmaI        ? 
_reflns.B_iso_Wilson_estimate        11.920 
_reflns.pdbx_redundancy              ? 
_reflns.R_free_details               ? 
_reflns.limit_h_max                  ? 
_reflns.limit_h_min                  ? 
_reflns.limit_k_max                  ? 
_reflns.limit_k_min                  ? 
_reflns.limit_l_max                  ? 
_reflns.limit_l_min                  ? 
_reflns.observed_criterion_F_max     ? 
_reflns.observed_criterion_F_min     ? 
_reflns.pdbx_chi_squared             ? 
_reflns.pdbx_scaling_rejects         ? 
_reflns.pdbx_ordinal                 1 
_reflns.pdbx_diffrn_id               1 
# 
loop_
_reflns_shell.d_res_high 
_reflns_shell.d_res_low 
_reflns_shell.percent_possible_obs 
_reflns_shell.percent_possible_all 
_reflns_shell.Rmerge_I_obs 
_reflns_shell.meanI_over_sigI_obs 
_reflns_shell.pdbx_Rsym_value 
_reflns_shell.pdbx_redundancy 
_reflns_shell.number_unique_all 
_reflns_shell.number_measured_all 
_reflns_shell.number_measured_obs 
_reflns_shell.number_unique_obs 
_reflns_shell.pdbx_chi_squared 
_reflns_shell.pdbx_rejects 
_reflns_shell.pdbx_netI_over_sigmaI_obs 
_reflns_shell.number_possible 
_reflns_shell.Rmerge_F_all 
_reflns_shell.Rmerge_F_obs 
_reflns_shell.Rmerge_I_all 
_reflns_shell.meanI_over_sigI_all 
_reflns_shell.pdbx_Rrim_I_all 
_reflns_shell.pdbx_Rpim_I_all 
_reflns_shell.pdbx_ordinal 
_reflns_shell.pdbx_diffrn_id 
1.53 1.57 100.0 ? 0.467 ? ? ? ? ? ? ? ? ? ? ? ? ? ? ? ? ? 1 1 
1.57 1.61 100.0 ? 0.467 ? ? ? ? ? ? ? ? ? ? ? ? ? ? ? ? ? 2 1 
1.61 1.66 100.0 ? 0.497 ? ? ? ? ? ? ? ? ? ? ? ? ? ? ? ? ? 3 1 
1.66 1.71 100.0 ? 0.471 ? ? ? ? ? ? ? ? ? ? ? ? ? ? ? ? ? 4 1 
1.71 1.77 99.90 ? 0.373 ? ? ? ? ? ? ? ? ? ? ? ? ? ? ? ? ? 5 1 
1.77 1.83 100.0 ? 0.292 ? ? ? ? ? ? ? ? ? ? ? ? ? ? ? ? ? 6 1 
# 
_refine.entry_id                                 4NNT 
_refine.ls_d_res_high                            1.5300 
_refine.ls_d_res_low                             29.8400 
_refine.pdbx_ls_sigma_F                          2.000 
_refine.pdbx_data_cutoff_high_absF               ? 
_refine.pdbx_data_cutoff_low_absF                ? 
_refine.ls_percent_reflns_obs                    99.6000 
_refine.ls_number_reflns_obs                     20574 
_refine.ls_number_reflns_all                     ? 
_refine.pdbx_ls_cross_valid_method               ? 
_refine.pdbx_R_Free_selection_details            ? 
_refine.details                                  ? 
_refine.ls_R_factor_all                          ? 
_refine.ls_R_factor_obs                          0.1927 
_refine.ls_R_factor_R_work                       0.1920 
_refine.ls_wR_factor_R_work                      ? 
_refine.ls_R_factor_R_free                       0.2149 
_refine.ls_wR_factor_R_free                      ? 
_refine.ls_percent_reflns_R_free                 3.0000 
_refine.ls_number_reflns_R_free                  618 
_refine.ls_R_factor_R_free_error                 ? 
_refine.B_iso_mean                               16.3318 
_refine.solvent_model_param_bsol                 ? 
_refine.solvent_model_param_ksol                 ? 
_refine.pdbx_isotropic_thermal_model             ? 
_refine.aniso_B[1][1]                            ? 
_refine.aniso_B[2][2]                            ? 
_refine.aniso_B[3][3]                            ? 
_refine.aniso_B[1][2]                            ? 
_refine.aniso_B[1][3]                            ? 
_refine.aniso_B[2][3]                            ? 
_refine.correlation_coeff_Fo_to_Fc               ? 
_refine.correlation_coeff_Fo_to_Fc_free          ? 
_refine.overall_SU_R_Cruickshank_DPI             ? 
_refine.overall_SU_R_free                        ? 
_refine.pdbx_overall_ESU_R                       ? 
_refine.pdbx_overall_ESU_R_Free                  ? 
_refine.overall_SU_ML                            0.1100 
_refine.overall_SU_B                             ? 
_refine.solvent_model_details                    'FLAT BULK SOLVENT MODEL' 
_refine.pdbx_solvent_vdw_probe_radii             1.1100 
_refine.pdbx_solvent_ion_probe_radii             ? 
_refine.pdbx_solvent_shrinkage_radii             0.9000 
_refine.ls_number_parameters                     ? 
_refine.ls_number_restraints                     ? 
_refine.pdbx_starting_model                      ? 
_refine.pdbx_method_to_determine_struct          'MOLECULAR REPLACEMENT' 
_refine.pdbx_stereochemistry_target_values       ML 
_refine.pdbx_stereochem_target_val_spec_case     ? 
_refine.overall_FOM_work_R_set                   0.8374 
_refine.B_iso_max                                44.700 
_refine.B_iso_min                                7.300 
_refine.pdbx_overall_phase_error                 22.4900 
_refine.occupancy_max                            1.000 
_refine.occupancy_min                            1.000 
_refine.pdbx_ls_sigma_I                          ? 
_refine.ls_redundancy_reflns_obs                 ? 
_refine.ls_R_factor_R_free_error_details         ? 
_refine.pdbx_data_cutoff_high_rms_absF           ? 
_refine.overall_FOM_free_R_set                   ? 
_refine.pdbx_diffrn_id                           1 
_refine.pdbx_refine_id                           'X-RAY DIFFRACTION' 
_refine.pdbx_TLS_residual_ADP_flag               ? 
_refine.pdbx_overall_SU_R_free_Cruickshank_DPI   ? 
_refine.pdbx_overall_SU_R_Blow_DPI               ? 
_refine.pdbx_overall_SU_R_free_Blow_DPI          ? 
# 
_refine_hist.pdbx_refine_id                   'X-RAY DIFFRACTION' 
_refine_hist.cycle_id                         LAST 
_refine_hist.pdbx_number_atoms_protein        1040 
_refine_hist.pdbx_number_atoms_nucleic_acid   0 
_refine_hist.pdbx_number_atoms_ligand         18 
_refine_hist.number_atoms_solvent             124 
_refine_hist.number_atoms_total               1182 
_refine_hist.d_res_high                       1.5300 
_refine_hist.d_res_low                        29.8400 
# 
loop_
_refine_ls_restr.pdbx_refine_id 
_refine_ls_restr.type 
_refine_ls_restr.number 
_refine_ls_restr.dev_ideal 
_refine_ls_restr.dev_ideal_target 
_refine_ls_restr.weight 
_refine_ls_restr.pdbx_restraint_function 
'X-RAY DIFFRACTION' f_bond_d           1072 0.006  ? ? ? 
'X-RAY DIFFRACTION' f_angle_d          1443 1.089  ? ? ? 
'X-RAY DIFFRACTION' f_chiral_restr     166  0.072  ? ? ? 
'X-RAY DIFFRACTION' f_plane_restr      179  0.004  ? ? ? 
'X-RAY DIFFRACTION' f_dihedral_angle_d 405  11.756 ? ? ? 
# 
loop_
_refine_ls_shell.d_res_high 
_refine_ls_shell.d_res_low 
_refine_ls_shell.pdbx_total_number_of_bins_used 
_refine_ls_shell.percent_reflns_obs 
_refine_ls_shell.number_reflns_R_work 
_refine_ls_shell.R_factor_all 
_refine_ls_shell.R_factor_R_work 
_refine_ls_shell.R_factor_R_free 
_refine_ls_shell.percent_reflns_R_free 
_refine_ls_shell.number_reflns_R_free 
_refine_ls_shell.R_factor_R_free_error 
_refine_ls_shell.number_reflns_all 
_refine_ls_shell.number_reflns_obs 
_refine_ls_shell.pdbx_refine_id 
_refine_ls_shell.redundancy_reflns_obs 
1.5300 1.6840  4 100.0000 4903 . 0.2077 0.2302 . 152 . 5055 . 'X-RAY DIFFRACTION' . 
1.6840 1.9277  4 100.0000 4950 . 0.1908 0.2427 . 153 . 5103 . 'X-RAY DIFFRACTION' . 
1.9277 2.4285  4 100.0000 4979 . 0.1879 0.2124 . 154 . 5133 . 'X-RAY DIFFRACTION' . 
2.4285 29.8459 4 99.0000  5124 . 0.1913 0.2045 . 159 . 5283 . 'X-RAY DIFFRACTION' . 
# 
_struct.entry_id                  4NNT 
_struct.title                     'Crystal structure of FABP4 in complex with novel inhibitor' 
_struct.pdbx_model_details        ? 
_struct.pdbx_CASP_flag            ? 
_struct.pdbx_model_type_details   ? 
# 
_struct_keywords.entry_id        4NNT 
_struct_keywords.text            'FABP4 inhibitor, LIPID BINDING PROTEIN-INHIBITOR complex' 
_struct_keywords.pdbx_keywords   'LIPID BINDING PROTEIN/INHIBITOR' 
# 
loop_
_struct_asym.id 
_struct_asym.pdbx_blank_PDB_chainid_flag 
_struct_asym.pdbx_modified 
_struct_asym.entity_id 
_struct_asym.details 
A N N 1 ? 
B N N 2 ? 
C N N 3 ? 
# 
_struct_ref.id                         1 
_struct_ref.db_name                    UNP 
_struct_ref.db_code                    FABP4_HUMAN 
_struct_ref.pdbx_db_accession          P15090 
_struct_ref.entity_id                  1 
_struct_ref.pdbx_seq_one_letter_code   
;MCDAFVGTWKLVSSENFDDYMKEVGVGFATRKVAGMAKPNMIISVNGDVITIKSESTFKNTEISFILGQEFDEVTADDRK
VKSTITLDGGVLVHVQKWDGKSTTIKRKREDDKLVVECVMKGVTSTRVYERA
;
_struct_ref.pdbx_align_begin           1 
_struct_ref.pdbx_db_isoform            ? 
# 
_struct_ref_seq.align_id                      1 
_struct_ref_seq.ref_id                        1 
_struct_ref_seq.pdbx_PDB_id_code              4NNT 
_struct_ref_seq.pdbx_strand_id                A 
_struct_ref_seq.seq_align_beg                 21 
_struct_ref_seq.pdbx_seq_align_beg_ins_code   ? 
_struct_ref_seq.seq_align_end                 152 
_struct_ref_seq.pdbx_seq_align_end_ins_code   ? 
_struct_ref_seq.pdbx_db_accession             P15090 
_struct_ref_seq.db_align_beg                  1 
_struct_ref_seq.pdbx_db_align_beg_ins_code    ? 
_struct_ref_seq.db_align_end                  132 
_struct_ref_seq.pdbx_db_align_end_ins_code    ? 
_struct_ref_seq.pdbx_auth_seq_align_beg       0 
_struct_ref_seq.pdbx_auth_seq_align_end       131 
# 
loop_
_struct_ref_seq_dif.align_id 
_struct_ref_seq_dif.pdbx_pdb_id_code 
_struct_ref_seq_dif.mon_id 
_struct_ref_seq_dif.pdbx_pdb_strand_id 
_struct_ref_seq_dif.seq_num 
_struct_ref_seq_dif.pdbx_pdb_ins_code 
_struct_ref_seq_dif.pdbx_seq_db_name 
_struct_ref_seq_dif.pdbx_seq_db_accession_code 
_struct_ref_seq_dif.db_mon_id 
_struct_ref_seq_dif.pdbx_seq_db_seq_num 
_struct_ref_seq_dif.details 
_struct_ref_seq_dif.pdbx_auth_seq_num 
_struct_ref_seq_dif.pdbx_ordinal 
1 4NNT MET A 1  ? UNP P15090 ? ? 'expression tag' -20 1  
1 4NNT GLY A 2  ? UNP P15090 ? ? 'expression tag' -19 2  
1 4NNT SER A 3  ? UNP P15090 ? ? 'expression tag' -18 3  
1 4NNT SER A 4  ? UNP P15090 ? ? 'expression tag' -17 4  
1 4NNT HIS A 5  ? UNP P15090 ? ? 'expression tag' -16 5  
1 4NNT HIS A 6  ? UNP P15090 ? ? 'expression tag' -15 6  
1 4NNT HIS A 7  ? UNP P15090 ? ? 'expression tag' -14 7  
1 4NNT HIS A 8  ? UNP P15090 ? ? 'expression tag' -13 8  
1 4NNT HIS A 9  ? UNP P15090 ? ? 'expression tag' -12 9  
1 4NNT HIS A 10 ? UNP P15090 ? ? 'expression tag' -11 10 
1 4NNT SER A 11 ? UNP P15090 ? ? 'expression tag' -10 11 
1 4NNT SER A 12 ? UNP P15090 ? ? 'expression tag' -9  12 
1 4NNT GLY A 13 ? UNP P15090 ? ? 'expression tag' -8  13 
1 4NNT LEU A 14 ? UNP P15090 ? ? 'expression tag' -7  14 
1 4NNT VAL A 15 ? UNP P15090 ? ? 'expression tag' -6  15 
1 4NNT PRO A 16 ? UNP P15090 ? ? 'expression tag' -5  16 
1 4NNT ARG A 17 ? UNP P15090 ? ? 'expression tag' -4  17 
1 4NNT GLY A 18 ? UNP P15090 ? ? 'expression tag' -3  18 
1 4NNT SER A 19 ? UNP P15090 ? ? 'expression tag' -2  19 
1 4NNT HIS A 20 ? UNP P15090 ? ? 'expression tag' -1  20 
# 
_pdbx_struct_assembly.id                   1 
_pdbx_struct_assembly.details              author_and_software_defined_assembly 
_pdbx_struct_assembly.method_details       PISA 
_pdbx_struct_assembly.oligomeric_details   monomeric 
_pdbx_struct_assembly.oligomeric_count     1 
# 
_pdbx_struct_assembly_gen.assembly_id       1 
_pdbx_struct_assembly_gen.oper_expression   1 
_pdbx_struct_assembly_gen.asym_id_list      A,B,C 
# 
_pdbx_struct_oper_list.id                   1 
_pdbx_struct_oper_list.type                 'identity operation' 
_pdbx_struct_oper_list.name                 1_555 
_pdbx_struct_oper_list.symmetry_operation   x,y,z 
_pdbx_struct_oper_list.matrix[1][1]         1.0000000000 
_pdbx_struct_oper_list.matrix[1][2]         0.0000000000 
_pdbx_struct_oper_list.matrix[1][3]         0.0000000000 
_pdbx_struct_oper_list.vector[1]            0.0000000000 
_pdbx_struct_oper_list.matrix[2][1]         0.0000000000 
_pdbx_struct_oper_list.matrix[2][2]         1.0000000000 
_pdbx_struct_oper_list.matrix[2][3]         0.0000000000 
_pdbx_struct_oper_list.vector[2]            0.0000000000 
_pdbx_struct_oper_list.matrix[3][1]         0.0000000000 
_pdbx_struct_oper_list.matrix[3][2]         0.0000000000 
_pdbx_struct_oper_list.matrix[3][3]         1.0000000000 
_pdbx_struct_oper_list.vector[3]            0.0000000000 
# 
_struct_biol.id        1 
_struct_biol.details   ? 
# 
loop_
_struct_conf.conf_type_id 
_struct_conf.id 
_struct_conf.pdbx_PDB_helix_id 
_struct_conf.beg_label_comp_id 
_struct_conf.beg_label_asym_id 
_struct_conf.beg_label_seq_id 
_struct_conf.pdbx_beg_PDB_ins_code 
_struct_conf.end_label_comp_id 
_struct_conf.end_label_asym_id 
_struct_conf.end_label_seq_id 
_struct_conf.pdbx_end_PDB_ins_code 
_struct_conf.beg_auth_comp_id 
_struct_conf.beg_auth_asym_id 
_struct_conf.beg_auth_seq_id 
_struct_conf.end_auth_comp_id 
_struct_conf.end_auth_asym_id 
_struct_conf.end_auth_seq_id 
_struct_conf.pdbx_PDB_helix_class 
_struct_conf.details 
_struct_conf.pdbx_PDB_helix_length 
HELX_P HELX_P1 1 HIS A 20 ? VAL A 26 ? HIS A -1 VAL A 5  5 ? 7  
HELX_P HELX_P2 2 ASN A 36 ? GLY A 45 ? ASN A 15 GLY A 24 1 ? 10 
HELX_P HELX_P3 3 GLY A 47 ? ALA A 57 ? GLY A 26 ALA A 36 1 ? 11 
# 
_struct_conf_type.id          HELX_P 
_struct_conf_type.criteria    ? 
_struct_conf_type.reference   ? 
# 
_struct_sheet.id               A 
_struct_sheet.type             ? 
_struct_sheet.number_strands   10 
_struct_sheet.details          ? 
# 
loop_
_struct_sheet_order.sheet_id 
_struct_sheet_order.range_id_1 
_struct_sheet_order.range_id_2 
_struct_sheet_order.offset 
_struct_sheet_order.sense 
A 1 2  ? anti-parallel 
A 2 3  ? anti-parallel 
A 3 4  ? anti-parallel 
A 4 5  ? anti-parallel 
A 5 6  ? anti-parallel 
A 6 7  ? anti-parallel 
A 7 8  ? anti-parallel 
A 8 9  ? anti-parallel 
A 9 10 ? anti-parallel 
# 
loop_
_struct_sheet_range.sheet_id 
_struct_sheet_range.id 
_struct_sheet_range.beg_label_comp_id 
_struct_sheet_range.beg_label_asym_id 
_struct_sheet_range.beg_label_seq_id 
_struct_sheet_range.pdbx_beg_PDB_ins_code 
_struct_sheet_range.end_label_comp_id 
_struct_sheet_range.end_label_asym_id 
_struct_sheet_range.end_label_seq_id 
_struct_sheet_range.pdbx_end_PDB_ins_code 
_struct_sheet_range.beg_auth_comp_id 
_struct_sheet_range.beg_auth_asym_id 
_struct_sheet_range.beg_auth_seq_id 
_struct_sheet_range.end_auth_comp_id 
_struct_sheet_range.end_auth_asym_id 
_struct_sheet_range.end_auth_seq_id 
A 1  ASN A 80  ? ILE A 86  ? ASN A 59  ILE A 65  
A 2  VAL A 69  ? GLU A 75  ? VAL A 48  GLU A 54  
A 3  ASN A 60  ? ASN A 66  ? ASN A 39  ASN A 45  
A 4  GLY A 27  ? GLU A 35  ? GLY A 6   GLU A 14  
A 5  VAL A 143 ? ARG A 151 ? VAL A 122 ARG A 130 
A 6  LYS A 133 ? MET A 140 ? LYS A 112 MET A 119 
A 7  LYS A 121 ? GLU A 130 ? LYS A 100 GLU A 109 
A 8  VAL A 111 ? TRP A 118 ? VAL A 90  TRP A 97  
A 9  LYS A 100 ? ASP A 108 ? LYS A 79  ASP A 87  
A 10 PHE A 91  ? VAL A 94  ? PHE A 70  VAL A 73  
# 
loop_
_pdbx_struct_sheet_hbond.sheet_id 
_pdbx_struct_sheet_hbond.range_id_1 
_pdbx_struct_sheet_hbond.range_id_2 
_pdbx_struct_sheet_hbond.range_1_label_atom_id 
_pdbx_struct_sheet_hbond.range_1_label_comp_id 
_pdbx_struct_sheet_hbond.range_1_label_asym_id 
_pdbx_struct_sheet_hbond.range_1_label_seq_id 
_pdbx_struct_sheet_hbond.range_1_PDB_ins_code 
_pdbx_struct_sheet_hbond.range_1_auth_atom_id 
_pdbx_struct_sheet_hbond.range_1_auth_comp_id 
_pdbx_struct_sheet_hbond.range_1_auth_asym_id 
_pdbx_struct_sheet_hbond.range_1_auth_seq_id 
_pdbx_struct_sheet_hbond.range_2_label_atom_id 
_pdbx_struct_sheet_hbond.range_2_label_comp_id 
_pdbx_struct_sheet_hbond.range_2_label_asym_id 
_pdbx_struct_sheet_hbond.range_2_label_seq_id 
_pdbx_struct_sheet_hbond.range_2_PDB_ins_code 
_pdbx_struct_sheet_hbond.range_2_auth_atom_id 
_pdbx_struct_sheet_hbond.range_2_auth_comp_id 
_pdbx_struct_sheet_hbond.range_2_auth_asym_id 
_pdbx_struct_sheet_hbond.range_2_auth_seq_id 
A 1 2  O PHE A 85  ? O PHE A 64  N ILE A 70  ? N ILE A 49  
A 2 3  O LYS A 73  ? O LYS A 52  N ILE A 62  ? N ILE A 41  
A 3 4  O MET A 61  ? O MET A 40  N TRP A 29  ? N TRP A 8   
A 4 5  N VAL A 32  ? N VAL A 11  O VAL A 148 ? O VAL A 127 
A 5 6  O ARG A 147 ? O ARG A 126 N VAL A 136 ? N VAL A 115 
A 6 7  O VAL A 135 ? O VAL A 114 N LYS A 128 ? N LYS A 107 
A 7 8  O LYS A 121 ? O LYS A 100 N TRP A 118 ? N TRP A 97  
A 8 9  O VAL A 113 ? O VAL A 92  N THR A 106 ? N THR A 85  
A 9 10 O SER A 103 ? O SER A 82  N PHE A 91  ? N PHE A 70  
# 
_struct_site.id                   AC1 
_struct_site.pdbx_evidence_code   Software 
_struct_site.pdbx_auth_asym_id    A 
_struct_site.pdbx_auth_comp_id    76D 
_struct_site.pdbx_auth_seq_id     201 
_struct_site.pdbx_auth_ins_code   ? 
_struct_site.pdbx_num_residues    10 
_struct_site.details              'BINDING SITE FOR RESIDUE 76D A 201' 
# 
loop_
_struct_site_gen.id 
_struct_site_gen.site_id 
_struct_site_gen.pdbx_num_res 
_struct_site_gen.label_comp_id 
_struct_site_gen.label_asym_id 
_struct_site_gen.label_seq_id 
_struct_site_gen.pdbx_auth_ins_code 
_struct_site_gen.auth_comp_id 
_struct_site_gen.auth_asym_id 
_struct_site_gen.auth_seq_id 
_struct_site_gen.label_atom_id 
_struct_site_gen.label_alt_id 
_struct_site_gen.symmetry 
_struct_site_gen.details 
1  AC1 10 MET A 41  ? MET A 20  . ? 1_555 ? 
2  AC1 10 ALA A 54  ? ALA A 33  . ? 1_555 ? 
3  AC1 10 SER A 74  ? SER A 53  . ? 1_555 ? 
4  AC1 10 ALA A 96  ? ALA A 75  . ? 1_555 ? 
5  AC1 10 CYS A 138 ? CYS A 117 . ? 1_555 ? 
6  AC1 10 ARG A 147 ? ARG A 126 . ? 1_555 ? 
7  AC1 10 TYR A 149 ? TYR A 128 . ? 1_555 ? 
8  AC1 10 HOH C .   ? HOH A 316 . ? 1_555 ? 
9  AC1 10 HOH C .   ? HOH A 326 . ? 1_555 ? 
10 AC1 10 HOH C .   ? HOH A 332 . ? 1_555 ? 
# 
loop_
_pdbx_validate_torsion.id 
_pdbx_validate_torsion.PDB_model_num 
_pdbx_validate_torsion.auth_comp_id 
_pdbx_validate_torsion.auth_asym_id 
_pdbx_validate_torsion.auth_seq_id 
_pdbx_validate_torsion.PDB_ins_code 
_pdbx_validate_torsion.label_alt_id 
_pdbx_validate_torsion.phi 
_pdbx_validate_torsion.psi 
1 1 ASP A 110 ? ? 49.00 -127.21 
2 1 LYS A 120 ? ? 53.32 -114.93 
# 
_diffrn_reflns.diffrn_id                   1 
_diffrn_reflns.pdbx_d_res_high             1.530 
_diffrn_reflns.pdbx_d_res_low              ? 
_diffrn_reflns.pdbx_number_obs             20579 
_diffrn_reflns.pdbx_Rmerge_I_obs           0.093 
_diffrn_reflns.pdbx_Rsym_value             ? 
_diffrn_reflns.pdbx_chi_squared            ? 
_diffrn_reflns.av_sigmaI_over_netI         ? 
_diffrn_reflns.pdbx_redundancy             ? 
_diffrn_reflns.pdbx_percent_possible_obs   99.60 
_diffrn_reflns.number                      144671 
_diffrn_reflns.pdbx_observed_criterion     ? 
_diffrn_reflns.limit_h_max                 ? 
_diffrn_reflns.limit_h_min                 ? 
_diffrn_reflns.limit_k_max                 ? 
_diffrn_reflns.limit_k_min                 ? 
_diffrn_reflns.limit_l_max                 ? 
_diffrn_reflns.limit_l_min                 ? 
# 
loop_
_pdbx_diffrn_reflns_shell.diffrn_id 
_pdbx_diffrn_reflns_shell.d_res_high 
_pdbx_diffrn_reflns_shell.d_res_low 
_pdbx_diffrn_reflns_shell.number_obs 
_pdbx_diffrn_reflns_shell.rejects 
_pdbx_diffrn_reflns_shell.Rmerge_I_obs 
_pdbx_diffrn_reflns_shell.Rsym_value 
_pdbx_diffrn_reflns_shell.chi_squared 
_pdbx_diffrn_reflns_shell.redundancy 
_pdbx_diffrn_reflns_shell.percent_possible_obs 
1 1.53 1.57  1482 ? 0.467 ? ? ? 100.00 
1 1.57 1.61  1487 ? 0.467 ? ? ? 100.00 
1 1.61 1.66  1407 ? 0.497 ? ? ? 100.00 
1 1.66 1.71  1396 ? 0.471 ? ? ? 100.00 
1 1.71 1.77  1307 ? 0.373 ? ? ? 99.90  
1 1.77 1.83  1320 ? 0.292 ? ? ? 100.00 
1 1.83 1.90  1252 ? 0.233 ? ? ? 100.00 
1 1.90 1.98  1216 ? 0.159 ? ? ? 100.00 
1 1.98 2.06  1173 ? 0.134 ? ? ? 100.00 
1 2.06 2.16  1131 ? 0.120 ? ? ? 99.90  
1 2.16 2.28  1056 ? 0.092 ? ? ? 100.00 
1 2.28 2.42  1006 ? 0.085 ? ? ? 100.00 
1 2.42 2.59  946  ? 0.074 ? ? ? 99.90  
1 2.59 2.79  898  ? 0.060 ? ? ? 100.00 
1 2.79 3.06  821  ? 0.051 ? ? ? 100.00 
1 3.06 3.42  762  ? 0.042 ? ? ? 99.70  
1 3.42 3.95  660  ? 0.037 ? ? ? 98.70  
1 3.95 4.84  565  ? 0.037 ? ? ? 96.60  
1 4.84 6.84  445  ? 0.036 ? ? ? 97.40  
1 6.84 29.84 249  ? 0.041 ? ? ? 89.60  
# 
_pdbx_phasing_MR.entry_id                     4NNT 
_pdbx_phasing_MR.method_rotation              ? 
_pdbx_phasing_MR.method_translation           ? 
_pdbx_phasing_MR.model_details                'Phaser MODE: MR_AUTO' 
_pdbx_phasing_MR.R_factor                     ? 
_pdbx_phasing_MR.R_rigid_body                 ? 
_pdbx_phasing_MR.correlation_coeff_Fo_to_Fc   ? 
_pdbx_phasing_MR.correlation_coeff_Io_to_Ic   ? 
_pdbx_phasing_MR.d_res_high_rotation          1.530 
_pdbx_phasing_MR.d_res_low_rotation           43.840 
_pdbx_phasing_MR.d_res_high_translation       1.530 
_pdbx_phasing_MR.d_res_low_translation        43.840 
_pdbx_phasing_MR.packing                      ? 
_pdbx_phasing_MR.reflns_percent_rotation      ? 
_pdbx_phasing_MR.reflns_percent_translation   ? 
_pdbx_phasing_MR.sigma_F_rotation             ? 
_pdbx_phasing_MR.sigma_F_translation          ? 
_pdbx_phasing_MR.sigma_I_rotation             ? 
_pdbx_phasing_MR.sigma_I_translation          ? 
# 
_phasing.method   MR 
# 
loop_
_pdbx_unobs_or_zero_occ_residues.id 
_pdbx_unobs_or_zero_occ_residues.PDB_model_num 
_pdbx_unobs_or_zero_occ_residues.polymer_flag 
_pdbx_unobs_or_zero_occ_residues.occupancy_flag 
_pdbx_unobs_or_zero_occ_residues.auth_asym_id 
_pdbx_unobs_or_zero_occ_residues.auth_comp_id 
_pdbx_unobs_or_zero_occ_residues.auth_seq_id 
_pdbx_unobs_or_zero_occ_residues.PDB_ins_code 
_pdbx_unobs_or_zero_occ_residues.label_asym_id 
_pdbx_unobs_or_zero_occ_residues.label_comp_id 
_pdbx_unobs_or_zero_occ_residues.label_seq_id 
1  1 Y 1 A MET -20 ? A MET 1  
2  1 Y 1 A GLY -19 ? A GLY 2  
3  1 Y 1 A SER -18 ? A SER 3  
4  1 Y 1 A SER -17 ? A SER 4  
5  1 Y 1 A HIS -16 ? A HIS 5  
6  1 Y 1 A HIS -15 ? A HIS 6  
7  1 Y 1 A HIS -14 ? A HIS 7  
8  1 Y 1 A HIS -13 ? A HIS 8  
9  1 Y 1 A HIS -12 ? A HIS 9  
10 1 Y 1 A HIS -11 ? A HIS 10 
11 1 Y 1 A SER -10 ? A SER 11 
12 1 Y 1 A SER -9  ? A SER 12 
13 1 Y 1 A GLY -8  ? A GLY 13 
14 1 Y 1 A LEU -7  ? A LEU 14 
15 1 Y 1 A VAL -6  ? A VAL 15 
16 1 Y 1 A PRO -5  ? A PRO 16 
17 1 Y 1 A ARG -4  ? A ARG 17 
18 1 Y 1 A GLY -3  ? A GLY 18 
# 
loop_
_chem_comp_atom.comp_id 
_chem_comp_atom.atom_id 
_chem_comp_atom.type_symbol 
_chem_comp_atom.pdbx_aromatic_flag 
_chem_comp_atom.pdbx_stereo_config 
_chem_comp_atom.pdbx_ordinal 
76D OAG  O N N 1   
76D CAK  C N N 2   
76D OAH  O N N 3   
76D CAO  C Y N 4   
76D CAM  C Y N 5   
76D CAQ  C N N 6   
76D CAD  C N N 7   
76D CAC  C N N 8   
76D CAI  C Y N 9   
76D CAL  C Y N 10  
76D CAP  C N N 11  
76D CAB  C N N 12  
76D CAA  C N N 13  
76D CAJ  C Y N 14  
76D CAN  C Y N 15  
76D CAR  C N N 16  
76D CAF  C N N 17  
76D CAE  C N N 18  
76D H1   H N N 19  
76D H2   H N N 20  
76D H3   H N N 21  
76D H4   H N N 22  
76D H5   H N N 23  
76D H6   H N N 24  
76D H7   H N N 25  
76D H8   H N N 26  
76D H9   H N N 27  
76D H10  H N N 28  
76D H11  H N N 29  
76D H12  H N N 30  
76D H13  H N N 31  
76D H14  H N N 32  
76D H15  H N N 33  
76D H16  H N N 34  
76D H17  H N N 35  
76D H18  H N N 36  
76D H19  H N N 37  
76D H20  H N N 38  
76D H21  H N N 39  
76D H22  H N N 40  
76D H23  H N N 41  
76D H24  H N N 42  
ALA N    N N N 43  
ALA CA   C N S 44  
ALA C    C N N 45  
ALA O    O N N 46  
ALA CB   C N N 47  
ALA OXT  O N N 48  
ALA H    H N N 49  
ALA H2   H N N 50  
ALA HA   H N N 51  
ALA HB1  H N N 52  
ALA HB2  H N N 53  
ALA HB3  H N N 54  
ALA HXT  H N N 55  
ARG N    N N N 56  
ARG CA   C N S 57  
ARG C    C N N 58  
ARG O    O N N 59  
ARG CB   C N N 60  
ARG CG   C N N 61  
ARG CD   C N N 62  
ARG NE   N N N 63  
ARG CZ   C N N 64  
ARG NH1  N N N 65  
ARG NH2  N N N 66  
ARG OXT  O N N 67  
ARG H    H N N 68  
ARG H2   H N N 69  
ARG HA   H N N 70  
ARG HB2  H N N 71  
ARG HB3  H N N 72  
ARG HG2  H N N 73  
ARG HG3  H N N 74  
ARG HD2  H N N 75  
ARG HD3  H N N 76  
ARG HE   H N N 77  
ARG HH11 H N N 78  
ARG HH12 H N N 79  
ARG HH21 H N N 80  
ARG HH22 H N N 81  
ARG HXT  H N N 82  
ASN N    N N N 83  
ASN CA   C N S 84  
ASN C    C N N 85  
ASN O    O N N 86  
ASN CB   C N N 87  
ASN CG   C N N 88  
ASN OD1  O N N 89  
ASN ND2  N N N 90  
ASN OXT  O N N 91  
ASN H    H N N 92  
ASN H2   H N N 93  
ASN HA   H N N 94  
ASN HB2  H N N 95  
ASN HB3  H N N 96  
ASN HD21 H N N 97  
ASN HD22 H N N 98  
ASN HXT  H N N 99  
ASP N    N N N 100 
ASP CA   C N S 101 
ASP C    C N N 102 
ASP O    O N N 103 
ASP CB   C N N 104 
ASP CG   C N N 105 
ASP OD1  O N N 106 
ASP OD2  O N N 107 
ASP OXT  O N N 108 
ASP H    H N N 109 
ASP H2   H N N 110 
ASP HA   H N N 111 
ASP HB2  H N N 112 
ASP HB3  H N N 113 
ASP HD2  H N N 114 
ASP HXT  H N N 115 
CYS N    N N N 116 
CYS CA   C N R 117 
CYS C    C N N 118 
CYS O    O N N 119 
CYS CB   C N N 120 
CYS SG   S N N 121 
CYS OXT  O N N 122 
CYS H    H N N 123 
CYS H2   H N N 124 
CYS HA   H N N 125 
CYS HB2  H N N 126 
CYS HB3  H N N 127 
CYS HG   H N N 128 
CYS HXT  H N N 129 
GLN N    N N N 130 
GLN CA   C N S 131 
GLN C    C N N 132 
GLN O    O N N 133 
GLN CB   C N N 134 
GLN CG   C N N 135 
GLN CD   C N N 136 
GLN OE1  O N N 137 
GLN NE2  N N N 138 
GLN OXT  O N N 139 
GLN H    H N N 140 
GLN H2   H N N 141 
GLN HA   H N N 142 
GLN HB2  H N N 143 
GLN HB3  H N N 144 
GLN HG2  H N N 145 
GLN HG3  H N N 146 
GLN HE21 H N N 147 
GLN HE22 H N N 148 
GLN HXT  H N N 149 
GLU N    N N N 150 
GLU CA   C N S 151 
GLU C    C N N 152 
GLU O    O N N 153 
GLU CB   C N N 154 
GLU CG   C N N 155 
GLU CD   C N N 156 
GLU OE1  O N N 157 
GLU OE2  O N N 158 
GLU OXT  O N N 159 
GLU H    H N N 160 
GLU H2   H N N 161 
GLU HA   H N N 162 
GLU HB2  H N N 163 
GLU HB3  H N N 164 
GLU HG2  H N N 165 
GLU HG3  H N N 166 
GLU HE2  H N N 167 
GLU HXT  H N N 168 
GLY N    N N N 169 
GLY CA   C N N 170 
GLY C    C N N 171 
GLY O    O N N 172 
GLY OXT  O N N 173 
GLY H    H N N 174 
GLY H2   H N N 175 
GLY HA2  H N N 176 
GLY HA3  H N N 177 
GLY HXT  H N N 178 
HIS N    N N N 179 
HIS CA   C N S 180 
HIS C    C N N 181 
HIS O    O N N 182 
HIS CB   C N N 183 
HIS CG   C Y N 184 
HIS ND1  N Y N 185 
HIS CD2  C Y N 186 
HIS CE1  C Y N 187 
HIS NE2  N Y N 188 
HIS OXT  O N N 189 
HIS H    H N N 190 
HIS H2   H N N 191 
HIS HA   H N N 192 
HIS HB2  H N N 193 
HIS HB3  H N N 194 
HIS HD1  H N N 195 
HIS HD2  H N N 196 
HIS HE1  H N N 197 
HIS HE2  H N N 198 
HIS HXT  H N N 199 
HOH O    O N N 200 
HOH H1   H N N 201 
HOH H2   H N N 202 
ILE N    N N N 203 
ILE CA   C N S 204 
ILE C    C N N 205 
ILE O    O N N 206 
ILE CB   C N S 207 
ILE CG1  C N N 208 
ILE CG2  C N N 209 
ILE CD1  C N N 210 
ILE OXT  O N N 211 
ILE H    H N N 212 
ILE H2   H N N 213 
ILE HA   H N N 214 
ILE HB   H N N 215 
ILE HG12 H N N 216 
ILE HG13 H N N 217 
ILE HG21 H N N 218 
ILE HG22 H N N 219 
ILE HG23 H N N 220 
ILE HD11 H N N 221 
ILE HD12 H N N 222 
ILE HD13 H N N 223 
ILE HXT  H N N 224 
LEU N    N N N 225 
LEU CA   C N S 226 
LEU C    C N N 227 
LEU O    O N N 228 
LEU CB   C N N 229 
LEU CG   C N N 230 
LEU CD1  C N N 231 
LEU CD2  C N N 232 
LEU OXT  O N N 233 
LEU H    H N N 234 
LEU H2   H N N 235 
LEU HA   H N N 236 
LEU HB2  H N N 237 
LEU HB3  H N N 238 
LEU HG   H N N 239 
LEU HD11 H N N 240 
LEU HD12 H N N 241 
LEU HD13 H N N 242 
LEU HD21 H N N 243 
LEU HD22 H N N 244 
LEU HD23 H N N 245 
LEU HXT  H N N 246 
LYS N    N N N 247 
LYS CA   C N S 248 
LYS C    C N N 249 
LYS O    O N N 250 
LYS CB   C N N 251 
LYS CG   C N N 252 
LYS CD   C N N 253 
LYS CE   C N N 254 
LYS NZ   N N N 255 
LYS OXT  O N N 256 
LYS H    H N N 257 
LYS H2   H N N 258 
LYS HA   H N N 259 
LYS HB2  H N N 260 
LYS HB3  H N N 261 
LYS HG2  H N N 262 
LYS HG3  H N N 263 
LYS HD2  H N N 264 
LYS HD3  H N N 265 
LYS HE2  H N N 266 
LYS HE3  H N N 267 
LYS HZ1  H N N 268 
LYS HZ2  H N N 269 
LYS HZ3  H N N 270 
LYS HXT  H N N 271 
MET N    N N N 272 
MET CA   C N S 273 
MET C    C N N 274 
MET O    O N N 275 
MET CB   C N N 276 
MET CG   C N N 277 
MET SD   S N N 278 
MET CE   C N N 279 
MET OXT  O N N 280 
MET H    H N N 281 
MET H2   H N N 282 
MET HA   H N N 283 
MET HB2  H N N 284 
MET HB3  H N N 285 
MET HG2  H N N 286 
MET HG3  H N N 287 
MET HE1  H N N 288 
MET HE2  H N N 289 
MET HE3  H N N 290 
MET HXT  H N N 291 
PHE N    N N N 292 
PHE CA   C N S 293 
PHE C    C N N 294 
PHE O    O N N 295 
PHE CB   C N N 296 
PHE CG   C Y N 297 
PHE CD1  C Y N 298 
PHE CD2  C Y N 299 
PHE CE1  C Y N 300 
PHE CE2  C Y N 301 
PHE CZ   C Y N 302 
PHE OXT  O N N 303 
PHE H    H N N 304 
PHE H2   H N N 305 
PHE HA   H N N 306 
PHE HB2  H N N 307 
PHE HB3  H N N 308 
PHE HD1  H N N 309 
PHE HD2  H N N 310 
PHE HE1  H N N 311 
PHE HE2  H N N 312 
PHE HZ   H N N 313 
PHE HXT  H N N 314 
PRO N    N N N 315 
PRO CA   C N S 316 
PRO C    C N N 317 
PRO O    O N N 318 
PRO CB   C N N 319 
PRO CG   C N N 320 
PRO CD   C N N 321 
PRO OXT  O N N 322 
PRO H    H N N 323 
PRO HA   H N N 324 
PRO HB2  H N N 325 
PRO HB3  H N N 326 
PRO HG2  H N N 327 
PRO HG3  H N N 328 
PRO HD2  H N N 329 
PRO HD3  H N N 330 
PRO HXT  H N N 331 
SER N    N N N 332 
SER CA   C N S 333 
SER C    C N N 334 
SER O    O N N 335 
SER CB   C N N 336 
SER OG   O N N 337 
SER OXT  O N N 338 
SER H    H N N 339 
SER H2   H N N 340 
SER HA   H N N 341 
SER HB2  H N N 342 
SER HB3  H N N 343 
SER HG   H N N 344 
SER HXT  H N N 345 
THR N    N N N 346 
THR CA   C N S 347 
THR C    C N N 348 
THR O    O N N 349 
THR CB   C N R 350 
THR OG1  O N N 351 
THR CG2  C N N 352 
THR OXT  O N N 353 
THR H    H N N 354 
THR H2   H N N 355 
THR HA   H N N 356 
THR HB   H N N 357 
THR HG1  H N N 358 
THR HG21 H N N 359 
THR HG22 H N N 360 
THR HG23 H N N 361 
THR HXT  H N N 362 
TRP N    N N N 363 
TRP CA   C N S 364 
TRP C    C N N 365 
TRP O    O N N 366 
TRP CB   C N N 367 
TRP CG   C Y N 368 
TRP CD1  C Y N 369 
TRP CD2  C Y N 370 
TRP NE1  N Y N 371 
TRP CE2  C Y N 372 
TRP CE3  C Y N 373 
TRP CZ2  C Y N 374 
TRP CZ3  C Y N 375 
TRP CH2  C Y N 376 
TRP OXT  O N N 377 
TRP H    H N N 378 
TRP H2   H N N 379 
TRP HA   H N N 380 
TRP HB2  H N N 381 
TRP HB3  H N N 382 
TRP HD1  H N N 383 
TRP HE1  H N N 384 
TRP HE3  H N N 385 
TRP HZ2  H N N 386 
TRP HZ3  H N N 387 
TRP HH2  H N N 388 
TRP HXT  H N N 389 
TYR N    N N N 390 
TYR CA   C N S 391 
TYR C    C N N 392 
TYR O    O N N 393 
TYR CB   C N N 394 
TYR CG   C Y N 395 
TYR CD1  C Y N 396 
TYR CD2  C Y N 397 
TYR CE1  C Y N 398 
TYR CE2  C Y N 399 
TYR CZ   C Y N 400 
TYR OH   O N N 401 
TYR OXT  O N N 402 
TYR H    H N N 403 
TYR H2   H N N 404 
TYR HA   H N N 405 
TYR HB2  H N N 406 
TYR HB3  H N N 407 
TYR HD1  H N N 408 
TYR HD2  H N N 409 
TYR HE1  H N N 410 
TYR HE2  H N N 411 
TYR HH   H N N 412 
TYR HXT  H N N 413 
VAL N    N N N 414 
VAL CA   C N S 415 
VAL C    C N N 416 
VAL O    O N N 417 
VAL CB   C N N 418 
VAL CG1  C N N 419 
VAL CG2  C N N 420 
VAL OXT  O N N 421 
VAL H    H N N 422 
VAL H2   H N N 423 
VAL HA   H N N 424 
VAL HB   H N N 425 
VAL HG11 H N N 426 
VAL HG12 H N N 427 
VAL HG13 H N N 428 
VAL HG21 H N N 429 
VAL HG22 H N N 430 
VAL HG23 H N N 431 
VAL HXT  H N N 432 
# 
loop_
_chem_comp_bond.comp_id 
_chem_comp_bond.atom_id_1 
_chem_comp_bond.atom_id_2 
_chem_comp_bond.value_order 
_chem_comp_bond.pdbx_aromatic_flag 
_chem_comp_bond.pdbx_stereo_config 
_chem_comp_bond.pdbx_ordinal 
76D CAB CAP  sing N N 1   
76D CAA CAP  sing N N 2   
76D CAP CAL  sing N N 3   
76D CAL CAJ  doub Y N 4   
76D CAL CAI  sing Y N 5   
76D CAJ CAN  sing Y N 6   
76D CAI CAM  doub Y N 7   
76D CAF CAR  sing N N 8   
76D CAN CAR  sing N N 9   
76D CAN CAO  doub Y N 10  
76D CAE CAR  sing N N 11  
76D CAM CAO  sing Y N 12  
76D CAM CAQ  sing N N 13  
76D CAO CAK  sing N N 14  
76D CAD CAQ  sing N N 15  
76D CAQ CAC  sing N N 16  
76D CAK OAG  doub N N 17  
76D CAK OAH  sing N N 18  
76D OAH H1   sing N N 19  
76D CAQ H2   sing N N 20  
76D CAD H3   sing N N 21  
76D CAD H4   sing N N 22  
76D CAD H5   sing N N 23  
76D CAC H6   sing N N 24  
76D CAC H7   sing N N 25  
76D CAC H8   sing N N 26  
76D CAI H9   sing N N 27  
76D CAP H10  sing N N 28  
76D CAB H11  sing N N 29  
76D CAB H12  sing N N 30  
76D CAB H13  sing N N 31  
76D CAA H14  sing N N 32  
76D CAA H15  sing N N 33  
76D CAA H16  sing N N 34  
76D CAJ H17  sing N N 35  
76D CAR H18  sing N N 36  
76D CAF H19  sing N N 37  
76D CAF H20  sing N N 38  
76D CAF H21  sing N N 39  
76D CAE H22  sing N N 40  
76D CAE H23  sing N N 41  
76D CAE H24  sing N N 42  
ALA N   CA   sing N N 43  
ALA N   H    sing N N 44  
ALA N   H2   sing N N 45  
ALA CA  C    sing N N 46  
ALA CA  CB   sing N N 47  
ALA CA  HA   sing N N 48  
ALA C   O    doub N N 49  
ALA C   OXT  sing N N 50  
ALA CB  HB1  sing N N 51  
ALA CB  HB2  sing N N 52  
ALA CB  HB3  sing N N 53  
ALA OXT HXT  sing N N 54  
ARG N   CA   sing N N 55  
ARG N   H    sing N N 56  
ARG N   H2   sing N N 57  
ARG CA  C    sing N N 58  
ARG CA  CB   sing N N 59  
ARG CA  HA   sing N N 60  
ARG C   O    doub N N 61  
ARG C   OXT  sing N N 62  
ARG CB  CG   sing N N 63  
ARG CB  HB2  sing N N 64  
ARG CB  HB3  sing N N 65  
ARG CG  CD   sing N N 66  
ARG CG  HG2  sing N N 67  
ARG CG  HG3  sing N N 68  
ARG CD  NE   sing N N 69  
ARG CD  HD2  sing N N 70  
ARG CD  HD3  sing N N 71  
ARG NE  CZ   sing N N 72  
ARG NE  HE   sing N N 73  
ARG CZ  NH1  sing N N 74  
ARG CZ  NH2  doub N N 75  
ARG NH1 HH11 sing N N 76  
ARG NH1 HH12 sing N N 77  
ARG NH2 HH21 sing N N 78  
ARG NH2 HH22 sing N N 79  
ARG OXT HXT  sing N N 80  
ASN N   CA   sing N N 81  
ASN N   H    sing N N 82  
ASN N   H2   sing N N 83  
ASN CA  C    sing N N 84  
ASN CA  CB   sing N N 85  
ASN CA  HA   sing N N 86  
ASN C   O    doub N N 87  
ASN C   OXT  sing N N 88  
ASN CB  CG   sing N N 89  
ASN CB  HB2  sing N N 90  
ASN CB  HB3  sing N N 91  
ASN CG  OD1  doub N N 92  
ASN CG  ND2  sing N N 93  
ASN ND2 HD21 sing N N 94  
ASN ND2 HD22 sing N N 95  
ASN OXT HXT  sing N N 96  
ASP N   CA   sing N N 97  
ASP N   H    sing N N 98  
ASP N   H2   sing N N 99  
ASP CA  C    sing N N 100 
ASP CA  CB   sing N N 101 
ASP CA  HA   sing N N 102 
ASP C   O    doub N N 103 
ASP C   OXT  sing N N 104 
ASP CB  CG   sing N N 105 
ASP CB  HB2  sing N N 106 
ASP CB  HB3  sing N N 107 
ASP CG  OD1  doub N N 108 
ASP CG  OD2  sing N N 109 
ASP OD2 HD2  sing N N 110 
ASP OXT HXT  sing N N 111 
CYS N   CA   sing N N 112 
CYS N   H    sing N N 113 
CYS N   H2   sing N N 114 
CYS CA  C    sing N N 115 
CYS CA  CB   sing N N 116 
CYS CA  HA   sing N N 117 
CYS C   O    doub N N 118 
CYS C   OXT  sing N N 119 
CYS CB  SG   sing N N 120 
CYS CB  HB2  sing N N 121 
CYS CB  HB3  sing N N 122 
CYS SG  HG   sing N N 123 
CYS OXT HXT  sing N N 124 
GLN N   CA   sing N N 125 
GLN N   H    sing N N 126 
GLN N   H2   sing N N 127 
GLN CA  C    sing N N 128 
GLN CA  CB   sing N N 129 
GLN CA  HA   sing N N 130 
GLN C   O    doub N N 131 
GLN C   OXT  sing N N 132 
GLN CB  CG   sing N N 133 
GLN CB  HB2  sing N N 134 
GLN CB  HB3  sing N N 135 
GLN CG  CD   sing N N 136 
GLN CG  HG2  sing N N 137 
GLN CG  HG3  sing N N 138 
GLN CD  OE1  doub N N 139 
GLN CD  NE2  sing N N 140 
GLN NE2 HE21 sing N N 141 
GLN NE2 HE22 sing N N 142 
GLN OXT HXT  sing N N 143 
GLU N   CA   sing N N 144 
GLU N   H    sing N N 145 
GLU N   H2   sing N N 146 
GLU CA  C    sing N N 147 
GLU CA  CB   sing N N 148 
GLU CA  HA   sing N N 149 
GLU C   O    doub N N 150 
GLU C   OXT  sing N N 151 
GLU CB  CG   sing N N 152 
GLU CB  HB2  sing N N 153 
GLU CB  HB3  sing N N 154 
GLU CG  CD   sing N N 155 
GLU CG  HG2  sing N N 156 
GLU CG  HG3  sing N N 157 
GLU CD  OE1  doub N N 158 
GLU CD  OE2  sing N N 159 
GLU OE2 HE2  sing N N 160 
GLU OXT HXT  sing N N 161 
GLY N   CA   sing N N 162 
GLY N   H    sing N N 163 
GLY N   H2   sing N N 164 
GLY CA  C    sing N N 165 
GLY CA  HA2  sing N N 166 
GLY CA  HA3  sing N N 167 
GLY C   O    doub N N 168 
GLY C   OXT  sing N N 169 
GLY OXT HXT  sing N N 170 
HIS N   CA   sing N N 171 
HIS N   H    sing N N 172 
HIS N   H2   sing N N 173 
HIS CA  C    sing N N 174 
HIS CA  CB   sing N N 175 
HIS CA  HA   sing N N 176 
HIS C   O    doub N N 177 
HIS C   OXT  sing N N 178 
HIS CB  CG   sing N N 179 
HIS CB  HB2  sing N N 180 
HIS CB  HB3  sing N N 181 
HIS CG  ND1  sing Y N 182 
HIS CG  CD2  doub Y N 183 
HIS ND1 CE1  doub Y N 184 
HIS ND1 HD1  sing N N 185 
HIS CD2 NE2  sing Y N 186 
HIS CD2 HD2  sing N N 187 
HIS CE1 NE2  sing Y N 188 
HIS CE1 HE1  sing N N 189 
HIS NE2 HE2  sing N N 190 
HIS OXT HXT  sing N N 191 
HOH O   H1   sing N N 192 
HOH O   H2   sing N N 193 
ILE N   CA   sing N N 194 
ILE N   H    sing N N 195 
ILE N   H2   sing N N 196 
ILE CA  C    sing N N 197 
ILE CA  CB   sing N N 198 
ILE CA  HA   sing N N 199 
ILE C   O    doub N N 200 
ILE C   OXT  sing N N 201 
ILE CB  CG1  sing N N 202 
ILE CB  CG2  sing N N 203 
ILE CB  HB   sing N N 204 
ILE CG1 CD1  sing N N 205 
ILE CG1 HG12 sing N N 206 
ILE CG1 HG13 sing N N 207 
ILE CG2 HG21 sing N N 208 
ILE CG2 HG22 sing N N 209 
ILE CG2 HG23 sing N N 210 
ILE CD1 HD11 sing N N 211 
ILE CD1 HD12 sing N N 212 
ILE CD1 HD13 sing N N 213 
ILE OXT HXT  sing N N 214 
LEU N   CA   sing N N 215 
LEU N   H    sing N N 216 
LEU N   H2   sing N N 217 
LEU CA  C    sing N N 218 
LEU CA  CB   sing N N 219 
LEU CA  HA   sing N N 220 
LEU C   O    doub N N 221 
LEU C   OXT  sing N N 222 
LEU CB  CG   sing N N 223 
LEU CB  HB2  sing N N 224 
LEU CB  HB3  sing N N 225 
LEU CG  CD1  sing N N 226 
LEU CG  CD2  sing N N 227 
LEU CG  HG   sing N N 228 
LEU CD1 HD11 sing N N 229 
LEU CD1 HD12 sing N N 230 
LEU CD1 HD13 sing N N 231 
LEU CD2 HD21 sing N N 232 
LEU CD2 HD22 sing N N 233 
LEU CD2 HD23 sing N N 234 
LEU OXT HXT  sing N N 235 
LYS N   CA   sing N N 236 
LYS N   H    sing N N 237 
LYS N   H2   sing N N 238 
LYS CA  C    sing N N 239 
LYS CA  CB   sing N N 240 
LYS CA  HA   sing N N 241 
LYS C   O    doub N N 242 
LYS C   OXT  sing N N 243 
LYS CB  CG   sing N N 244 
LYS CB  HB2  sing N N 245 
LYS CB  HB3  sing N N 246 
LYS CG  CD   sing N N 247 
LYS CG  HG2  sing N N 248 
LYS CG  HG3  sing N N 249 
LYS CD  CE   sing N N 250 
LYS CD  HD2  sing N N 251 
LYS CD  HD3  sing N N 252 
LYS CE  NZ   sing N N 253 
LYS CE  HE2  sing N N 254 
LYS CE  HE3  sing N N 255 
LYS NZ  HZ1  sing N N 256 
LYS NZ  HZ2  sing N N 257 
LYS NZ  HZ3  sing N N 258 
LYS OXT HXT  sing N N 259 
MET N   CA   sing N N 260 
MET N   H    sing N N 261 
MET N   H2   sing N N 262 
MET CA  C    sing N N 263 
MET CA  CB   sing N N 264 
MET CA  HA   sing N N 265 
MET C   O    doub N N 266 
MET C   OXT  sing N N 267 
MET CB  CG   sing N N 268 
MET CB  HB2  sing N N 269 
MET CB  HB3  sing N N 270 
MET CG  SD   sing N N 271 
MET CG  HG2  sing N N 272 
MET CG  HG3  sing N N 273 
MET SD  CE   sing N N 274 
MET CE  HE1  sing N N 275 
MET CE  HE2  sing N N 276 
MET CE  HE3  sing N N 277 
MET OXT HXT  sing N N 278 
PHE N   CA   sing N N 279 
PHE N   H    sing N N 280 
PHE N   H2   sing N N 281 
PHE CA  C    sing N N 282 
PHE CA  CB   sing N N 283 
PHE CA  HA   sing N N 284 
PHE C   O    doub N N 285 
PHE C   OXT  sing N N 286 
PHE CB  CG   sing N N 287 
PHE CB  HB2  sing N N 288 
PHE CB  HB3  sing N N 289 
PHE CG  CD1  doub Y N 290 
PHE CG  CD2  sing Y N 291 
PHE CD1 CE1  sing Y N 292 
PHE CD1 HD1  sing N N 293 
PHE CD2 CE2  doub Y N 294 
PHE CD2 HD2  sing N N 295 
PHE CE1 CZ   doub Y N 296 
PHE CE1 HE1  sing N N 297 
PHE CE2 CZ   sing Y N 298 
PHE CE2 HE2  sing N N 299 
PHE CZ  HZ   sing N N 300 
PHE OXT HXT  sing N N 301 
PRO N   CA   sing N N 302 
PRO N   CD   sing N N 303 
PRO N   H    sing N N 304 
PRO CA  C    sing N N 305 
PRO CA  CB   sing N N 306 
PRO CA  HA   sing N N 307 
PRO C   O    doub N N 308 
PRO C   OXT  sing N N 309 
PRO CB  CG   sing N N 310 
PRO CB  HB2  sing N N 311 
PRO CB  HB3  sing N N 312 
PRO CG  CD   sing N N 313 
PRO CG  HG2  sing N N 314 
PRO CG  HG3  sing N N 315 
PRO CD  HD2  sing N N 316 
PRO CD  HD3  sing N N 317 
PRO OXT HXT  sing N N 318 
SER N   CA   sing N N 319 
SER N   H    sing N N 320 
SER N   H2   sing N N 321 
SER CA  C    sing N N 322 
SER CA  CB   sing N N 323 
SER CA  HA   sing N N 324 
SER C   O    doub N N 325 
SER C   OXT  sing N N 326 
SER CB  OG   sing N N 327 
SER CB  HB2  sing N N 328 
SER CB  HB3  sing N N 329 
SER OG  HG   sing N N 330 
SER OXT HXT  sing N N 331 
THR N   CA   sing N N 332 
THR N   H    sing N N 333 
THR N   H2   sing N N 334 
THR CA  C    sing N N 335 
THR CA  CB   sing N N 336 
THR CA  HA   sing N N 337 
THR C   O    doub N N 338 
THR C   OXT  sing N N 339 
THR CB  OG1  sing N N 340 
THR CB  CG2  sing N N 341 
THR CB  HB   sing N N 342 
THR OG1 HG1  sing N N 343 
THR CG2 HG21 sing N N 344 
THR CG2 HG22 sing N N 345 
THR CG2 HG23 sing N N 346 
THR OXT HXT  sing N N 347 
TRP N   CA   sing N N 348 
TRP N   H    sing N N 349 
TRP N   H2   sing N N 350 
TRP CA  C    sing N N 351 
TRP CA  CB   sing N N 352 
TRP CA  HA   sing N N 353 
TRP C   O    doub N N 354 
TRP C   OXT  sing N N 355 
TRP CB  CG   sing N N 356 
TRP CB  HB2  sing N N 357 
TRP CB  HB3  sing N N 358 
TRP CG  CD1  doub Y N 359 
TRP CG  CD2  sing Y N 360 
TRP CD1 NE1  sing Y N 361 
TRP CD1 HD1  sing N N 362 
TRP CD2 CE2  doub Y N 363 
TRP CD2 CE3  sing Y N 364 
TRP NE1 CE2  sing Y N 365 
TRP NE1 HE1  sing N N 366 
TRP CE2 CZ2  sing Y N 367 
TRP CE3 CZ3  doub Y N 368 
TRP CE3 HE3  sing N N 369 
TRP CZ2 CH2  doub Y N 370 
TRP CZ2 HZ2  sing N N 371 
TRP CZ3 CH2  sing Y N 372 
TRP CZ3 HZ3  sing N N 373 
TRP CH2 HH2  sing N N 374 
TRP OXT HXT  sing N N 375 
TYR N   CA   sing N N 376 
TYR N   H    sing N N 377 
TYR N   H2   sing N N 378 
TYR CA  C    sing N N 379 
TYR CA  CB   sing N N 380 
TYR CA  HA   sing N N 381 
TYR C   O    doub N N 382 
TYR C   OXT  sing N N 383 
TYR CB  CG   sing N N 384 
TYR CB  HB2  sing N N 385 
TYR CB  HB3  sing N N 386 
TYR CG  CD1  doub Y N 387 
TYR CG  CD2  sing Y N 388 
TYR CD1 CE1  sing Y N 389 
TYR CD1 HD1  sing N N 390 
TYR CD2 CE2  doub Y N 391 
TYR CD2 HD2  sing N N 392 
TYR CE1 CZ   doub Y N 393 
TYR CE1 HE1  sing N N 394 
TYR CE2 CZ   sing Y N 395 
TYR CE2 HE2  sing N N 396 
TYR CZ  OH   sing N N 397 
TYR OH  HH   sing N N 398 
TYR OXT HXT  sing N N 399 
VAL N   CA   sing N N 400 
VAL N   H    sing N N 401 
VAL N   H2   sing N N 402 
VAL CA  C    sing N N 403 
VAL CA  CB   sing N N 404 
VAL CA  HA   sing N N 405 
VAL C   O    doub N N 406 
VAL C   OXT  sing N N 407 
VAL CB  CG1  sing N N 408 
VAL CB  CG2  sing N N 409 
VAL CB  HB   sing N N 410 
VAL CG1 HG11 sing N N 411 
VAL CG1 HG12 sing N N 412 
VAL CG1 HG13 sing N N 413 
VAL CG2 HG21 sing N N 414 
VAL CG2 HG22 sing N N 415 
VAL CG2 HG23 sing N N 416 
VAL OXT HXT  sing N N 417 
# 
_atom_sites.entry_id                    4NNT 
_atom_sites.fract_transf_matrix[1][1]   -0.01963511 
_atom_sites.fract_transf_matrix[1][2]   -0.02367571 
_atom_sites.fract_transf_matrix[1][3]   0.00112693 
_atom_sites.fract_transf_matrix[2][1]   0.00457016 
_atom_sites.fract_transf_matrix[2][2]   -0.00294537 
_atom_sites.fract_transf_matrix[2][3]   0.01774890 
_atom_sites.fract_transf_matrix[3][1]   -0.00967253 
_atom_sites.fract_transf_matrix[3][2]   0.00820513 
_atom_sites.fract_transf_matrix[3][3]   0.00385219 
_atom_sites.fract_transf_vector[1]      -0.236316 
_atom_sites.fract_transf_vector[2]      0.181818 
_atom_sites.fract_transf_vector[3]      -0.198158 
# 
loop_
_atom_type.symbol 
C 
N 
O 
S 
# 
loop_
_atom_site.group_PDB 
_atom_site.id 
_atom_site.type_symbol 
_atom_site.label_atom_id 
_atom_site.label_alt_id 
_atom_site.label_comp_id 
_atom_site.label_asym_id 
_atom_site.label_entity_id 
_atom_site.label_seq_id 
_atom_site.pdbx_PDB_ins_code 
_atom_site.Cartn_x 
_atom_site.Cartn_y 
_atom_site.Cartn_z 
_atom_site.occupancy 
_atom_site.B_iso_or_equiv 
_atom_site.pdbx_formal_charge 
_atom_site.auth_seq_id 
_atom_site.auth_comp_id 
_atom_site.auth_asym_id 
_atom_site.auth_atom_id 
_atom_site.pdbx_PDB_model_num 
ATOM   1    N N   . SER A 1 19  ? -13.225 13.102  15.882  1.00 30.82 ? -2  SER A N   1 
ATOM   2    C CA  . SER A 1 19  ? -12.645 12.755  14.591  1.00 31.27 ? -2  SER A CA  1 
ATOM   3    C C   . SER A 1 19  ? -11.138 12.607  14.666  1.00 29.97 ? -2  SER A C   1 
ATOM   4    O O   . SER A 1 19  ? -10.476 13.249  15.477  1.00 33.42 ? -2  SER A O   1 
ATOM   5    C CB  . SER A 1 19  ? -12.991 13.803  13.551  1.00 31.62 ? -2  SER A CB  1 
ATOM   6    O OG  . SER A 1 19  ? -14.380 14.061  13.558  1.00 32.13 ? -2  SER A OG  1 
ATOM   7    N N   . HIS A 1 20  ? -10.617 11.770  13.778  1.00 28.98 ? -1  HIS A N   1 
ATOM   8    C CA  . HIS A 1 20  ? -9.221  11.360  13.752  1.00 31.00 ? -1  HIS A CA  1 
ATOM   9    C C   . HIS A 1 20  ? -8.645  11.961  12.475  1.00 32.48 ? -1  HIS A C   1 
ATOM   10   O O   . HIS A 1 20  ? -9.403  12.374  11.590  1.00 31.03 ? -1  HIS A O   1 
ATOM   11   C CB  . HIS A 1 20  ? -9.210  9.830   13.704  1.00 32.15 ? -1  HIS A CB  1 
ATOM   12   C CG  . HIS A 1 20  ? -7.883  9.192   13.961  1.00 34.29 ? -1  HIS A CG  1 
ATOM   13   N ND1 . HIS A 1 20  ? -6.970  8.926   12.961  1.00 35.47 ? -1  HIS A ND1 1 
ATOM   14   C CD2 . HIS A 1 20  ? -7.350  8.678   15.096  1.00 34.93 ? -1  HIS A CD2 1 
ATOM   15   C CE1 . HIS A 1 20  ? -5.914  8.318   13.474  1.00 29.93 ? -1  HIS A CE1 1 
ATOM   16   N NE2 . HIS A 1 20  ? -6.121  8.159   14.770  1.00 27.69 ? -1  HIS A NE2 1 
ATOM   17   N N   . MET A 1 21  ? -7.321  12.042  12.359  1.00 33.10 ? 0   MET A N   1 
ATOM   18   C CA  . MET A 1 21  ? -6.753  12.633  11.141  1.00 37.11 ? 0   MET A CA  1 
ATOM   19   C C   . MET A 1 21  ? -6.813  11.678  9.958   1.00 30.13 ? 0   MET A C   1 
ATOM   20   O O   . MET A 1 21  ? -7.041  12.099  8.822   1.00 37.96 ? 0   MET A O   1 
ATOM   21   C CB  . MET A 1 21  ? -5.329  13.149  11.352  1.00 35.08 ? 0   MET A CB  1 
ATOM   22   C CG  . MET A 1 21  ? -5.218  14.634  11.023  1.00 32.78 ? 0   MET A CG  1 
ATOM   23   S SD  . MET A 1 21  ? -5.629  15.039  9.314   1.00 44.70 ? 0   MET A SD  1 
ATOM   24   C CE  . MET A 1 21  ? -4.481  13.953  8.468   1.00 21.08 ? 0   MET A CE  1 
ATOM   25   N N   . CYS A 1 22  ? -6.640  10.389  10.227  1.00 31.58 ? 1   CYS A N   1 
ATOM   26   C CA  . CYS A 1 22  ? -6.746  9.404   9.165   1.00 26.74 ? 1   CYS A CA  1 
ATOM   27   C C   . CYS A 1 22  ? -8.180  9.229   8.683   1.00 22.23 ? 1   CYS A C   1 
ATOM   28   O O   . CYS A 1 22  ? -8.435  8.411   7.804   1.00 19.75 ? 1   CYS A O   1 
ATOM   29   C CB  . CYS A 1 22  ? -6.183  8.055   9.604   1.00 24.29 ? 1   CYS A CB  1 
ATOM   30   S SG  . CYS A 1 22  ? -4.400  8.057   9.780   1.00 33.26 ? 1   CYS A SG  1 
ATOM   31   N N   . ASP A 1 23  ? -9.124  9.992   9.236   1.00 21.72 ? 2   ASP A N   1 
ATOM   32   C CA  . ASP A 1 23  ? -10.508 9.800   8.837   1.00 20.72 ? 2   ASP A CA  1 
ATOM   33   C C   . ASP A 1 23  ? -10.732 10.059  7.342   1.00 19.73 ? 2   ASP A C   1 
ATOM   34   O O   . ASP A 1 23  ? -11.609 9.452   6.733   1.00 17.96 ? 2   ASP A O   1 
ATOM   35   C CB  . ASP A 1 23  ? -11.455 10.623  9.713   1.00 23.44 ? 2   ASP A CB  1 
ATOM   36   C CG  . ASP A 1 23  ? -11.619 10.032  11.101  1.00 26.67 ? 2   ASP A CG  1 
ATOM   37   O OD1 . ASP A 1 23  ? -11.081 8.931   11.351  1.00 29.43 ? 2   ASP A OD1 1 
ATOM   38   O OD2 . ASP A 1 23  ? -12.293 10.668  11.939  1.00 32.18 ? 2   ASP A OD2 1 
ATOM   39   N N   . ALA A 1 24  ? -9.918  10.930  6.746   1.00 17.26 ? 3   ALA A N   1 
ATOM   40   C CA  . ALA A 1 24  ? -9.984  11.194  5.311   1.00 19.71 ? 3   ALA A CA  1 
ATOM   41   C C   . ALA A 1 24  ? -9.687  9.939   4.489   1.00 14.90 ? 3   ALA A C   1 
ATOM   42   O O   . ALA A 1 24  ? -10.121 9.817   3.346   1.00 15.89 ? 3   ALA A O   1 
ATOM   43   C CB  . ALA A 1 24  ? -9.019  12.304  4.929   1.00 21.16 ? 3   ALA A CB  1 
ATOM   44   N N   . PHE A 1 25  ? -8.932  9.015   5.064   1.00 15.02 ? 4   PHE A N   1 
ATOM   45   C CA  . PHE A 1 25  ? -8.577  7.799   4.345   1.00 11.91 ? 4   PHE A CA  1 
ATOM   46   C C   . PHE A 1 25  ? -9.631  6.713   4.487   1.00 12.64 ? 4   PHE A C   1 
ATOM   47   O O   . PHE A 1 25  ? -9.662  5.768   3.707   1.00 11.91 ? 4   PHE A O   1 
ATOM   48   C CB  . PHE A 1 25  ? -7.236  7.260   4.844   1.00 12.50 ? 4   PHE A CB  1 
ATOM   49   C CG  . PHE A 1 25  ? -6.067  8.134   4.508   1.00 14.00 ? 4   PHE A CG  1 
ATOM   50   C CD1 . PHE A 1 25  ? -5.447  8.044   3.271   1.00 13.69 ? 4   PHE A CD1 1 
ATOM   51   C CD2 . PHE A 1 25  ? -5.566  9.026   5.439   1.00 16.99 ? 4   PHE A CD2 1 
ATOM   52   C CE1 . PHE A 1 25  ? -4.356  8.836   2.962   1.00 13.23 ? 4   PHE A CE1 1 
ATOM   53   C CE2 . PHE A 1 25  ? -4.477  9.825   5.139   1.00 17.63 ? 4   PHE A CE2 1 
ATOM   54   C CZ  . PHE A 1 25  ? -3.869  9.730   3.901   1.00 15.01 ? 4   PHE A CZ  1 
ATOM   55   N N   . VAL A 1 26  ? -10.493 6.843   5.484   1.00 12.42 ? 5   VAL A N   1 
ATOM   56   C CA  . VAL A 1 26  ? -11.429 5.786   5.822   1.00 11.15 ? 5   VAL A CA  1 
ATOM   57   C C   . VAL A 1 26  ? -12.451 5.590   4.726   1.00 13.01 ? 5   VAL A C   1 
ATOM   58   O O   . VAL A 1 26  ? -13.020 6.550   4.213   1.00 13.84 ? 5   VAL A O   1 
ATOM   59   C CB  . VAL A 1 26  ? -12.103 6.081   7.179   1.00 14.46 ? 5   VAL A CB  1 
ATOM   60   C CG1 . VAL A 1 26  ? -13.290 5.151   7.427   1.00 15.06 ? 5   VAL A CG1 1 
ATOM   61   C CG2 . VAL A 1 26  ? -11.059 5.976   8.283   1.00 12.10 ? 5   VAL A CG2 1 
ATOM   62   N N   . GLY A 1 27  ? -12.654 4.344   4.333   1.00 12.80 ? 6   GLY A N   1 
ATOM   63   C CA  . GLY A 1 27  ? -13.605 4.075   3.280   1.00 13.57 ? 6   GLY A CA  1 
ATOM   64   C C   . GLY A 1 27  ? -13.251 2.862   2.450   1.00 13.84 ? 6   GLY A C   1 
ATOM   65   O O   . GLY A 1 27  ? -12.264 2.161   2.714   1.00 13.32 ? 6   GLY A O   1 
ATOM   66   N N   . THR A 1 28  ? -14.083 2.609   1.448   1.00 13.20 ? 7   THR A N   1 
ATOM   67   C CA  . THR A 1 28  ? -13.824 1.555   0.486   1.00 13.83 ? 7   THR A CA  1 
ATOM   68   C C   . THR A 1 28  ? -13.433 2.207   -0.830  1.00 12.66 ? 7   THR A C   1 
ATOM   69   O O   . THR A 1 28  ? -14.149 3.083   -1.338  1.00 14.61 ? 7   THR A O   1 
ATOM   70   C CB  . THR A 1 28  ? -15.059 0.668   0.282   1.00 16.48 ? 7   THR A CB  1 
ATOM   71   O OG1 . THR A 1 28  ? -15.468 0.127   1.542   1.00 25.64 ? 7   THR A OG1 1 
ATOM   72   C CG2 . THR A 1 28  ? -14.744 -0.475  -0.662  1.00 19.27 ? 7   THR A CG2 1 
ATOM   73   N N   . TRP A 1 29  ? -12.282 1.795   -1.355  1.00 11.24 ? 8   TRP A N   1 
ATOM   74   C CA  . TRP A 1 29  ? -11.656 2.415   -2.515  1.00 9.96  ? 8   TRP A CA  1 
ATOM   75   C C   . TRP A 1 29  ? -11.406 1.363   -3.585  1.00 12.39 ? 8   TRP A C   1 
ATOM   76   O O   . TRP A 1 29  ? -11.038 0.229   -3.277  1.00 14.09 ? 8   TRP A O   1 
ATOM   77   C CB  . TRP A 1 29  ? -10.310 3.024   -2.106  1.00 11.29 ? 8   TRP A CB  1 
ATOM   78   C CG  . TRP A 1 29  ? -10.409 4.053   -1.016  1.00 10.87 ? 8   TRP A CG  1 
ATOM   79   C CD1 . TRP A 1 29  ? -10.317 3.839   0.331   1.00 12.00 ? 8   TRP A CD1 1 
ATOM   80   C CD2 . TRP A 1 29  ? -10.600 5.457   -1.192  1.00 10.77 ? 8   TRP A CD2 1 
ATOM   81   N NE1 . TRP A 1 29  ? -10.452 5.036   1.009   1.00 11.08 ? 8   TRP A NE1 1 
ATOM   82   C CE2 . TRP A 1 29  ? -10.627 6.042   0.095   1.00 11.28 ? 8   TRP A CE2 1 
ATOM   83   C CE3 . TRP A 1 29  ? -10.764 6.277   -2.313  1.00 11.47 ? 8   TRP A CE3 1 
ATOM   84   C CZ2 . TRP A 1 29  ? -10.804 7.415   0.288   1.00 12.43 ? 8   TRP A CZ2 1 
ATOM   85   C CZ3 . TRP A 1 29  ? -10.937 7.639   -2.121  1.00 12.79 ? 8   TRP A CZ3 1 
ATOM   86   C CH2 . TRP A 1 29  ? -10.959 8.193   -0.831  1.00 12.28 ? 8   TRP A CH2 1 
ATOM   87   N N   . LYS A 1 30  ? -11.581 1.747   -4.843  1.00 11.53 ? 9   LYS A N   1 
ATOM   88   C CA  . LYS A 1 30  ? -11.325 0.836   -5.956  1.00 12.19 ? 9   LYS A CA  1 
ATOM   89   C C   . LYS A 1 30  ? -10.278 1.417   -6.899  1.00 11.68 ? 9   LYS A C   1 
ATOM   90   O O   . LYS A 1 30  ? -10.272 2.610   -7.185  1.00 12.41 ? 9   LYS A O   1 
ATOM   91   C CB  . LYS A 1 30  ? -12.617 0.527   -6.713  1.00 16.47 ? 9   LYS A CB  1 
ATOM   92   C CG  . LYS A 1 30  ? -13.219 1.723   -7.400  1.00 19.15 ? 9   LYS A CG  1 
ATOM   93   C CD  . LYS A 1 30  ? -14.509 1.356   -8.120  1.00 25.08 ? 9   LYS A CD  1 
ATOM   94   C CE  . LYS A 1 30  ? -15.095 2.563   -8.834  1.00 26.67 ? 9   LYS A CE  1 
ATOM   95   N NZ  . LYS A 1 30  ? -15.419 3.676   -7.896  1.00 30.19 ? 9   LYS A NZ  1 
ATOM   96   N N   . LEU A 1 31  ? -9.369  0.560   -7.346  1.00 12.04 ? 10  LEU A N   1 
ATOM   97   C CA  . LEU A 1 31  ? -8.270  0.974   -8.211  1.00 11.79 ? 10  LEU A CA  1 
ATOM   98   C C   . LEU A 1 31  ? -8.793  1.339   -9.583  1.00 14.16 ? 10  LEU A C   1 
ATOM   99   O O   . LEU A 1 31  ? -9.462  0.525   -10.223 1.00 17.00 ? 10  LEU A O   1 
ATOM   100  C CB  . LEU A 1 31  ? -7.252  -0.160  -8.366  1.00 13.62 ? 10  LEU A CB  1 
ATOM   101  C CG  . LEU A 1 31  ? -6.085  0.227   -9.268  1.00 12.01 ? 10  LEU A CG  1 
ATOM   102  C CD1 . LEU A 1 31  ? -5.153  1.161   -8.517  1.00 13.52 ? 10  LEU A CD1 1 
ATOM   103  C CD2 . LEU A 1 31  ? -5.346  -1.002  -9.804  1.00 18.05 ? 10  LEU A CD2 1 
ATOM   104  N N   . VAL A 1 32  ? -8.474  2.542   -10.046 1.00 11.64 ? 11  VAL A N   1 
ATOM   105  C CA  . VAL A 1 32  ? -8.927  2.975   -11.365 1.00 13.03 ? 11  VAL A CA  1 
ATOM   106  C C   . VAL A 1 32  ? -7.791  3.210   -12.355 1.00 15.01 ? 11  VAL A C   1 
ATOM   107  O O   . VAL A 1 32  ? -8.022  3.258   -13.565 1.00 17.07 ? 11  VAL A O   1 
ATOM   108  C CB  . VAL A 1 32  ? -9.818  4.226   -11.290 1.00 14.76 ? 11  VAL A CB  1 
ATOM   109  C CG1 . VAL A 1 32  ? -11.059 3.936   -10.468 1.00 15.49 ? 11  VAL A CG1 1 
ATOM   110  C CG2 . VAL A 1 32  ? -9.059  5.410   -10.721 1.00 15.87 ? 11  VAL A CG2 1 
ATOM   111  N N   . SER A 1 33  ? -6.571  3.356   -11.856 1.00 13.01 ? 12  SER A N   1 
ATOM   112  C CA  . SER A 1 33  ? -5.421  3.464   -12.739 1.00 14.20 ? 12  SER A CA  1 
ATOM   113  C C   . SER A 1 33  ? -4.141  3.035   -12.048 1.00 14.94 ? 12  SER A C   1 
ATOM   114  O O   . SER A 1 33  ? -3.976  3.220   -10.845 1.00 12.40 ? 12  SER A O   1 
ATOM   115  C CB  . SER A 1 33  ? -5.267  4.876   -13.315 1.00 15.20 ? 12  SER A CB  1 
ATOM   116  O OG  . SER A 1 33  ? -4.900  5.810   -12.323 1.00 18.59 ? 12  SER A OG  1 
ATOM   117  N N   . SER A 1 34  ? -3.246  2.435   -12.816 1.00 14.81 ? 13  SER A N   1 
ATOM   118  C CA  . SER A 1 34  ? -1.964  1.996   -12.288 1.00 14.33 ? 13  SER A CA  1 
ATOM   119  C C   . SER A 1 34  ? -0.898  2.232   -13.343 1.00 15.91 ? 13  SER A C   1 
ATOM   120  O O   . SER A 1 34  ? -1.053  1.823   -14.497 1.00 20.69 ? 13  SER A O   1 
ATOM   121  C CB  . SER A 1 34  ? -2.020  0.521   -11.884 1.00 16.29 ? 13  SER A CB  1 
ATOM   122  O OG  . SER A 1 34  ? -0.748  0.049   -11.465 1.00 14.47 ? 13  SER A OG  1 
ATOM   123  N N   . GLU A 1 35  ? 0.176   2.911   -12.964 1.00 13.12 ? 14  GLU A N   1 
ATOM   124  C CA  . GLU A 1 35  ? 1.256   3.162   -13.902 1.00 16.09 ? 14  GLU A CA  1 
ATOM   125  C C   . GLU A 1 35  ? 2.581   2.720   -13.332 1.00 14.92 ? 14  GLU A C   1 
ATOM   126  O O   . GLU A 1 35  ? 2.875   2.951   -12.156 1.00 13.22 ? 14  GLU A O   1 
ATOM   127  C CB  . GLU A 1 35  ? 1.324   4.638   -14.285 1.00 18.95 ? 14  GLU A CB  1 
ATOM   128  C CG  . GLU A 1 35  ? 1.116   5.575   -13.131 1.00 22.49 ? 14  GLU A CG  1 
ATOM   129  N N   . ASN A 1 36  ? 3.366   2.068   -14.180 1.00 14.57 ? 15  ASN A N   1 
ATOM   130  C CA  . ASN A 1 36  ? 4.720   1.628   -13.858 1.00 14.24 ? 15  ASN A CA  1 
ATOM   131  C C   . ASN A 1 36  ? 4.816   0.594   -12.740 1.00 11.58 ? 15  ASN A C   1 
ATOM   132  O O   . ASN A 1 36  ? 5.885   0.374   -12.182 1.00 12.32 ? 15  ASN A O   1 
ATOM   133  C CB  . ASN A 1 36  ? 5.631   2.826   -13.586 1.00 14.44 ? 15  ASN A CB  1 
ATOM   134  C CG  . ASN A 1 36  ? 5.753   3.740   -14.793 1.00 20.75 ? 15  ASN A CG  1 
ATOM   135  O OD1 . ASN A 1 36  ? 5.452   4.928   -14.721 1.00 27.63 ? 15  ASN A OD1 1 
ATOM   136  N ND2 . ASN A 1 36  ? 6.185   3.180   -15.914 1.00 24.93 ? 15  ASN A ND2 1 
ATOM   137  N N   . PHE A 1 37  ? 3.700   -0.062  -12.439 1.00 10.89 ? 16  PHE A N   1 
ATOM   138  C CA  . PHE A 1 37  ? 3.676   -1.066  -11.371 1.00 11.35 ? 16  PHE A CA  1 
ATOM   139  C C   . PHE A 1 37  ? 4.534   -2.300  -11.705 1.00 12.27 ? 16  PHE A C   1 
ATOM   140  O O   . PHE A 1 37  ? 5.147   -2.880  -10.818 1.00 11.46 ? 16  PHE A O   1 
ATOM   141  C CB  . PHE A 1 37  ? 2.225   -1.458  -11.055 1.00 11.14 ? 16  PHE A CB  1 
ATOM   142  C CG  . PHE A 1 37  ? 2.051   -2.207  -9.764  1.00 11.52 ? 16  PHE A CG  1 
ATOM   143  C CD1 . PHE A 1 37  ? 2.508   -1.674  -8.574  1.00 11.07 ? 16  PHE A CD1 1 
ATOM   144  C CD2 . PHE A 1 37  ? 1.407   -3.436  -9.742  1.00 11.60 ? 16  PHE A CD2 1 
ATOM   145  C CE1 . PHE A 1 37  ? 2.335   -2.362  -7.374  1.00 13.83 ? 16  PHE A CE1 1 
ATOM   146  C CE2 . PHE A 1 37  ? 1.234   -4.126  -8.549  1.00 10.89 ? 16  PHE A CE2 1 
ATOM   147  C CZ  . PHE A 1 37  ? 1.701   -3.589  -7.369  1.00 11.68 ? 16  PHE A CZ  1 
ATOM   148  N N   . ASP A 1 38  ? 4.596   -2.704  -12.976 1.00 13.01 ? 17  ASP A N   1 
ATOM   149  C CA  . ASP A 1 38  ? 5.442   -3.845  -13.334 1.00 14.01 ? 17  ASP A CA  1 
ATOM   150  C C   . ASP A 1 38  ? 6.898   -3.525  -13.037 1.00 12.85 ? 17  ASP A C   1 
ATOM   151  O O   . ASP A 1 38  ? 7.621   -4.336  -12.453 1.00 12.47 ? 17  ASP A O   1 
ATOM   152  C CB  . ASP A 1 38  ? 5.291   -4.218  -14.809 1.00 15.79 ? 17  ASP A CB  1 
ATOM   153  C CG  . ASP A 1 38  ? 6.069   -5.460  -15.174 1.00 20.79 ? 17  ASP A CG  1 
ATOM   154  O OD1 . ASP A 1 38  ? 6.886   -5.393  -16.118 1.00 26.99 ? 17  ASP A OD1 1 
ATOM   155  O OD2 . ASP A 1 38  ? 5.864   -6.510  -14.528 1.00 21.60 ? 17  ASP A OD2 1 
ATOM   156  N N   . ASP A 1 39  ? 7.326   -2.329  -13.417 1.00 13.18 ? 18  ASP A N   1 
ATOM   157  C CA  . ASP A 1 39  ? 8.705   -1.918  -13.172 1.00 11.93 ? 18  ASP A CA  1 
ATOM   158  C C   . ASP A 1 39  ? 9.004   -1.759  -11.675 1.00 11.68 ? 18  ASP A C   1 
ATOM   159  O O   . ASP A 1 39  ? 10.097  -2.082  -11.217 1.00 14.88 ? 18  ASP A O   1 
ATOM   160  C CB  . ASP A 1 39  ? 9.017   -0.624  -13.924 1.00 16.40 ? 18  ASP A CB  1 
ATOM   161  C CG  . ASP A 1 39  ? 9.383   -0.870  -15.388 1.00 22.87 ? 18  ASP A CG  1 
ATOM   162  O OD1 . ASP A 1 39  ? 9.359   -2.036  -15.843 1.00 26.80 ? 18  ASP A OD1 1 
ATOM   163  O OD2 . ASP A 1 39  ? 9.700   0.110   -16.084 1.00 25.12 ? 18  ASP A OD2 1 
ATOM   164  N N   . TYR A 1 40  ? 8.035   -1.246  -10.919 1.00 9.94  ? 19  TYR A N   1 
ATOM   165  C CA  . TYR A 1 40  ? 8.191   -1.191  -9.474  1.00 9.70  ? 19  TYR A CA  1 
ATOM   166  C C   . TYR A 1 40  ? 8.395   -2.596  -8.916  1.00 10.07 ? 19  TYR A C   1 
ATOM   167  O O   . TYR A 1 40  ? 9.320   -2.837  -8.137  1.00 10.97 ? 19  TYR A O   1 
ATOM   168  C CB  . TYR A 1 40  ? 6.980   -0.523  -8.813  1.00 9.91  ? 19  TYR A CB  1 
ATOM   169  C CG  . TYR A 1 40  ? 6.951   -0.706  -7.311  1.00 9.48  ? 19  TYR A CG  1 
ATOM   170  C CD1 . TYR A 1 40  ? 7.782   0.041   -6.489  1.00 10.64 ? 19  TYR A CD1 1 
ATOM   171  C CD2 . TYR A 1 40  ? 6.118   -1.654  -6.722  1.00 9.74  ? 19  TYR A CD2 1 
ATOM   172  C CE1 . TYR A 1 40  ? 7.771   -0.132  -5.117  1.00 9.82  ? 19  TYR A CE1 1 
ATOM   173  C CE2 . TYR A 1 40  ? 6.093   -1.828  -5.351  1.00 9.88  ? 19  TYR A CE2 1 
ATOM   174  C CZ  . TYR A 1 40  ? 6.927   -1.075  -4.552  1.00 9.78  ? 19  TYR A CZ  1 
ATOM   175  O OH  . TYR A 1 40  ? 6.907   -1.263  -3.194  1.00 10.51 ? 19  TYR A OH  1 
ATOM   176  N N   . MET A 1 41  ? 7.526   -3.519  -9.314  1.00 10.01 ? 20  MET A N   1 
ATOM   177  C CA  . MET A 1 41  ? 7.636   -4.899  -8.858  1.00 10.01 ? 20  MET A CA  1 
ATOM   178  C C   . MET A 1 41  ? 8.964   -5.556  -9.259  1.00 10.40 ? 20  MET A C   1 
ATOM   179  O O   . MET A 1 41  ? 9.542   -6.302  -8.465  1.00 11.77 ? 20  MET A O   1 
ATOM   180  C CB  . MET A 1 41  ? 6.450   -5.735  -9.332  1.00 9.54  ? 20  MET A CB  1 
ATOM   181  C CG  . MET A 1 41  ? 5.163   -5.447  -8.563  1.00 12.83 ? 20  MET A CG  1 
ATOM   182  S SD  . MET A 1 41  ? 3.858   -6.587  -9.016  1.00 11.70 ? 20  MET A SD  1 
ATOM   183  C CE  . MET A 1 41  ? 3.557   -6.101  -10.710 1.00 13.29 ? 20  MET A CE  1 
ATOM   184  N N   . LYS A 1 42  ? 9.454   -5.252  -10.460 1.00 11.84 ? 21  LYS A N   1 
ATOM   185  C CA  . LYS A 1 42  ? 10.753  -5.774  -10.891 1.00 12.15 ? 21  LYS A CA  1 
ATOM   186  C C   . LYS A 1 42  ? 11.840  -5.303  -9.942  1.00 14.31 ? 21  LYS A C   1 
ATOM   187  O O   . LYS A 1 42  ? 12.704  -6.083  -9.536  1.00 15.74 ? 21  LYS A O   1 
ATOM   188  C CB  . LYS A 1 42  ? 11.093  -5.316  -12.307 1.00 16.22 ? 21  LYS A CB  1 
ATOM   189  C CG  . LYS A 1 42  ? 10.327  -6.022  -13.400 1.00 17.41 ? 21  LYS A CG  1 
ATOM   190  C CD  . LYS A 1 42  ? 10.860  -5.616  -14.766 1.00 20.13 ? 21  LYS A CD  1 
ATOM   191  C CE  . LYS A 1 42  ? 9.972   -6.124  -15.878 1.00 22.59 ? 21  LYS A CE  1 
ATOM   192  N NZ  . LYS A 1 42  ? 10.405  -5.592  -17.205 1.00 34.91 ? 21  LYS A NZ  1 
ATOM   193  N N   . GLU A 1 43  ? 11.787  -4.025  -9.586  1.00 14.28 ? 22  GLU A N   1 
ATOM   194  C CA  . GLU A 1 43  ? 12.805  -3.440  -8.734  1.00 13.98 ? 22  GLU A CA  1 
ATOM   195  C C   . GLU A 1 43  ? 12.746  -4.048  -7.334  1.00 13.28 ? 22  GLU A C   1 
ATOM   196  O O   . GLU A 1 43  ? 13.772  -4.238  -6.686  1.00 16.03 ? 22  GLU A O   1 
ATOM   197  C CB  . GLU A 1 43  ? 12.627  -1.921  -8.695  1.00 18.62 ? 22  GLU A CB  1 
ATOM   198  C CG  . GLU A 1 43  ? 13.891  -1.137  -8.396  1.00 23.81 ? 22  GLU A CG  1 
ATOM   199  C CD  . GLU A 1 43  ? 14.906  -1.167  -9.526  1.00 23.28 ? 22  GLU A CD  1 
ATOM   200  O OE1 . GLU A 1 43  ? 14.608  -1.724  -10.605 1.00 24.47 ? 22  GLU A OE1 1 
ATOM   201  O OE2 . GLU A 1 43  ? 16.010  -0.618  -9.328  1.00 30.79 ? 22  GLU A OE2 1 
ATOM   202  N N   . VAL A 1 44  ? 11.537  -4.361  -6.880  1.00 12.91 ? 23  VAL A N   1 
ATOM   203  C CA  . VAL A 1 44  ? 11.338  -4.993  -5.584  1.00 12.16 ? 23  VAL A CA  1 
ATOM   204  C C   . VAL A 1 44  ? 11.884  -6.423  -5.561  1.00 14.11 ? 23  VAL A C   1 
ATOM   205  O O   . VAL A 1 44  ? 12.328  -6.906  -4.519  1.00 15.49 ? 23  VAL A O   1 
ATOM   206  C CB  . VAL A 1 44  ? 9.846   -4.954  -5.180  1.00 13.18 ? 23  VAL A CB  1 
ATOM   207  C CG1 . VAL A 1 44  ? 9.565   -5.896  -4.021  1.00 13.81 ? 23  VAL A CG1 1 
ATOM   208  C CG2 . VAL A 1 44  ? 9.457   -3.535  -4.816  1.00 12.49 ? 23  VAL A CG2 1 
ATOM   209  N N   . GLY A 1 45  ? 11.864  -7.081  -6.719  1.00 12.96 ? 24  GLY A N   1 
ATOM   210  C CA  . GLY A 1 45  ? 12.359  -8.444  -6.840  1.00 14.53 ? 24  GLY A CA  1 
ATOM   211  C C   . GLY A 1 45  ? 11.279  -9.485  -7.080  1.00 13.77 ? 24  GLY A C   1 
ATOM   212  O O   . GLY A 1 45  ? 11.521  -10.688 -6.984  1.00 15.41 ? 24  GLY A O   1 
ATOM   213  N N   . VAL A 1 46  ? 10.076  -9.030  -7.407  1.00 13.22 ? 25  VAL A N   1 
ATOM   214  C CA  . VAL A 1 46  ? 8.963   -9.937  -7.651  1.00 10.77 ? 25  VAL A CA  1 
ATOM   215  C C   . VAL A 1 46  ? 9.190   -10.778 -8.903  1.00 12.36 ? 25  VAL A C   1 
ATOM   216  O O   . VAL A 1 46  ? 9.602   -10.257 -9.939  1.00 11.56 ? 25  VAL A O   1 
ATOM   217  C CB  . VAL A 1 46  ? 7.653   -9.148  -7.779  1.00 11.11 ? 25  VAL A CB  1 
ATOM   218  C CG1 . VAL A 1 46  ? 6.468   -10.086 -7.904  1.00 11.11 ? 25  VAL A CG1 1 
ATOM   219  C CG2 . VAL A 1 46  ? 7.485   -8.220  -6.579  1.00 13.15 ? 25  VAL A CG2 1 
ATOM   220  N N   . GLY A 1 47  ? 8.924   -12.078 -8.792  1.00 12.44 ? 26  GLY A N   1 
ATOM   221  C CA  . GLY A 1 47  ? 9.127   -13.002 -9.900  1.00 12.81 ? 26  GLY A CA  1 
ATOM   222  C C   . GLY A 1 47  ? 8.170   -12.788 -11.059 1.00 14.15 ? 26  GLY A C   1 
ATOM   223  O O   . GLY A 1 47  ? 7.130   -12.157 -10.898 1.00 13.72 ? 26  GLY A O   1 
ATOM   224  N N   . PHE A 1 48  ? 8.511   -13.329 -12.226 1.00 13.35 ? 27  PHE A N   1 
ATOM   225  C CA  . PHE A 1 48  ? 7.714   -13.142 -13.434 1.00 13.26 ? 27  PHE A CA  1 
ATOM   226  C C   . PHE A 1 48  ? 6.219   -13.451 -13.271 1.00 12.72 ? 27  PHE A C   1 
ATOM   227  O O   . PHE A 1 48  ? 5.372   -12.598 -13.554 1.00 12.90 ? 27  PHE A O   1 
ATOM   228  C CB  . PHE A 1 48  ? 8.297   -13.989 -14.578 1.00 13.28 ? 27  PHE A CB  1 
ATOM   229  C CG  . PHE A 1 48  ? 7.529   -13.874 -15.861 1.00 12.39 ? 27  PHE A CG  1 
ATOM   230  C CD1 . PHE A 1 48  ? 7.851   -12.895 -16.785 1.00 13.81 ? 27  PHE A CD1 1 
ATOM   231  C CD2 . PHE A 1 48  ? 6.469   -14.723 -16.138 1.00 15.33 ? 27  PHE A CD2 1 
ATOM   232  C CE1 . PHE A 1 48  ? 7.133   -12.763 -17.959 1.00 17.29 ? 27  PHE A CE1 1 
ATOM   233  C CE2 . PHE A 1 48  ? 5.745   -14.592 -17.305 1.00 14.12 ? 27  PHE A CE2 1 
ATOM   234  C CZ  . PHE A 1 48  ? 6.078   -13.614 -18.219 1.00 16.50 ? 27  PHE A CZ  1 
ATOM   235  N N   . ALA A 1 49  ? 5.895   -14.665 -12.831 1.00 12.51 ? 28  ALA A N   1 
ATOM   236  C CA  . ALA A 1 49  ? 4.504   -15.096 -12.808 1.00 12.80 ? 28  ALA A CA  1 
ATOM   237  C C   . ALA A 1 49  ? 3.697   -14.284 -11.795 1.00 12.79 ? 28  ALA A C   1 
ATOM   238  O O   . ALA A 1 49  ? 2.557   -13.918 -12.054 1.00 12.87 ? 28  ALA A O   1 
ATOM   239  C CB  . ALA A 1 49  ? 4.397   -16.596 -12.531 1.00 12.87 ? 28  ALA A CB  1 
ATOM   240  N N   . THR A 1 50  ? 4.297   -13.997 -10.647 1.00 13.34 ? 29  THR A N   1 
ATOM   241  C CA  . THR A 1 50  ? 3.630   -13.152 -9.667  1.00 12.12 ? 29  THR A CA  1 
ATOM   242  C C   . THR A 1 50  ? 3.400   -11.740 -10.211 1.00 12.21 ? 29  THR A C   1 
ATOM   243  O O   . THR A 1 50  ? 2.312   -11.179 -10.045 1.00 11.82 ? 29  THR A O   1 
ATOM   244  C CB  . THR A 1 50  ? 4.401   -13.128 -8.327  1.00 11.52 ? 29  THR A CB  1 
ATOM   245  O OG1 . THR A 1 50  ? 4.472   -14.458 -7.812  1.00 16.36 ? 29  THR A OG1 1 
ATOM   246  C CG2 . THR A 1 50  ? 3.698   -12.264 -7.302  1.00 13.84 ? 29  THR A CG2 1 
ATOM   247  N N   . ARG A 1 51  ? 4.391   -11.170 -10.895 1.00 12.02 ? 30  ARG A N   1 
ATOM   248  C CA  . ARG A 1 51  ? 4.216   -9.839  -11.479 1.00 10.89 ? 30  ARG A CA  1 
ATOM   249  C C   . ARG A 1 51  ? 3.070   -9.798  -12.471 1.00 12.65 ? 30  ARG A C   1 
ATOM   250  O O   . ARG A 1 51  ? 2.296   -8.851  -12.483 1.00 12.23 ? 30  ARG A O   1 
ATOM   251  C CB  . ARG A 1 51  ? 5.468   -9.331  -12.195 1.00 12.57 ? 30  ARG A CB  1 
ATOM   252  C CG  . ARG A 1 51  ? 6.624   -8.956  -11.310 1.00 14.84 ? 30  ARG A CG  1 
ATOM   253  C CD  . ARG A 1 51  ? 7.534   -7.972  -12.042 1.00 13.72 ? 30  ARG A CD  1 
ATOM   254  N NE  . ARG A 1 51  ? 7.811   -8.373  -13.422 1.00 14.17 ? 30  ARG A NE  1 
ATOM   255  C CZ  . ARG A 1 51  ? 8.731   -9.269  -13.769 1.00 15.38 ? 30  ARG A CZ  1 
ATOM   256  N NH1 . ARG A 1 51  ? 9.459   -9.873  -12.836 1.00 14.48 ? 30  ARG A NH1 1 
ATOM   257  N NH2 . ARG A 1 51  ? 8.918   -9.567  -15.051 1.00 15.29 ? 30  ARG A NH2 1 
ATOM   258  N N   . LYS A 1 52  ? 2.964   -10.819 -13.312 1.00 11.17 ? 31  LYS A N   1 
ATOM   259  C CA  . LYS A 1 52  ? 1.941   -10.809 -14.348 1.00 12.55 ? 31  LYS A CA  1 
ATOM   260  C C   . LYS A 1 52  ? 0.551   -10.864 -13.732 1.00 14.52 ? 31  LYS A C   1 
ATOM   261  O O   . LYS A 1 52  ? -0.341  -10.109 -14.126 1.00 15.01 ? 31  LYS A O   1 
ATOM   262  C CB  . LYS A 1 52  ? 2.153   -11.967 -15.329 1.00 11.51 ? 31  LYS A CB  1 
ATOM   263  C CG  . LYS A 1 52  ? 3.428   -11.839 -16.147 1.00 15.29 ? 31  LYS A CG  1 
ATOM   264  C CD  . LYS A 1 52  ? 3.452   -10.513 -16.893 1.00 19.20 ? 31  LYS A CD  1 
ATOM   265  C CE  . LYS A 1 52  ? 4.874   -10.102 -17.237 1.00 21.11 ? 31  LYS A CE  1 
ATOM   266  N NZ  . LYS A 1 52  ? 4.921   -8.799  -17.958 1.00 28.69 ? 31  LYS A NZ  1 
ATOM   267  N N   . VAL A 1 53  ? 0.376   -11.742 -12.754 1.00 11.42 ? 32  VAL A N   1 
ATOM   268  C CA  . VAL A 1 53  ? -0.935  -11.925 -12.145 1.00 11.17 ? 32  VAL A CA  1 
ATOM   269  C C   . VAL A 1 53  ? -1.261  -10.747 -11.226 1.00 12.01 ? 32  VAL A C   1 
ATOM   270  O O   . VAL A 1 53  ? -2.379  -10.218 -11.261 1.00 13.63 ? 32  VAL A O   1 
ATOM   271  C CB  . VAL A 1 53  ? -1.035  -13.284 -11.411 1.00 12.78 ? 32  VAL A CB  1 
ATOM   272  C CG1 . VAL A 1 53  ? -2.372  -13.418 -10.708 1.00 16.75 ? 32  VAL A CG1 1 
ATOM   273  C CG2 . VAL A 1 53  ? -0.864  -14.416 -12.413 1.00 16.35 ? 32  VAL A CG2 1 
ATOM   274  N N   . ALA A 1 54  ? -0.291  -10.314 -10.424 1.00 12.41 ? 33  ALA A N   1 
ATOM   275  C CA  . ALA A 1 54  ? -0.514  -9.161  -9.545  1.00 11.11 ? 33  ALA A CA  1 
ATOM   276  C C   . ALA A 1 54  ? -0.728  -7.865  -10.316 1.00 11.31 ? 33  ALA A C   1 
ATOM   277  O O   . ALA A 1 54  ? -1.499  -7.000  -9.886  1.00 11.94 ? 33  ALA A O   1 
ATOM   278  C CB  . ALA A 1 54  ? 0.634   -9.001  -8.533  1.00 11.28 ? 33  ALA A CB  1 
ATOM   279  N N   . GLY A 1 55  ? -0.072  -7.721  -11.463 1.00 13.03 ? 34  GLY A N   1 
ATOM   280  C CA  . GLY A 1 55  ? -0.230  -6.524  -12.267 1.00 12.89 ? 34  GLY A CA  1 
ATOM   281  C C   . GLY A 1 55  ? -1.611  -6.429  -12.899 1.00 12.22 ? 34  GLY A C   1 
ATOM   282  O O   . GLY A 1 55  ? -2.104  -5.339  -13.168 1.00 14.47 ? 34  GLY A O   1 
ATOM   283  N N   . MET A 1 56  ? -2.242  -7.580  -13.120 1.00 10.85 ? 35  MET A N   1 
ATOM   284  C CA  . MET A 1 56  ? -3.605  -7.638  -13.640 1.00 11.44 ? 35  MET A CA  1 
ATOM   285  C C   . MET A 1 56  ? -4.669  -7.285  -12.599 1.00 12.84 ? 35  MET A C   1 
ATOM   286  O O   . MET A 1 56  ? -5.801  -6.952  -12.940 1.00 13.65 ? 35  MET A O   1 
ATOM   287  C CB  . MET A 1 56  ? -3.879  -9.047  -14.196 1.00 14.93 ? 35  MET A CB  1 
ATOM   288  C CG  . MET A 1 56  ? -3.196  -9.346  -15.524 1.00 12.17 ? 35  MET A CG  1 
ATOM   289  S SD  . MET A 1 56  ? -3.940  -8.423  -16.878 1.00 14.10 ? 35  MET A SD  1 
ATOM   290  C CE  . MET A 1 56  ? -5.619  -9.021  -16.830 1.00 17.48 ? 35  MET A CE  1 
ATOM   291  N N   . ALA A 1 57  ? -4.294  -7.357  -11.327 1.00 11.78 ? 36  ALA A N   1 
ATOM   292  C CA  . ALA A 1 57  ? -5.252  -7.184  -10.255 1.00 10.91 ? 36  ALA A CA  1 
ATOM   293  C C   . ALA A 1 57  ? -5.783  -5.766  -10.196 1.00 12.54 ? 36  ALA A C   1 
ATOM   294  O O   . ALA A 1 57  ? -5.061  -4.794  -10.433 1.00 12.85 ? 36  ALA A O   1 
ATOM   295  C CB  . ALA A 1 57  ? -4.626  -7.564  -8.930  1.00 11.12 ? 36  ALA A CB  1 
ATOM   296  N N   . LYS A 1 58  ? -7.058  -5.666  -9.859  1.00 11.50 ? 37  LYS A N   1 
ATOM   297  C CA  . LYS A 1 58  ? -7.714  -4.376  -9.668  1.00 11.85 ? 37  LYS A CA  1 
ATOM   298  C C   . LYS A 1 58  ? -8.310  -4.377  -8.268  1.00 12.88 ? 37  LYS A C   1 
ATOM   299  O O   . LYS A 1 58  ? -9.516  -4.589  -8.101  1.00 13.38 ? 37  LYS A O   1 
ATOM   300  C CB  . LYS A 1 58  ? -8.806  -4.175  -10.724 1.00 15.09 ? 37  LYS A CB  1 
ATOM   301  C CG  . LYS A 1 58  ? -8.276  -4.160  -12.155 1.00 19.83 ? 37  LYS A CG  1 
ATOM   302  C CD  . LYS A 1 58  ? -7.631  -2.818  -12.471 1.00 24.91 ? 37  LYS A CD  1 
ATOM   303  N N   . PRO A 1 59  ? -7.461  -4.168  -7.240  1.00 11.52 ? 38  PRO A N   1 
ATOM   304  C CA  . PRO A 1 59  ? -7.928  -4.362  -5.866  1.00 12.60 ? 38  PRO A CA  1 
ATOM   305  C C   . PRO A 1 59  ? -8.887  -3.288  -5.378  1.00 11.53 ? 38  PRO A C   1 
ATOM   306  O O   . PRO A 1 59  ? -8.892  -2.155  -5.858  1.00 13.77 ? 38  PRO A O   1 
ATOM   307  C CB  . PRO A 1 59  ? -6.640  -4.272  -5.038  1.00 14.73 ? 38  PRO A CB  1 
ATOM   308  C CG  . PRO A 1 59  ? -5.526  -4.434  -6.007  1.00 14.46 ? 38  PRO A CG  1 
ATOM   309  C CD  . PRO A 1 59  ? -6.033  -3.819  -7.270  1.00 12.97 ? 38  PRO A CD  1 
ATOM   310  N N   . ASN A 1 60  ? -9.699  -3.695  -4.413  1.00 11.67 ? 39  ASN A N   1 
ATOM   311  C CA  . ASN A 1 60  ? -10.392 -2.767  -3.535  1.00 14.69 ? 39  ASN A CA  1 
ATOM   312  C C   . ASN A 1 60  ? -9.563  -2.593  -2.276  1.00 14.50 ? 39  ASN A C   1 
ATOM   313  O O   . ASN A 1 60  ? -9.066  -3.562  -1.707  1.00 14.80 ? 39  ASN A O   1 
ATOM   314  C CB  . ASN A 1 60  ? -11.771 -3.295  -3.185  1.00 14.35 ? 39  ASN A CB  1 
ATOM   315  C CG  . ASN A 1 60  ? -12.827 -2.865  -4.183  1.00 19.80 ? 39  ASN A CG  1 
ATOM   316  O OD1 . ASN A 1 60  ? -12.522 -2.528  -5.325  1.00 23.18 ? 39  ASN A OD1 1 
ATOM   317  N ND2 . ASN A 1 60  ? -14.081 -2.843  -3.741  1.00 27.56 ? 39  ASN A ND2 1 
ATOM   318  N N   . MET A 1 61  ? -9.387  -1.347  -1.859  1.00 12.31 ? 40  MET A N   1 
ATOM   319  C CA  . MET A 1 61  ? -8.657  -1.059  -0.637  1.00 11.84 ? 40  MET A CA  1 
ATOM   320  C C   . MET A 1 61  ? -9.660  -0.566  0.377   1.00 13.27 ? 40  MET A C   1 
ATOM   321  O O   . MET A 1 61  ? -10.426 0.351   0.100   1.00 14.20 ? 40  MET A O   1 
ATOM   322  C CB  . MET A 1 61  ? -7.576  -0.008  -0.900  1.00 15.35 ? 40  MET A CB  1 
ATOM   323  C CG  . MET A 1 61  ? -6.745  0.375   0.312   1.00 16.74 ? 40  MET A CG  1 
ATOM   324  S SD  . MET A 1 61  ? -5.354  1.444   -0.144  1.00 21.75 ? 40  MET A SD  1 
ATOM   325  C CE  . MET A 1 61  ? -6.194  2.630   -1.193  1.00 19.25 ? 40  MET A CE  1 
ATOM   326  N N   . ILE A 1 62  ? -9.672  -1.205  1.539   1.00 11.54 ? 41  ILE A N   1 
ATOM   327  C CA  . ILE A 1 62  ? -10.628 -0.863  2.583   1.00 13.64 ? 41  ILE A CA  1 
ATOM   328  C C   . ILE A 1 62  ? -9.857  -0.390  3.790   1.00 11.13 ? 41  ILE A C   1 
ATOM   329  O O   . ILE A 1 62  ? -9.050  -1.137  4.352   1.00 12.82 ? 41  ILE A O   1 
ATOM   330  C CB  . ILE A 1 62  ? -11.495 -2.060  2.974   1.00 15.58 ? 41  ILE A CB  1 
ATOM   331  C CG1 . ILE A 1 62  ? -12.155 -2.650  1.722   1.00 18.90 ? 41  ILE A CG1 1 
ATOM   332  C CG2 . ILE A 1 62  ? -12.539 -1.629  3.982   1.00 17.20 ? 41  ILE A CG2 1 
ATOM   333  C CD1 . ILE A 1 62  ? -12.242 -4.159  1.711   1.00 25.85 ? 41  ILE A CD1 1 
ATOM   334  N N   . ILE A 1 63  ? -10.100 0.859   4.178   1.00 9.77  ? 42  ILE A N   1 
ATOM   335  C CA  . ILE A 1 63  ? -9.350  1.460   5.273   1.00 9.98  ? 42  ILE A CA  1 
ATOM   336  C C   . ILE A 1 63  ? -10.297 1.824   6.395   1.00 10.32 ? 42  ILE A C   1 
ATOM   337  O O   . ILE A 1 63  ? -11.340 2.447   6.177   1.00 11.18 ? 42  ILE A O   1 
ATOM   338  C CB  . ILE A 1 63  ? -8.563  2.702   4.807   1.00 9.09  ? 42  ILE A CB  1 
ATOM   339  C CG1 . ILE A 1 63  ? -7.600  2.300   3.682   1.00 10.75 ? 42  ILE A CG1 1 
ATOM   340  C CG2 . ILE A 1 63  ? -7.806  3.339   5.977   1.00 9.11  ? 42  ILE A CG2 1 
ATOM   341  C CD1 . ILE A 1 63  ? -6.886  3.464   3.043   1.00 12.29 ? 42  ILE A CD1 1 
ATOM   342  N N   . SER A 1 64  ? -9.937  1.424   7.602   1.00 9.38  ? 43  SER A N   1 
ATOM   343  C CA  . SER A 1 64  ? -10.753 1.727   8.752   1.00 10.22 ? 43  SER A CA  1 
ATOM   344  C C   . SER A 1 64  ? -9.870  2.119   9.919   1.00 9.95  ? 43  SER A C   1 
ATOM   345  O O   . SER A 1 64  ? -8.674  1.777   9.975   1.00 9.76  ? 43  SER A O   1 
ATOM   346  C CB  . SER A 1 64  ? -11.636 0.531   9.105   1.00 13.34 ? 43  SER A CB  1 
ATOM   347  O OG  . SER A 1 64  ? -10.860 -0.587  9.472   1.00 15.14 ? 43  SER A OG  1 
ATOM   348  N N   . VAL A 1 65  ? -10.460 2.850   10.854  1.00 12.56 ? 44  VAL A N   1 
ATOM   349  C CA  . VAL A 1 65  ? -9.750  3.298   12.039  1.00 12.02 ? 44  VAL A CA  1 
ATOM   350  C C   . VAL A 1 65  ? -10.590 2.992   13.268  1.00 12.54 ? 44  VAL A C   1 
ATOM   351  O O   . VAL A 1 65  ? -11.793 3.266   13.295  1.00 14.96 ? 44  VAL A O   1 
ATOM   352  C CB  . VAL A 1 65  ? -9.435  4.807   11.972  1.00 11.93 ? 44  VAL A CB  1 
ATOM   353  C CG1 . VAL A 1 65  ? -8.736  5.264   13.241  1.00 15.02 ? 44  VAL A CG1 1 
ATOM   354  C CG2 . VAL A 1 65  ? -8.555  5.107   10.781  1.00 14.08 ? 44  VAL A CG2 1 
ATOM   355  N N   . ASN A 1 66  ? -9.969  2.386   14.270  1.00 11.94 ? 45  ASN A N   1 
ATOM   356  C CA  . ASN A 1 66  ? -10.663 2.104   15.521  1.00 11.61 ? 45  ASN A CA  1 
ATOM   357  C C   . ASN A 1 66  ? -9.716  2.475   16.649  1.00 12.08 ? 45  ASN A C   1 
ATOM   358  O O   . ASN A 1 66  ? -8.752  1.768   16.916  1.00 12.66 ? 45  ASN A O   1 
ATOM   359  C CB  . ASN A 1 66  ? -11.086 0.632   15.569  1.00 13.09 ? 45  ASN A CB  1 
ATOM   360  C CG  . ASN A 1 66  ? -11.928 0.289   16.788  1.00 15.09 ? 45  ASN A CG  1 
ATOM   361  O OD1 . ASN A 1 66  ? -11.754 0.856   17.868  1.00 16.14 ? 45  ASN A OD1 1 
ATOM   362  N ND2 . ASN A 1 66  ? -12.831 -0.668  16.624  1.00 13.94 ? 45  ASN A ND2 1 
ATOM   363  N N   . GLY A 1 67  ? -9.996  3.591   17.319  1.00 14.53 ? 46  GLY A N   1 
ATOM   364  C CA  . GLY A 1 67  ? -9.040  4.143   18.262  1.00 14.33 ? 46  GLY A CA  1 
ATOM   365  C C   . GLY A 1 67  ? -7.704  4.440   17.591  1.00 16.48 ? 46  GLY A C   1 
ATOM   366  O O   . GLY A 1 67  ? -7.647  5.181   16.607  1.00 18.41 ? 46  GLY A O   1 
ATOM   367  N N   . ASP A 1 68  ? -6.632  3.863   18.123  1.00 15.05 ? 47  ASP A N   1 
ATOM   368  C CA  . ASP A 1 68  ? -5.287  4.083   17.607  1.00 15.14 ? 47  ASP A CA  1 
ATOM   369  C C   . ASP A 1 68  ? -4.936  3.094   16.511  1.00 13.90 ? 47  ASP A C   1 
ATOM   370  O O   . ASP A 1 68  ? -3.867  3.199   15.912  1.00 15.16 ? 47  ASP A O   1 
ATOM   371  C CB  . ASP A 1 68  ? -4.248  3.946   18.719  1.00 18.10 ? 47  ASP A CB  1 
ATOM   372  C CG  . ASP A 1 68  ? -4.218  5.145   19.643  1.00 26.42 ? 47  ASP A CG  1 
ATOM   373  O OD1 . ASP A 1 68  ? -4.550  6.260   19.185  1.00 27.86 ? 47  ASP A OD1 1 
ATOM   374  O OD2 . ASP A 1 68  ? -3.849  4.967   20.822  1.00 32.82 ? 47  ASP A OD2 1 
ATOM   375  N N   . VAL A 1 69  ? -5.817  2.127   16.259  1.00 11.09 ? 48  VAL A N   1 
ATOM   376  C CA  . VAL A 1 69  ? -5.499  1.058   15.306  1.00 10.38 ? 48  VAL A CA  1 
ATOM   377  C C   . VAL A 1 69  ? -6.071  1.332   13.924  1.00 11.01 ? 48  VAL A C   1 
ATOM   378  O O   . VAL A 1 69  ? -7.277  1.491   13.754  1.00 11.21 ? 48  VAL A O   1 
ATOM   379  C CB  . VAL A 1 69  ? -5.986  -0.323  15.789  1.00 10.99 ? 48  VAL A CB  1 
ATOM   380  C CG1 . VAL A 1 69  ? -5.567  -1.410  14.808  1.00 11.88 ? 48  VAL A CG1 1 
ATOM   381  C CG2 . VAL A 1 69  ? -5.416  -0.625  17.154  1.00 12.27 ? 48  VAL A CG2 1 
ATOM   382  N N   . ILE A 1 70  ? -5.186  1.385   12.939  1.00 9.50  ? 49  ILE A N   1 
ATOM   383  C CA  . ILE A 1 70  ? -5.594  1.556   11.552  1.00 8.83  ? 49  ILE A CA  1 
ATOM   384  C C   . ILE A 1 70  ? -5.505  0.201   10.868  1.00 9.40  ? 49  ILE A C   1 
ATOM   385  O O   . ILE A 1 70  ? -4.533  -0.532  11.068  1.00 9.46  ? 49  ILE A O   1 
ATOM   386  C CB  . ILE A 1 70  ? -4.672  2.540   10.840  1.00 8.81  ? 49  ILE A CB  1 
ATOM   387  C CG1 . ILE A 1 70  ? -4.683  3.889   11.569  1.00 11.64 ? 49  ILE A CG1 1 
ATOM   388  C CG2 . ILE A 1 70  ? -5.084  2.697   9.393   1.00 9.57  ? 49  ILE A CG2 1 
ATOM   389  C CD1 . ILE A 1 70  ? -3.516  4.785   11.198  1.00 16.78 ? 49  ILE A CD1 1 
ATOM   390  N N   . THR A 1 71  ? -6.516  -0.134  10.077  1.00 9.19  ? 50  THR A N   1 
ATOM   391  C CA  . THR A 1 71  ? -6.515  -1.392  9.335   1.00 8.50  ? 50  THR A CA  1 
ATOM   392  C C   . THR A 1 71  ? -6.638  -1.088  7.851   1.00 8.49  ? 50  THR A C   1 
ATOM   393  O O   . THR A 1 71  ? -7.521  -0.322  7.437   1.00 9.13  ? 50  THR A O   1 
ATOM   394  C CB  . THR A 1 71  ? -7.679  -2.315  9.770   1.00 9.23  ? 50  THR A CB  1 
ATOM   395  O OG1 . THR A 1 71  ? -7.535  -2.655  11.156  1.00 11.53 ? 50  THR A OG1 1 
ATOM   396  C CG2 . THR A 1 71  ? -7.679  -3.594  8.953   1.00 12.17 ? 50  THR A CG2 1 
ATOM   397  N N   . ILE A 1 72  ? -5.741  -1.663  7.057   1.00 7.30  ? 51  ILE A N   1 
ATOM   398  C CA  . ILE A 1 72  ? -5.803  -1.536  5.601   1.00 7.84  ? 51  ILE A CA  1 
ATOM   399  C C   . ILE A 1 72  ? -5.950  -2.924  5.000   1.00 8.79  ? 51  ILE A C   1 
ATOM   400  O O   . ILE A 1 72  ? -5.078  -3.777  5.173   1.00 8.98  ? 51  ILE A O   1 
ATOM   401  C CB  . ILE A 1 72  ? -4.555  -0.850  5.012   1.00 7.83  ? 51  ILE A CB  1 
ATOM   402  C CG1 . ILE A 1 72  ? -4.411  0.559   5.587   1.00 9.24  ? 51  ILE A CG1 1 
ATOM   403  C CG2 . ILE A 1 72  ? -4.628  -0.784  3.468   1.00 10.24 ? 51  ILE A CG2 1 
ATOM   404  C CD1 . ILE A 1 72  ? -3.120  1.251   5.179   1.00 13.43 ? 51  ILE A CD1 1 
ATOM   405  N N   . LYS A 1 73  ? -7.074  -3.147  4.326   1.00 10.57 ? 52  LYS A N   1 
ATOM   406  C CA  . LYS A 1 73  ? -7.308  -4.403  3.633   1.00 11.53 ? 52  LYS A CA  1 
ATOM   407  C C   . LYS A 1 73  ? -7.166  -4.177  2.144   1.00 12.28 ? 52  LYS A C   1 
ATOM   408  O O   . LYS A 1 73  ? -7.539  -3.118  1.622   1.00 12.93 ? 52  LYS A O   1 
ATOM   409  C CB  . LYS A 1 73  ? -8.716  -4.927  3.915   1.00 14.07 ? 52  LYS A CB  1 
ATOM   410  C CG  . LYS A 1 73  ? -9.006  -5.267  5.354   1.00 16.10 ? 52  LYS A CG  1 
ATOM   411  C CD  . LYS A 1 73  ? -10.489 -5.540  5.552   1.00 21.65 ? 52  LYS A CD  1 
ATOM   412  C CE  . LYS A 1 73  ? -10.783 -7.023  5.674   1.00 30.25 ? 52  LYS A CE  1 
ATOM   413  N NZ  . LYS A 1 73  ? -12.185 -7.255  6.138   1.00 35.35 ? 52  LYS A NZ  1 
ATOM   414  N N   . SER A 1 74  ? -6.637  -5.176  1.455   1.00 9.99  ? 53  SER A N   1 
ATOM   415  C CA  . SER A 1 74  ? -6.602  -5.153  0.000   1.00 11.43 ? 53  SER A CA  1 
ATOM   416  C C   . SER A 1 74  ? -7.267  -6.420  -0.504  1.00 12.80 ? 53  SER A C   1 
ATOM   417  O O   . SER A 1 74  ? -6.820  -7.521  -0.181  1.00 14.57 ? 53  SER A O   1 
ATOM   418  C CB  . SER A 1 74  ? -5.161  -5.080  -0.496  1.00 15.32 ? 53  SER A CB  1 
ATOM   419  O OG  . SER A 1 74  ? -5.119  -5.042  -1.917  1.00 16.23 ? 53  SER A OG  1 
ATOM   420  N N   . GLU A 1 75  ? -8.326  -6.271  -1.294  1.00 11.51 ? 54  GLU A N   1 
ATOM   421  C CA  . GLU A 1 75  ? -9.054  -7.429  -1.802  1.00 13.93 ? 54  GLU A CA  1 
ATOM   422  C C   . GLU A 1 75  ? -9.053  -7.470  -3.319  1.00 13.70 ? 54  GLU A C   1 
ATOM   423  O O   . GLU A 1 75  ? -9.427  -6.506  -3.976  1.00 12.99 ? 54  GLU A O   1 
ATOM   424  C CB  . GLU A 1 75  ? -10.487 -7.443  -1.278  1.00 19.15 ? 54  GLU A CB  1 
ATOM   425  C CG  . GLU A 1 75  ? -10.570 -7.701  0.206   1.00 20.32 ? 54  GLU A CG  1 
ATOM   426  C CD  . GLU A 1 75  ? -11.979 -7.596  0.740   1.00 26.91 ? 54  GLU A CD  1 
ATOM   427  O OE1 . GLU A 1 75  ? -12.873 -7.133  -0.007  1.00 29.26 ? 54  GLU A OE1 1 
ATOM   428  O OE2 . GLU A 1 75  ? -12.186 -7.972  1.915   1.00 30.96 ? 54  GLU A OE2 1 
ATOM   429  N N   . SER A 1 76  ? -8.629  -8.599  -3.869  1.00 12.95 ? 55  SER A N   1 
ATOM   430  C CA  . SER A 1 76  ? -8.582  -8.748  -5.319  1.00 13.89 ? 55  SER A CA  1 
ATOM   431  C C   . SER A 1 76  ? -8.631  -10.216 -5.684  1.00 13.76 ? 55  SER A C   1 
ATOM   432  O O   . SER A 1 76  ? -8.649  -11.079 -4.811  1.00 15.41 ? 55  SER A O   1 
ATOM   433  C CB  . SER A 1 76  ? -7.327  -8.081  -5.905  1.00 14.32 ? 55  SER A CB  1 
ATOM   434  O OG  . SER A 1 76  ? -6.157  -8.810  -5.615  1.00 12.65 ? 55  SER A OG  1 
ATOM   435  N N   . THR A 1 77  ? -8.657  -10.508 -6.978  1.00 14.47 ? 56  THR A N   1 
ATOM   436  C CA  . THR A 1 77  ? -8.613  -11.892 -7.424  1.00 17.35 ? 56  THR A CA  1 
ATOM   437  C C   . THR A 1 77  ? -7.264  -12.539 -7.135  1.00 18.02 ? 56  THR A C   1 
ATOM   438  O O   . THR A 1 77  ? -7.171  -13.759 -7.046  1.00 17.79 ? 56  THR A O   1 
ATOM   439  C CB  . THR A 1 77  ? -8.918  -12.009 -8.930  1.00 15.98 ? 56  THR A CB  1 
ATOM   440  O OG1 . THR A 1 77  ? -7.950  -11.261 -9.681  1.00 15.70 ? 56  THR A OG1 1 
ATOM   441  C CG2 . THR A 1 77  ? -10.316 -11.475 -9.227  1.00 17.06 ? 56  THR A CG2 1 
ATOM   442  N N   . PHE A 1 78  ? -6.222  -11.721 -6.993  1.00 15.78 ? 57  PHE A N   1 
ATOM   443  C CA  . PHE A 1 78  ? -4.869  -12.220 -6.754  1.00 14.10 ? 57  PHE A CA  1 
ATOM   444  C C   . PHE A 1 78  ? -4.670  -12.668 -5.312  1.00 17.19 ? 57  PHE A C   1 
ATOM   445  O O   . PHE A 1 78  ? -4.257  -13.802 -5.050  1.00 18.02 ? 57  PHE A O   1 
ATOM   446  C CB  . PHE A 1 78  ? -3.835  -11.152 -7.117  1.00 14.97 ? 57  PHE A CB  1 
ATOM   447  C CG  . PHE A 1 78  ? -2.426  -11.523 -6.756  1.00 16.91 ? 57  PHE A CG  1 
ATOM   448  C CD1 . PHE A 1 78  ? -1.865  -12.703 -7.219  1.00 17.35 ? 57  PHE A CD1 1 
ATOM   449  C CD2 . PHE A 1 78  ? -1.656  -10.690 -5.967  1.00 20.46 ? 57  PHE A CD2 1 
ATOM   450  C CE1 . PHE A 1 78  ? -0.562  -13.049 -6.887  1.00 20.61 ? 57  PHE A CE1 1 
ATOM   451  C CE2 . PHE A 1 78  ? -0.357  -11.031 -5.633  1.00 18.40 ? 57  PHE A CE2 1 
ATOM   452  C CZ  . PHE A 1 78  ? 0.189   -12.210 -6.085  1.00 20.14 ? 57  PHE A CZ  1 
ATOM   453  N N   . LYS A 1 79  ? -4.980  -11.776 -4.380  1.00 17.15 ? 58  LYS A N   1 
ATOM   454  C CA  . LYS A 1 79  ? -4.734  -12.038 -2.972  1.00 16.25 ? 58  LYS A CA  1 
ATOM   455  C C   . LYS A 1 79  ? -5.586  -11.110 -2.122  1.00 16.71 ? 58  LYS A C   1 
ATOM   456  O O   . LYS A 1 79  ? -5.915  -9.995  -2.533  1.00 17.81 ? 58  LYS A O   1 
ATOM   457  C CB  . LYS A 1 79  ? -3.244  -11.835 -2.670  1.00 19.09 ? 58  LYS A CB  1 
ATOM   458  C CG  . LYS A 1 79  ? -2.836  -12.005 -1.218  1.00 26.92 ? 58  LYS A CG  1 
ATOM   459  C CD  . LYS A 1 79  ? -2.736  -13.465 -0.794  1.00 27.28 ? 58  LYS A CD  1 
ATOM   460  C CE  . LYS A 1 79  ? -2.609  -13.580 0.728   1.00 31.21 ? 58  LYS A CE  1 
ATOM   461  N NZ  . LYS A 1 79  ? -2.666  -14.993 1.204   1.00 38.64 ? 58  LYS A NZ  1 
ATOM   462  N N   . ASN A 1 80  ? -5.978  -11.591 -0.950  1.00 17.43 ? 59  ASN A N   1 
ATOM   463  C CA  . ASN A 1 80  ? -6.611  -10.738 0.043   1.00 15.10 ? 59  ASN A CA  1 
ATOM   464  C C   . ASN A 1 80  ? -5.604  -10.520 1.156   1.00 18.60 ? 59  ASN A C   1 
ATOM   465  O O   . ASN A 1 80  ? -5.111  -11.480 1.745   1.00 23.33 ? 59  ASN A O   1 
ATOM   466  C CB  . ASN A 1 80  ? -7.882  -11.387 0.584   1.00 17.81 ? 59  ASN A CB  1 
ATOM   467  C CG  . ASN A 1 80  ? -8.947  -11.555 -0.485  1.00 23.21 ? 59  ASN A CG  1 
ATOM   468  O OD1 . ASN A 1 80  ? -9.065  -10.735 -1.398  1.00 20.86 ? 59  ASN A OD1 1 
ATOM   469  N ND2 . ASN A 1 80  ? -9.726  -12.626 -0.379  1.00 32.18 ? 59  ASN A ND2 1 
ATOM   470  N N   . THR A 1 81  ? -5.255  -9.265  1.409   1.00 13.52 ? 60  THR A N   1 
ATOM   471  C CA  . THR A 1 81  ? -4.313  -8.964  2.478   1.00 13.76 ? 60  THR A CA  1 
ATOM   472  C C   . THR A 1 81  ? -4.958  -8.040  3.497   1.00 12.27 ? 60  THR A C   1 
ATOM   473  O O   . THR A 1 81  ? -5.909  -7.323  3.198   1.00 11.76 ? 60  THR A O   1 
ATOM   474  C CB  . THR A 1 81  ? -3.013  -8.301  1.962   1.00 13.95 ? 60  THR A CB  1 
ATOM   475  O OG1 . THR A 1 81  ? -3.314  -7.028  1.376   1.00 13.72 ? 60  THR A OG1 1 
ATOM   476  C CG2 . THR A 1 81  ? -2.324  -9.175  0.935   1.00 16.88 ? 60  THR A CG2 1 
ATOM   477  N N   . GLU A 1 82  ? -4.425  -8.066  4.706   1.00 12.25 ? 61  GLU A N   1 
ATOM   478  C CA  . GLU A 1 82  ? -4.904  -7.194  5.756   1.00 11.86 ? 61  GLU A CA  1 
ATOM   479  C C   . GLU A 1 82  ? -3.750  -6.876  6.680   1.00 11.89 ? 61  GLU A C   1 
ATOM   480  O O   . GLU A 1 82  ? -3.030  -7.779  7.125   1.00 13.57 ? 61  GLU A O   1 
ATOM   481  C CB  . GLU A 1 82  ? -6.039  -7.859  6.532   1.00 16.69 ? 61  GLU A CB  1 
ATOM   482  C CG  . GLU A 1 82  ? -6.570  -7.022  7.682   1.00 18.61 ? 61  GLU A CG  1 
ATOM   483  C CD  . GLU A 1 82  ? -7.693  -7.715  8.437   1.00 28.49 ? 61  GLU A CD  1 
ATOM   484  O OE1 . GLU A 1 82  ? -7.808  -7.507  9.665   1.00 30.76 ? 61  GLU A OE1 1 
ATOM   485  O OE2 . GLU A 1 82  ? -8.459  -8.469  7.801   1.00 33.11 ? 61  GLU A OE2 1 
ATOM   486  N N   . ILE A 1 83  ? -3.551  -5.590  6.946   1.00 10.03 ? 62  ILE A N   1 
ATOM   487  C CA  . ILE A 1 83  ? -2.602  -5.187  7.971   1.00 7.85  ? 62  ILE A CA  1 
ATOM   488  C C   . ILE A 1 83  ? -3.290  -4.265  8.956   1.00 9.29  ? 62  ILE A C   1 
ATOM   489  O O   . ILE A 1 83  ? -4.104  -3.425  8.575   1.00 9.96  ? 62  ILE A O   1 
ATOM   490  C CB  . ILE A 1 83  ? -1.343  -4.479  7.405   1.00 8.77  ? 62  ILE A CB  1 
ATOM   491  C CG1 . ILE A 1 83  ? -1.714  -3.266  6.551   1.00 10.91 ? 62  ILE A CG1 1 
ATOM   492  C CG2 . ILE A 1 83  ? -0.494  -5.463  6.609   1.00 11.74 ? 62  ILE A CG2 1 
ATOM   493  C CD1 . ILE A 1 83  ? -0.518  -2.452  6.095   1.00 12.83 ? 62  ILE A CD1 1 
ATOM   494  N N   . SER A 1 84  ? -2.984  -4.457  10.230  1.00 8.66  ? 63  SER A N   1 
ATOM   495  C CA  . SER A 1 84  ? -3.436  -3.553  11.278  1.00 9.49  ? 63  SER A CA  1 
ATOM   496  C C   . SER A 1 84  ? -2.209  -3.042  12.019  1.00 9.73  ? 63  SER A C   1 
ATOM   497  O O   . SER A 1 84  ? -1.251  -3.785  12.220  1.00 11.02 ? 63  SER A O   1 
ATOM   498  C CB  . SER A 1 84  ? -4.382  -4.257  12.247  1.00 11.41 ? 63  SER A CB  1 
ATOM   499  O OG  . SER A 1 84  ? -5.600  -4.592  11.605  1.00 12.05 ? 63  SER A OG  1 
ATOM   500  N N   . PHE A 1 85  ? -2.226  -1.771  12.403  1.00 9.29  ? 64  PHE A N   1 
ATOM   501  C CA  . PHE A 1 85  ? -1.029  -1.151  12.952  1.00 8.76  ? 64  PHE A CA  1 
ATOM   502  C C   . PHE A 1 85  ? -1.348  0.115   13.718  1.00 8.74  ? 64  PHE A C   1 
ATOM   503  O O   . PHE A 1 85  ? -2.435  0.693   13.581  1.00 10.12 ? 64  PHE A O   1 
ATOM   504  C CB  . PHE A 1 85  ? -0.034  -0.815  11.825  1.00 9.14  ? 64  PHE A CB  1 
ATOM   505  C CG  . PHE A 1 85  ? -0.607  0.084   10.768  1.00 9.54  ? 64  PHE A CG  1 
ATOM   506  C CD1 . PHE A 1 85  ? -1.290  -0.448  9.689   1.00 9.97  ? 64  PHE A CD1 1 
ATOM   507  C CD2 . PHE A 1 85  ? -0.492  1.469   10.872  1.00 9.58  ? 64  PHE A CD2 1 
ATOM   508  C CE1 . PHE A 1 85  ? -1.852  0.377   8.726   1.00 8.87  ? 64  PHE A CE1 1 
ATOM   509  C CE2 . PHE A 1 85  ? -1.047  2.301   9.909   1.00 8.32  ? 64  PHE A CE2 1 
ATOM   510  C CZ  . PHE A 1 85  ? -1.717  1.750   8.832   1.00 10.88 ? 64  PHE A CZ  1 
ATOM   511  N N   . ILE A 1 86  ? -0.383  0.536   14.518  1.00 10.16 ? 65  ILE A N   1 
ATOM   512  C CA  . ILE A 1 86  ? -0.456  1.796   15.232  1.00 9.23  ? 65  ILE A CA  1 
ATOM   513  C C   . ILE A 1 86  ? 0.649   2.675   14.663  1.00 9.08  ? 65  ILE A C   1 
ATOM   514  O O   . ILE A 1 86  ? 1.745   2.182   14.371  1.00 9.16  ? 65  ILE A O   1 
ATOM   515  C CB  . ILE A 1 86  ? -0.251  1.571   16.734  1.00 10.34 ? 65  ILE A CB  1 
ATOM   516  C CG1 . ILE A 1 86  ? -1.425  0.767   17.299  1.00 11.71 ? 65  ILE A CG1 1 
ATOM   517  C CG2 . ILE A 1 86  ? -0.105  2.903   17.453  1.00 11.65 ? 65  ILE A CG2 1 
ATOM   518  C CD1 . ILE A 1 86  ? -1.264  0.353   18.754  1.00 11.08 ? 65  ILE A CD1 1 
ATOM   519  N N   . LEU A 1 87  ? 0.361   3.961   14.455  1.00 9.66  ? 66  LEU A N   1 
ATOM   520  C CA  . LEU A 1 87  ? 1.335   4.832   13.800  1.00 9.96  ? 66  LEU A CA  1 
ATOM   521  C C   . LEU A 1 87  ? 2.643   4.889   14.579  1.00 11.40 ? 66  LEU A C   1 
ATOM   522  O O   . LEU A 1 87  ? 2.643   5.014   15.811  1.00 12.80 ? 66  LEU A O   1 
ATOM   523  C CB  . LEU A 1 87  ? 0.773   6.236   13.588  1.00 11.61 ? 66  LEU A CB  1 
ATOM   524  C CG  . LEU A 1 87  ? -0.398  6.334   12.615  1.00 10.87 ? 66  LEU A CG  1 
ATOM   525  C CD1 . LEU A 1 87  ? -1.026  7.714   12.724  1.00 12.90 ? 66  LEU A CD1 1 
ATOM   526  C CD2 . LEU A 1 87  ? 0.075   6.083   11.189  1.00 12.32 ? 66  LEU A CD2 1 
ATOM   527  N N   . GLY A 1 88  ? 3.754   4.765   13.853  1.00 10.04 ? 67  GLY A N   1 
ATOM   528  C CA  . GLY A 1 88  ? 5.079   4.841   14.441  1.00 10.60 ? 67  GLY A CA  1 
ATOM   529  C C   . GLY A 1 88  ? 5.611   3.584   15.100  1.00 12.14 ? 67  GLY A C   1 
ATOM   530  O O   . GLY A 1 88  ? 6.745   3.572   15.578  1.00 13.76 ? 67  GLY A O   1 
ATOM   531  N N   . GLN A 1 89  ? 4.805   2.526   15.116  1.00 10.92 ? 68  GLN A N   1 
ATOM   532  C CA  . GLN A 1 89  ? 5.162   1.289   15.794  1.00 11.54 ? 68  GLN A CA  1 
ATOM   533  C C   . GLN A 1 89  ? 5.352   0.147   14.812  1.00 11.08 ? 68  GLN A C   1 
ATOM   534  O O   . GLN A 1 89  ? 4.408   -0.274  14.135  1.00 10.26 ? 68  GLN A O   1 
ATOM   535  C CB  . GLN A 1 89  ? 4.105   0.944   16.844  1.00 12.35 ? 68  GLN A CB  1 
ATOM   536  C CG  . GLN A 1 89  ? 3.796   2.159   17.729  1.00 13.48 ? 68  GLN A CG  1 
ATOM   537  C CD  . GLN A 1 89  ? 3.000   1.841   18.976  1.00 16.88 ? 68  GLN A CD  1 
ATOM   538  O OE1 . GLN A 1 89  ? 2.559   0.715   19.186  1.00 18.46 ? 68  GLN A OE1 1 
ATOM   539  N NE2 . GLN A 1 89  ? 2.816   2.850   19.818  1.00 19.36 ? 68  GLN A NE2 1 
ATOM   540  N N   . GLU A 1 90  ? 6.589   -0.338  14.744  1.00 9.81  ? 69  GLU A N   1 
ATOM   541  C CA  . GLU A 1 90  ? 6.996   -1.349  13.782  1.00 10.83 ? 69  GLU A CA  1 
ATOM   542  C C   . GLU A 1 90  ? 6.210   -2.647  13.958  1.00 11.16 ? 69  GLU A C   1 
ATOM   543  O O   . GLU A 1 90  ? 5.841   -3.043  15.085  1.00 12.22 ? 69  GLU A O   1 
ATOM   544  C CB  . GLU A 1 90  ? 8.501   -1.605  13.929  1.00 13.85 ? 69  GLU A CB  1 
ATOM   545  C CG  . GLU A 1 90  ? 9.126   -2.529  12.896  1.00 17.03 ? 69  GLU A CG  1 
ATOM   546  C CD  . GLU A 1 90  ? 10.576  -2.839  13.230  1.00 23.67 ? 69  GLU A CD  1 
ATOM   547  O OE1 . GLU A 1 90  ? 10.859  -3.184  14.400  1.00 31.53 ? 69  GLU A OE1 1 
ATOM   548  O OE2 . GLU A 1 90  ? 11.435  -2.719  12.335  1.00 32.13 ? 69  GLU A OE2 1 
ATOM   549  N N   . PHE A 1 91  ? 5.942   -3.298  12.831  1.00 10.38 ? 70  PHE A N   1 
ATOM   550  C CA  . PHE A 1 91  ? 5.246   -4.574  12.818  1.00 10.00 ? 70  PHE A CA  1 
ATOM   551  C C   . PHE A 1 91  ? 5.793   -5.485  11.733  1.00 11.69 ? 70  PHE A C   1 
ATOM   552  O O   . PHE A 1 91  ? 6.457   -5.037  10.794  1.00 12.38 ? 70  PHE A O   1 
ATOM   553  C CB  . PHE A 1 91  ? 3.723   -4.406  12.679  1.00 11.36 ? 70  PHE A CB  1 
ATOM   554  C CG  . PHE A 1 91  ? 3.273   -3.704  11.410  1.00 10.41 ? 70  PHE A CG  1 
ATOM   555  C CD1 . PHE A 1 91  ? 3.272   -2.321  11.329  1.00 9.61  ? 70  PHE A CD1 1 
ATOM   556  C CD2 . PHE A 1 91  ? 2.827   -4.431  10.309  1.00 10.82 ? 70  PHE A CD2 1 
ATOM   557  C CE1 . PHE A 1 91  ? 2.843   -1.659  10.170  1.00 8.61  ? 70  PHE A CE1 1 
ATOM   558  C CE2 . PHE A 1 91  ? 2.397   -3.780  9.151   1.00 13.17 ? 70  PHE A CE2 1 
ATOM   559  C CZ  . PHE A 1 91  ? 2.397   -2.392  9.082   1.00 10.28 ? 70  PHE A CZ  1 
ATOM   560  N N   . ASP A 1 92  ? 5.517   -6.772  11.883  1.00 12.93 ? 71  ASP A N   1 
ATOM   561  C CA  . ASP A 1 92  ? 5.906   -7.757  10.884  1.00 13.67 ? 71  ASP A CA  1 
ATOM   562  C C   . ASP A 1 92  ? 4.777   -7.891  9.869   1.00 13.00 ? 71  ASP A C   1 
ATOM   563  O O   . ASP A 1 92  ? 3.604   -7.976  10.233  1.00 17.44 ? 71  ASP A O   1 
ATOM   564  C CB  . ASP A 1 92  ? 6.201   -9.106  11.547  1.00 15.69 ? 71  ASP A CB  1 
ATOM   565  C CG  . ASP A 1 92  ? 7.540   -9.125  12.276  1.00 18.16 ? 71  ASP A CG  1 
ATOM   566  O OD1 . ASP A 1 92  ? 8.555   -8.695  11.694  1.00 23.26 ? 71  ASP A OD1 1 
ATOM   567  O OD2 . ASP A 1 92  ? 7.582   -9.577  13.442  1.00 25.97 ? 71  ASP A OD2 1 
ATOM   568  N N   . GLU A 1 93  ? 5.137   -7.879  8.586   1.00 10.35 ? 72  GLU A N   1 
ATOM   569  C CA  . GLU A 1 93  ? 4.164   -7.946  7.513   1.00 12.52 ? 72  GLU A CA  1 
ATOM   570  C C   . GLU A 1 93  ? 4.612   -9.000  6.521   1.00 11.89 ? 72  GLU A C   1 
ATOM   571  O O   . GLU A 1 93  ? 5.793   -9.083  6.204   1.00 13.30 ? 72  GLU A O   1 
ATOM   572  C CB  . GLU A 1 93  ? 4.075   -6.593  6.798   1.00 10.99 ? 72  GLU A CB  1 
ATOM   573  C CG  . GLU A 1 93  ? 3.075   -6.575  5.636   1.00 13.29 ? 72  GLU A CG  1 
ATOM   574  C CD  . GLU A 1 93  ? 2.992   -5.234  4.928   1.00 12.60 ? 72  GLU A CD  1 
ATOM   575  O OE1 . GLU A 1 93  ? 3.783   -4.324  5.250   1.00 12.85 ? 72  GLU A OE1 1 
ATOM   576  O OE2 . GLU A 1 93  ? 2.151   -5.108  4.022   1.00 13.96 ? 72  GLU A OE2 1 
ATOM   577  N N   . VAL A 1 94  ? 3.673   -9.818  6.064   1.00 13.71 ? 73  VAL A N   1 
ATOM   578  C CA  . VAL A 1 94  ? 3.930   -10.672 4.915   1.00 12.89 ? 73  VAL A CA  1 
ATOM   579  C C   . VAL A 1 94  ? 3.190   -10.072 3.723   1.00 12.66 ? 73  VAL A C   1 
ATOM   580  O O   . VAL A 1 94  ? 1.963   -9.987  3.710   1.00 14.92 ? 73  VAL A O   1 
ATOM   581  C CB  . VAL A 1 94  ? 3.511   -12.137 5.149   1.00 14.17 ? 73  VAL A CB  1 
ATOM   582  C CG1 . VAL A 1 94  ? 3.729   -12.957 3.866   1.00 16.71 ? 73  VAL A CG1 1 
ATOM   583  C CG2 . VAL A 1 94  ? 4.302   -12.741 6.293   1.00 16.88 ? 73  VAL A CG2 1 
ATOM   584  N N   . THR A 1 95  ? 3.955   -9.635  2.730   1.00 11.86 ? 74  THR A N   1 
ATOM   585  C CA  . THR A 1 95  ? 3.395   -8.933  1.584   1.00 13.99 ? 74  THR A CA  1 
ATOM   586  C C   . THR A 1 95  ? 2.704   -9.887  0.619   1.00 12.54 ? 74  THR A C   1 
ATOM   587  O O   . THR A 1 95  ? 2.849   -11.108 0.727   1.00 14.36 ? 74  THR A O   1 
ATOM   588  C CB  . THR A 1 95  ? 4.477   -8.154  0.831   1.00 11.07 ? 74  THR A CB  1 
ATOM   589  O OG1 . THR A 1 95  ? 5.409   -9.074  0.235   1.00 11.40 ? 74  THR A OG1 1 
ATOM   590  C CG2 . THR A 1 95  ? 5.207   -7.211  1.765   1.00 13.10 ? 74  THR A CG2 1 
ATOM   591  N N   . ALA A 1 96  ? 1.972   -9.331  -0.336  1.00 13.79 ? 75  ALA A N   1 
ATOM   592  C CA  . ALA A 1 96  ? 1.226   -10.148 -1.285  1.00 14.56 ? 75  ALA A CA  1 
ATOM   593  C C   . ALA A 1 96  ? 2.142   -11.032 -2.117  1.00 15.86 ? 75  ALA A C   1 
ATOM   594  O O   . ALA A 1 96  ? 1.745   -12.124 -2.516  1.00 17.60 ? 75  ALA A O   1 
ATOM   595  C CB  . ALA A 1 96  ? 0.386   -9.277  -2.178  1.00 14.04 ? 75  ALA A CB  1 
ATOM   596  N N   . ASP A 1 97  ? 3.357   -10.555 -2.380  1.00 13.89 ? 76  ASP A N   1 
ATOM   597  C CA  . ASP A 1 97  ? 4.362   -11.352 -3.090  1.00 14.88 ? 76  ASP A CA  1 
ATOM   598  C C   . ASP A 1 97  ? 5.213   -12.219 -2.159  1.00 16.97 ? 76  ASP A C   1 
ATOM   599  O O   . ASP A 1 97  ? 6.257   -12.738 -2.568  1.00 19.37 ? 76  ASP A O   1 
ATOM   600  C CB  . ASP A 1 97  ? 5.265   -10.466 -3.961  1.00 14.81 ? 76  ASP A CB  1 
ATOM   601  C CG  . ASP A 1 97  ? 5.967   -9.380  -3.166  1.00 13.71 ? 76  ASP A CG  1 
ATOM   602  O OD1 . ASP A 1 97  ? 5.268   -8.646  -2.431  1.00 14.42 ? 76  ASP A OD1 1 
ATOM   603  O OD2 . ASP A 1 97  ? 7.206   -9.251  -3.274  1.00 14.26 ? 76  ASP A OD2 1 
ATOM   604  N N   . ASP A 1 98  ? 4.764   -12.363 -0.912  1.00 15.80 ? 77  ASP A N   1 
ATOM   605  C CA  . ASP A 1 98  ? 5.381   -13.253 0.079   1.00 15.97 ? 77  ASP A CA  1 
ATOM   606  C C   . ASP A 1 98  ? 6.756   -12.844 0.597   1.00 16.60 ? 77  ASP A C   1 
ATOM   607  O O   . ASP A 1 98  ? 7.548   -13.701 0.989   1.00 20.17 ? 77  ASP A O   1 
ATOM   608  C CB  . ASP A 1 98  ? 5.394   -14.712 -0.406  1.00 18.20 ? 77  ASP A CB  1 
ATOM   609  C CG  . ASP A 1 98  ? 4.013   -15.346 -0.373  1.00 24.58 ? 77  ASP A CG  1 
ATOM   610  O OD1 . ASP A 1 98  ? 3.669   -16.084 -1.322  1.00 33.93 ? 77  ASP A OD1 1 
ATOM   611  O OD2 . ASP A 1 98  ? 3.267   -15.106 0.606   1.00 30.57 ? 77  ASP A OD2 1 
ATOM   612  N N   . ARG A 1 99  ? 7.035   -11.543 0.621   1.00 12.96 ? 78  ARG A N   1 
ATOM   613  C CA  . ARG A 1 99  ? 8.182   -11.026 1.352   1.00 12.44 ? 78  ARG A CA  1 
ATOM   614  C C   . ARG A 1 99  ? 7.815   -10.916 2.822   1.00 12.96 ? 78  ARG A C   1 
ATOM   615  O O   . ARG A 1 99  ? 6.703   -10.496 3.166   1.00 13.98 ? 78  ARG A O   1 
ATOM   616  C CB  . ARG A 1 99  ? 8.570   -9.633  0.854   1.00 12.28 ? 78  ARG A CB  1 
ATOM   617  C CG  . ARG A 1 99  ? 9.399   -9.611  -0.413  1.00 12.08 ? 78  ARG A CG  1 
ATOM   618  C CD  . ARG A 1 99  ? 9.576   -8.186  -0.913  1.00 13.33 ? 78  ARG A CD  1 
ATOM   619  N NE  . ARG A 1 99  ? 8.294   -7.661  -1.390  1.00 11.99 ? 78  ARG A NE  1 
ATOM   620  C CZ  . ARG A 1 99  ? 7.778   -6.477  -1.067  1.00 14.04 ? 78  ARG A CZ  1 
ATOM   621  N NH1 . ARG A 1 99  ? 8.428   -5.636  -0.269  1.00 12.53 ? 78  ARG A NH1 1 
ATOM   622  N NH2 . ARG A 1 99  ? 6.597   -6.131  -1.559  1.00 11.22 ? 78  ARG A NH2 1 
ATOM   623  N N   . LYS A 1 100 ? 8.750   -11.294 3.688   1.00 12.53 ? 79  LYS A N   1 
ATOM   624  C CA  . LYS A 1 100 ? 8.591   -11.074 5.120   1.00 11.11 ? 79  LYS A CA  1 
ATOM   625  C C   . LYS A 1 100 ? 9.337   -9.797  5.432   1.00 10.84 ? 79  LYS A C   1 
ATOM   626  O O   . LYS A 1 100 ? 10.566  -9.756  5.377   1.00 13.93 ? 79  LYS A O   1 
ATOM   627  C CB  . LYS A 1 100 ? 9.190   -12.237 5.912   1.00 13.10 ? 79  LYS A CB  1 
ATOM   628  C CG  . LYS A 1 100 ? 9.057   -13.585 5.243   1.00 25.04 ? 79  LYS A CG  1 
ATOM   629  C CD  . LYS A 1 100 ? 7.611   -14.030 5.127   1.00 24.50 ? 79  LYS A CD  1 
ATOM   630  C CE  . LYS A 1 100 ? 7.515   -15.276 4.249   1.00 27.84 ? 79  LYS A CE  1 
ATOM   631  N NZ  . LYS A 1 100 ? 6.113   -15.738 4.057   1.00 31.87 ? 79  LYS A NZ  1 
ATOM   632  N N   . VAL A 1 101 ? 8.586   -8.738  5.743   1.00 10.60 ? 80  VAL A N   1 
ATOM   633  C CA  . VAL A 1 101 ? 9.176   -7.417  5.922   1.00 11.89 ? 80  VAL A CA  1 
ATOM   634  C C   . VAL A 1 101 ? 8.893   -6.835  7.303   1.00 10.39 ? 80  VAL A C   1 
ATOM   635  O O   . VAL A 1 101 ? 7.967   -7.257  7.983   1.00 12.25 ? 80  VAL A O   1 
ATOM   636  C CB  . VAL A 1 101 ? 8.687   -6.418  4.841   1.00 10.70 ? 80  VAL A CB  1 
ATOM   637  C CG1 . VAL A 1 101 ? 8.948   -6.979  3.437   1.00 11.54 ? 80  VAL A CG1 1 
ATOM   638  C CG2 . VAL A 1 101 ? 7.210   -6.100  5.026   1.00 10.59 ? 80  VAL A CG2 1 
ATOM   639  N N   . LYS A 1 102 ? 9.731   -5.891  7.713   1.00 9.94  ? 81  LYS A N   1 
ATOM   640  C CA  . LYS A 1 102 ? 9.476   -5.108  8.912   1.00 12.10 ? 81  LYS A CA  1 
ATOM   641  C C   . LYS A 1 102 ? 8.913   -3.789  8.433   1.00 12.58 ? 81  LYS A C   1 
ATOM   642  O O   . LYS A 1 102 ? 9.581   -3.077  7.676   1.00 10.07 ? 81  LYS A O   1 
ATOM   643  C CB  . LYS A 1 102 ? 10.763  -4.849  9.681   1.00 13.67 ? 81  LYS A CB  1 
ATOM   644  C CG  . LYS A 1 102 ? 11.404  -6.083  10.288  1.00 16.62 ? 81  LYS A CG  1 
ATOM   645  C CD  . LYS A 1 102 ? 10.734  -6.505  11.574  1.00 23.70 ? 81  LYS A CD  1 
ATOM   646  C CE  . LYS A 1 102 ? 11.476  -7.679  12.209  1.00 25.56 ? 81  LYS A CE  1 
ATOM   647  N NZ  . LYS A 1 102 ? 10.626  -8.349  13.228  1.00 25.43 ? 81  LYS A NZ  1 
ATOM   648  N N   . SER A 1 103 ? 7.697   -3.465  8.871   1.00 9.75  ? 82  SER A N   1 
ATOM   649  C CA  . SER A 1 103 ? 6.995   -2.281  8.392   1.00 8.63  ? 82  SER A CA  1 
ATOM   650  C C   . SER A 1 103 ? 6.789   -1.244  9.480   1.00 8.96  ? 82  SER A C   1 
ATOM   651  O O   . SER A 1 103 ? 6.499   -1.581  10.617  1.00 10.56 ? 82  SER A O   1 
ATOM   652  C CB  . SER A 1 103 ? 5.629   -2.668  7.823   1.00 10.22 ? 82  SER A CB  1 
ATOM   653  O OG  . SER A 1 103 ? 5.782   -3.364  6.599   1.00 10.98 ? 82  SER A OG  1 
ATOM   654  N N   . THR A 1 104 ? 6.919   0.025   9.123   1.00 10.43 ? 83  THR A N   1 
ATOM   655  C CA  . THR A 1 104 ? 6.542   1.106   10.029  1.00 9.76  ? 83  THR A CA  1 
ATOM   656  C C   . THR A 1 104 ? 5.752   2.120   9.221   1.00 10.59 ? 83  THR A C   1 
ATOM   657  O O   . THR A 1 104 ? 6.169   2.518   8.120   1.00 9.81  ? 83  THR A O   1 
ATOM   658  C CB  . THR A 1 104 ? 7.765   1.809   10.641  1.00 11.07 ? 83  THR A CB  1 
ATOM   659  O OG1 . THR A 1 104 ? 8.652   0.844   11.238  1.00 14.81 ? 83  THR A OG1 1 
ATOM   660  C CG2 . THR A 1 104 ? 7.327   2.812   11.687  1.00 13.16 ? 83  THR A CG2 1 
ATOM   661  N N   . ILE A 1 105 ? 4.596   2.522   9.735   1.00 8.88  ? 84  ILE A N   1 
ATOM   662  C CA  . ILE A 1 105 ? 3.750   3.484   9.038   1.00 8.59  ? 84  ILE A CA  1 
ATOM   663  C C   . ILE A 1 105 ? 3.560   4.701   9.917   1.00 9.43  ? 84  ILE A C   1 
ATOM   664  O O   . ILE A 1 105 ? 3.232   4.576   11.096  1.00 10.92 ? 84  ILE A O   1 
ATOM   665  C CB  . ILE A 1 105 ? 2.392   2.875   8.684   1.00 8.35  ? 84  ILE A CB  1 
ATOM   666  C CG1 . ILE A 1 105 ? 2.605   1.634   7.805   1.00 8.62  ? 84  ILE A CG1 1 
ATOM   667  C CG2 . ILE A 1 105 ? 1.514   3.897   7.988   1.00 8.61  ? 84  ILE A CG2 1 
ATOM   668  C CD1 . ILE A 1 105 ? 1.333   0.897   7.416   1.00 9.68  ? 84  ILE A CD1 1 
ATOM   669  N N   . THR A 1 106 ? 3.816   5.869   9.341   1.00 9.90  ? 85  THR A N   1 
ATOM   670  C CA  . THR A 1 106 ? 3.698   7.125   10.058  1.00 11.57 ? 85  THR A CA  1 
ATOM   671  C C   . THR A 1 106 ? 2.867   8.098   9.243   1.00 10.87 ? 85  THR A C   1 
ATOM   672  O O   . THR A 1 106 ? 2.643   7.902   8.052   1.00 11.56 ? 85  THR A O   1 
ATOM   673  C CB  . THR A 1 106 ? 5.071   7.756   10.321  1.00 14.47 ? 85  THR A CB  1 
ATOM   674  O OG1 . THR A 1 106 ? 5.781   7.896   9.083   1.00 16.42 ? 85  THR A OG1 1 
ATOM   675  C CG2 . THR A 1 106 ? 5.882   6.878   11.274  1.00 13.78 ? 85  THR A CG2 1 
ATOM   676  N N   . LEU A 1 107 ? 2.419   9.160   9.896   1.00 13.34 ? 86  LEU A N   1 
ATOM   677  C CA  . LEU A 1 107 ? 1.721   10.236  9.218   1.00 15.75 ? 86  LEU A CA  1 
ATOM   678  C C   . LEU A 1 107 ? 2.646   11.428  9.113   1.00 18.91 ? 86  LEU A C   1 
ATOM   679  O O   . LEU A 1 107 ? 3.120   11.942  10.129  1.00 27.26 ? 86  LEU A O   1 
ATOM   680  C CB  . LEU A 1 107 ? 0.487   10.644  10.005  1.00 18.41 ? 86  LEU A CB  1 
ATOM   681  C CG  . LEU A 1 107 ? -0.865  10.076  9.601   1.00 20.03 ? 86  LEU A CG  1 
ATOM   682  C CD1 . LEU A 1 107 ? -1.929  10.609  10.548  1.00 17.38 ? 86  LEU A CD1 1 
ATOM   683  C CD2 . LEU A 1 107 ? -1.203  10.456  8.161   1.00 17.59 ? 86  LEU A CD2 1 
ATOM   684  N N   . ASP A 1 108 ? 2.905   11.865  7.889   1.00 19.12 ? 87  ASP A N   1 
ATOM   685  C CA  . ASP A 1 108 ? 3.758   13.016  7.653   1.00 21.24 ? 87  ASP A CA  1 
ATOM   686  C C   . ASP A 1 108 ? 2.996   14.058  6.856   1.00 19.82 ? 87  ASP A C   1 
ATOM   687  O O   . ASP A 1 108 ? 2.792   13.894  5.657   1.00 18.46 ? 87  ASP A O   1 
ATOM   688  C CB  . ASP A 1 108 ? 5.013   12.605  6.884   1.00 25.03 ? 87  ASP A CB  1 
ATOM   689  C CG  . ASP A 1 108 ? 5.852   13.798  6.458   1.00 33.01 ? 87  ASP A CG  1 
ATOM   690  O OD1 . ASP A 1 108 ? 5.847   14.822  7.180   1.00 36.86 ? 87  ASP A OD1 1 
ATOM   691  O OD2 . ASP A 1 108 ? 6.517   13.714  5.404   1.00 36.63 ? 87  ASP A OD2 1 
ATOM   692  N N   . GLY A 1 109 ? 2.596   15.135  7.529   1.00 18.52 ? 88  GLY A N   1 
ATOM   693  C CA  . GLY A 1 109 ? 1.817   16.184  6.895   1.00 19.13 ? 88  GLY A CA  1 
ATOM   694  C C   . GLY A 1 109 ? 0.643   15.652  6.092   1.00 20.16 ? 88  GLY A C   1 
ATOM   695  O O   . GLY A 1 109 ? 0.502   15.971  4.911   1.00 23.13 ? 88  GLY A O   1 
ATOM   696  N N   . GLY A 1 110 ? -0.182  14.820  6.719   1.00 19.08 ? 89  GLY A N   1 
ATOM   697  C CA  . GLY A 1 110 ? -1.377  14.303  6.070   1.00 16.03 ? 89  GLY A CA  1 
ATOM   698  C C   . GLY A 1 110 ? -1.182  13.079  5.179   1.00 16.25 ? 89  GLY A C   1 
ATOM   699  O O   . GLY A 1 110 ? -2.148  12.521  4.659   1.00 19.33 ? 89  GLY A O   1 
ATOM   700  N N   . VAL A 1 111 ? 0.065   12.659  4.993   1.00 13.38 ? 90  VAL A N   1 
ATOM   701  C CA  . VAL A 1 111 ? 0.370   11.529  4.113   1.00 13.39 ? 90  VAL A CA  1 
ATOM   702  C C   . VAL A 1 111 ? 0.739   10.299  4.933   1.00 11.37 ? 90  VAL A C   1 
ATOM   703  O O   . VAL A 1 111 ? 1.575   10.383  5.831   1.00 12.62 ? 90  VAL A O   1 
ATOM   704  C CB  . VAL A 1 111 ? 1.521   11.880  3.146   1.00 11.92 ? 90  VAL A CB  1 
ATOM   705  C CG1 . VAL A 1 111 ? 1.902   10.676  2.271   1.00 13.19 ? 90  VAL A CG1 1 
ATOM   706  C CG2 . VAL A 1 111 ? 1.119   13.079  2.280   1.00 14.60 ? 90  VAL A CG2 1 
ATOM   707  N N   . LEU A 1 112 ? 0.104   9.160   4.656   1.00 10.38 ? 91  LEU A N   1 
ATOM   708  C CA  . LEU A 1 112 ? 0.530   7.919   5.298   1.00 10.61 ? 91  LEU A CA  1 
ATOM   709  C C   . LEU A 1 112 ? 1.775   7.398   4.608   1.00 9.97  ? 91  LEU A C   1 
ATOM   710  O O   . LEU A 1 112 ? 1.751   7.071   3.420   1.00 10.85 ? 91  LEU A O   1 
ATOM   711  C CB  . LEU A 1 112 ? -0.560  6.845   5.259   1.00 12.77 ? 91  LEU A CB  1 
ATOM   712  C CG  . LEU A 1 112 ? -1.720  6.977   6.237   1.00 13.11 ? 91  LEU A CG  1 
ATOM   713  C CD1 . LEU A 1 112 ? -2.814  6.000   5.858   1.00 15.22 ? 91  LEU A CD1 1 
ATOM   714  C CD2 . LEU A 1 112 ? -1.222  6.702   7.652   1.00 11.96 ? 91  LEU A CD2 1 
ATOM   715  N N   . VAL A 1 113 ? 2.871   7.335   5.355   1.00 8.66  ? 92  VAL A N   1 
ATOM   716  C CA  . VAL A 1 113 ? 4.137   6.855   4.818   1.00 9.36  ? 92  VAL A CA  1 
ATOM   717  C C   . VAL A 1 113 ? 4.474   5.483   5.407   1.00 8.62  ? 92  VAL A C   1 
ATOM   718  O O   . VAL A 1 113 ? 4.649   5.336   6.620   1.00 9.81  ? 92  VAL A O   1 
ATOM   719  C CB  . VAL A 1 113 ? 5.285   7.849   5.116   1.00 11.32 ? 92  VAL A CB  1 
ATOM   720  C CG1 . VAL A 1 113 ? 6.591   7.356   4.531   1.00 12.37 ? 92  VAL A CG1 1 
ATOM   721  C CG2 . VAL A 1 113 ? 4.941   9.234   4.577   1.00 13.76 ? 92  VAL A CG2 1 
ATOM   722  N N   . HIS A 1 114 ? 4.567   4.494   4.526   1.00 8.35  ? 93  HIS A N   1 
ATOM   723  C CA  . HIS A 1 114 ? 4.745   3.094   4.892   1.00 8.21  ? 93  HIS A CA  1 
ATOM   724  C C   . HIS A 1 114 ? 6.096   2.634   4.371   1.00 8.52  ? 93  HIS A C   1 
ATOM   725  O O   . HIS A 1 114 ? 6.314   2.574   3.166   1.00 9.18  ? 93  HIS A O   1 
ATOM   726  C CB  . HIS A 1 114 ? 3.598   2.305   4.246   1.00 8.22  ? 93  HIS A CB  1 
ATOM   727  C CG  . HIS A 1 114 ? 3.615   0.830   4.510   1.00 9.28  ? 93  HIS A CG  1 
ATOM   728  N ND1 . HIS A 1 114 ? 2.627   -0.002  4.034   1.00 11.50 ? 93  HIS A ND1 1 
ATOM   729  C CD2 . HIS A 1 114 ? 4.471   0.045   5.208   1.00 10.63 ? 93  HIS A CD2 1 
ATOM   730  C CE1 . HIS A 1 114 ? 2.879   -1.241  4.418   1.00 10.56 ? 93  HIS A CE1 1 
ATOM   731  N NE2 . HIS A 1 114 ? 3.997   -1.244  5.123   1.00 10.91 ? 93  HIS A NE2 1 
ATOM   732  N N   . VAL A 1 115 ? 7.014   2.335   5.285   1.00 8.53  ? 94  VAL A N   1 
ATOM   733  C CA  . VAL A 1 115 ? 8.317   1.830   4.905   1.00 8.44  ? 94  VAL A CA  1 
ATOM   734  C C   . VAL A 1 115 ? 8.394   0.337   5.212   1.00 9.55  ? 94  VAL A C   1 
ATOM   735  O O   . VAL A 1 115 ? 8.072   -0.085  6.330   1.00 11.26 ? 94  VAL A O   1 
ATOM   736  C CB  . VAL A 1 115 ? 9.447   2.570   5.658   1.00 10.66 ? 94  VAL A CB  1 
ATOM   737  C CG1 . VAL A 1 115 ? 10.806  2.116   5.154   1.00 15.95 ? 94  VAL A CG1 1 
ATOM   738  C CG2 . VAL A 1 115 ? 9.290   4.083   5.505   1.00 13.68 ? 94  VAL A CG2 1 
ATOM   739  N N   . GLN A 1 116 ? 8.796   -0.447  4.215   1.00 8.32  ? 95  GLN A N   1 
ATOM   740  C CA  . GLN A 1 116 ? 9.030   -1.883  4.364   1.00 9.38  ? 95  GLN A CA  1 
ATOM   741  C C   . GLN A 1 116 ? 10.519  -2.179  4.240   1.00 11.01 ? 95  GLN A C   1 
ATOM   742  O O   . GLN A 1 116 ? 11.151  -1.743  3.282   1.00 11.79 ? 95  GLN A O   1 
ATOM   743  C CB  . GLN A 1 116 ? 8.267   -2.682  3.310   1.00 9.81  ? 95  GLN A CB  1 
ATOM   744  C CG  . GLN A 1 116 ? 6.765   -2.484  3.320   1.00 10.28 ? 95  GLN A CG  1 
ATOM   745  C CD  . GLN A 1 116 ? 6.074   -3.271  2.223   1.00 9.89  ? 95  GLN A CD  1 
ATOM   746  O OE1 . GLN A 1 116 ? 6.637   -3.474  1.135   1.00 10.37 ? 95  GLN A OE1 1 
ATOM   747  N NE2 . GLN A 1 116 ? 4.850   -3.710  2.489   1.00 11.22 ? 95  GLN A NE2 1 
ATOM   748  N N   . LYS A 1 117 ? 11.066  -2.930  5.200   1.00 10.85 ? 96  LYS A N   1 
ATOM   749  C CA  . LYS A 1 117 ? 12.473  -3.312  5.199   1.00 12.82 ? 96  LYS A CA  1 
ATOM   750  C C   . LYS A 1 117 ? 12.597  -4.829  5.179   1.00 12.08 ? 96  LYS A C   1 
ATOM   751  O O   . LYS A 1 117 ? 11.933  -5.518  5.951   1.00 11.79 ? 96  LYS A O   1 
ATOM   752  C CB  . LYS A 1 117 ? 13.163  -2.798  6.463   1.00 15.74 ? 96  LYS A CB  1 
ATOM   753  C CG  . LYS A 1 117 ? 12.963  -1.327  6.769   1.00 20.38 ? 96  LYS A CG  1 
ATOM   754  C CD  . LYS A 1 117 ? 13.876  -0.457  5.923   1.00 23.98 ? 96  LYS A CD  1 
ATOM   755  C CE  . LYS A 1 117 ? 13.916  0.974   6.451   1.00 28.59 ? 96  LYS A CE  1 
ATOM   756  N NZ  . LYS A 1 117 ? 14.600  1.902   5.503   1.00 33.13 ? 96  LYS A NZ  1 
ATOM   757  N N   . TRP A 1 118 ? 13.454  -5.347  4.305   1.00 13.15 ? 97  TRP A N   1 
ATOM   758  C CA  . TRP A 1 118 ? 13.745  -6.773  4.289   1.00 14.61 ? 97  TRP A CA  1 
ATOM   759  C C   . TRP A 1 118 ? 15.048  -7.007  3.538   1.00 16.31 ? 97  TRP A C   1 
ATOM   760  O O   . TRP A 1 118 ? 15.360  -6.282  2.600   1.00 15.96 ? 97  TRP A O   1 
ATOM   761  C CB  . TRP A 1 118 ? 12.607  -7.543  3.609   1.00 15.73 ? 97  TRP A CB  1 
ATOM   762  C CG  . TRP A 1 118 ? 12.635  -7.441  2.111   1.00 14.09 ? 97  TRP A CG  1 
ATOM   763  C CD1 . TRP A 1 118 ? 13.037  -8.404  1.231   1.00 15.05 ? 97  TRP A CD1 1 
ATOM   764  C CD2 . TRP A 1 118 ? 12.259  -6.305  1.320   1.00 14.22 ? 97  TRP A CD2 1 
ATOM   765  N NE1 . TRP A 1 118 ? 12.931  -7.941  -0.056  1.00 15.05 ? 97  TRP A NE1 1 
ATOM   766  C CE2 . TRP A 1 118 ? 12.461  -6.654  -0.029  1.00 14.08 ? 97  TRP A CE2 1 
ATOM   767  C CE3 . TRP A 1 118 ? 11.779  -5.029  1.624   1.00 13.27 ? 97  TRP A CE3 1 
ATOM   768  C CZ2 . TRP A 1 118 ? 12.187  -5.774  -1.074  1.00 14.69 ? 97  TRP A CZ2 1 
ATOM   769  C CZ3 . TRP A 1 118 ? 11.507  -4.157  0.585   1.00 13.60 ? 97  TRP A CZ3 1 
ATOM   770  C CH2 . TRP A 1 118 ? 11.715  -4.531  -0.746  1.00 14.14 ? 97  TRP A CH2 1 
ATOM   771  N N   . ASP A 1 119 ? 15.816  -8.002  3.975   1.00 18.33 ? 98  ASP A N   1 
ATOM   772  C CA  . ASP A 1 119 ? 17.034  -8.399  3.269   1.00 20.05 ? 98  ASP A CA  1 
ATOM   773  C C   . ASP A 1 119 ? 17.966  -7.245  2.923   1.00 18.09 ? 98  ASP A C   1 
ATOM   774  O O   . ASP A 1 119 ? 18.612  -7.270  1.879   1.00 22.92 ? 98  ASP A O   1 
ATOM   775  C CB  . ASP A 1 119 ? 16.680  -9.140  1.978   1.00 21.41 ? 98  ASP A CB  1 
ATOM   776  C CG  . ASP A 1 119 ? 15.961  -10.451 2.232   1.00 27.46 ? 98  ASP A CG  1 
ATOM   777  O OD1 . ASP A 1 119 ? 15.878  -10.873 3.405   1.00 34.89 ? 98  ASP A OD1 1 
ATOM   778  O OD2 . ASP A 1 119 ? 15.488  -11.068 1.251   1.00 31.89 ? 98  ASP A OD2 1 
ATOM   779  N N   . GLY A 1 120 ? 18.024  -6.229  3.775   1.00 18.14 ? 99  GLY A N   1 
ATOM   780  C CA  . GLY A 1 120 ? 18.873  -5.086  3.515   1.00 17.93 ? 99  GLY A CA  1 
ATOM   781  C C   . GLY A 1 120 ? 18.313  -4.123  2.481   1.00 21.58 ? 99  GLY A C   1 
ATOM   782  O O   . GLY A 1 120 ? 18.992  -3.182  2.077   1.00 23.37 ? 99  GLY A O   1 
ATOM   783  N N   . LYS A 1 121 ? 17.072  -4.357  2.060   1.00 18.97 ? 100 LYS A N   1 
ATOM   784  C CA  . LYS A 1 121 ? 16.403  -3.501  1.081   1.00 17.01 ? 100 LYS A CA  1 
ATOM   785  C C   . LYS A 1 121 ? 15.291  -2.721  1.767   1.00 14.46 ? 100 LYS A C   1 
ATOM   786  O O   . LYS A 1 121 ? 14.893  -3.044  2.889   1.00 14.62 ? 100 LYS A O   1 
ATOM   787  C CB  . LYS A 1 121 ? 15.795  -4.339  -0.040  1.00 14.55 ? 100 LYS A CB  1 
ATOM   788  C CG  . LYS A 1 121 ? 16.796  -5.212  -0.788  1.00 19.15 ? 100 LYS A CG  1 
ATOM   789  C CD  . LYS A 1 121 ? 16.075  -6.256  -1.626  1.00 20.93 ? 100 LYS A CD  1 
ATOM   790  C CE  . LYS A 1 121 ? 17.048  -7.279  -2.198  1.00 27.44 ? 100 LYS A CE  1 
ATOM   791  N NZ  . LYS A 1 121 ? 16.332  -8.341  -2.958  1.00 32.39 ? 100 LYS A NZ  1 
ATOM   792  N N   . SER A 1 122 ? 14.785  -1.702  1.082   1.00 13.68 ? 101 SER A N   1 
ATOM   793  C CA  . SER A 1 122 ? 13.730  -0.862  1.630   1.00 14.31 ? 101 SER A CA  1 
ATOM   794  C C   . SER A 1 122 ? 12.870  -0.331  0.493   1.00 13.85 ? 101 SER A C   1 
ATOM   795  O O   . SER A 1 122 ? 13.386  0.054   -0.558  1.00 15.66 ? 101 SER A O   1 
ATOM   796  C CB  . SER A 1 122 ? 14.345  0.319   2.374   1.00 15.42 ? 101 SER A CB  1 
ATOM   797  O OG  . SER A 1 122 ? 13.350  1.147   2.933   1.00 21.18 ? 101 SER A OG  1 
ATOM   798  N N   . THR A 1 123 ? 11.555  -0.318  0.699   1.00 10.43 ? 102 THR A N   1 
ATOM   799  C CA  . THR A 1 123 ? 10.638  0.329   -0.234  1.00 11.04 ? 102 THR A CA  1 
ATOM   800  C C   . THR A 1 123 ? 9.673   1.202   0.562   1.00 10.27 ? 102 THR A C   1 
ATOM   801  O O   . THR A 1 123 ? 9.387   0.930   1.734   1.00 9.27  ? 102 THR A O   1 
ATOM   802  C CB  . THR A 1 123 ? 9.867   -0.687  -1.119  1.00 11.88 ? 102 THR A CB  1 
ATOM   803  O OG1 . THR A 1 123 ? 9.114   0.018   -2.113  1.00 11.59 ? 102 THR A OG1 1 
ATOM   804  C CG2 . THR A 1 123 ? 8.922   -1.541  -0.296  1.00 11.93 ? 102 THR A CG2 1 
ATOM   805  N N   . THR A 1 124 ? 9.181   2.264   -0.061  1.00 9.15  ? 103 THR A N   1 
ATOM   806  C CA  . THR A 1 124 ? 8.273   3.182   0.605   1.00 9.89  ? 103 THR A CA  1 
ATOM   807  C C   . THR A 1 124 ? 6.999   3.321   -0.204  1.00 10.97 ? 103 THR A C   1 
ATOM   808  O O   . THR A 1 124 ? 7.040   3.499   -1.417  1.00 10.48 ? 103 THR A O   1 
ATOM   809  C CB  . THR A 1 124 ? 8.919   4.563   0.826   1.00 13.05 ? 103 THR A CB  1 
ATOM   810  O OG1 . THR A 1 124 ? 10.059  4.419   1.680   1.00 16.25 ? 103 THR A OG1 1 
ATOM   811  C CG2 . THR A 1 124 ? 7.942   5.522   1.480   1.00 12.72 ? 103 THR A CG2 1 
ATOM   812  N N   . ILE A 1 125 ? 5.869   3.200   0.477   1.00 8.37  ? 104 ILE A N   1 
ATOM   813  C CA  . ILE A 1 125 ? 4.553   3.332   -0.121  1.00 8.64  ? 104 ILE A CA  1 
ATOM   814  C C   . ILE A 1 125 ? 3.861   4.504   0.558   1.00 8.80  ? 104 ILE A C   1 
ATOM   815  O O   . ILE A 1 125 ? 3.662   4.504   1.778   1.00 9.87  ? 104 ILE A O   1 
ATOM   816  C CB  . ILE A 1 125 ? 3.721   2.050   0.121   1.00 9.51  ? 104 ILE A CB  1 
ATOM   817  C CG1 . ILE A 1 125 ? 4.396   0.838   -0.515  1.00 10.97 ? 104 ILE A CG1 1 
ATOM   818  C CG2 . ILE A 1 125 ? 2.320   2.198   -0.412  1.00 10.16 ? 104 ILE A CG2 1 
ATOM   819  C CD1 . ILE A 1 125 ? 4.027   -0.456  0.164   1.00 16.94 ? 104 ILE A CD1 1 
ATOM   820  N N   . LYS A 1 126 ? 3.526   5.526   -0.218  1.00 9.15  ? 105 LYS A N   1 
ATOM   821  C CA  . LYS A 1 126 ? 2.839   6.686   0.331   1.00 9.87  ? 105 LYS A CA  1 
ATOM   822  C C   . LYS A 1 126 ? 1.397   6.666   -0.120  1.00 10.79 ? 105 LYS A C   1 
ATOM   823  O O   . LYS A 1 126 ? 1.115   6.370   -1.284  1.00 10.83 ? 105 LYS A O   1 
ATOM   824  C CB  . LYS A 1 126 ? 3.519   7.977   -0.126  1.00 10.76 ? 105 LYS A CB  1 
ATOM   825  C CG  . LYS A 1 126 ? 4.893   8.176   0.484   1.00 15.86 ? 105 LYS A CG  1 
ATOM   826  C CD  . LYS A 1 126 ? 5.514   9.499   0.070   1.00 20.05 ? 105 LYS A CD  1 
ATOM   827  C CE  . LYS A 1 126 ? 6.932   9.623   0.620   1.00 28.02 ? 105 LYS A CE  1 
ATOM   828  N NZ  . LYS A 1 126 ? 7.574   10.916  0.250   1.00 33.62 ? 105 LYS A NZ  1 
ATOM   829  N N   . ARG A 1 127 ? 0.486   6.965   0.799   1.00 9.17  ? 106 ARG A N   1 
ATOM   830  C CA  . ARG A 1 127 ? -0.936  7.019   0.489   1.00 9.37  ? 106 ARG A CA  1 
ATOM   831  C C   . ARG A 1 127 ? -1.418  8.431   0.820   1.00 10.67 ? 106 ARG A C   1 
ATOM   832  O O   . ARG A 1 127 ? -1.207  8.901   1.931   1.00 11.42 ? 106 ARG A O   1 
ATOM   833  C CB  . ARG A 1 127 ? -1.687  5.935   1.282   1.00 10.18 ? 106 ARG A CB  1 
ATOM   834  C CG  . ARG A 1 127 ? -1.309  4.488   0.846   1.00 12.62 ? 106 ARG A CG  1 
ATOM   835  C CD  . ARG A 1 127 ? -1.904  3.378   1.742   1.00 15.49 ? 106 ARG A CD  1 
ATOM   836  N NE  . ARG A 1 127 ? -1.501  2.011   1.353   1.00 16.21 ? 106 ARG A NE  1 
ATOM   837  C CZ  . ARG A 1 127 ? -0.487  1.331   1.884   1.00 16.34 ? 106 ARG A CZ  1 
ATOM   838  N NH1 . ARG A 1 127 ? 0.270   1.866   2.825   1.00 14.68 ? 106 ARG A NH1 1 
ATOM   839  N NH2 . ARG A 1 127 ? -0.217  0.097   1.466   1.00 20.39 ? 106 ARG A NH2 1 
ATOM   840  N N   . LYS A 1 128 ? -2.015  9.102   -0.165  1.00 12.39 ? 107 LYS A N   1 
ATOM   841  C CA  . LYS A 1 128 ? -2.394  10.512  -0.060  1.00 15.81 ? 107 LYS A CA  1 
ATOM   842  C C   . LYS A 1 128 ? -3.822  10.721  -0.533  1.00 13.50 ? 107 LYS A C   1 
ATOM   843  O O   . LYS A 1 128 ? -4.275  10.089  -1.486  1.00 14.07 ? 107 LYS A O   1 
ATOM   844  C CB  . LYS A 1 128 ? -1.530  11.374  -0.985  1.00 18.99 ? 107 LYS A CB  1 
ATOM   845  C CG  . LYS A 1 128 ? -0.040  11.314  -0.749  1.00 25.36 ? 107 LYS A CG  1 
ATOM   846  C CD  . LYS A 1 128 ? 0.681   12.136  -1.810  1.00 30.57 ? 107 LYS A CD  1 
ATOM   847  C CE  . LYS A 1 128 ? 2.190   11.984  -1.713  1.00 28.56 ? 107 LYS A CE  1 
ATOM   848  N NZ  . LYS A 1 128 ? 2.879   12.753  -2.788  1.00 36.88 ? 107 LYS A NZ  1 
ATOM   849  N N   . ARG A 1 129 ? -4.520  11.660  0.091   1.00 12.59 ? 108 ARG A N   1 
ATOM   850  C CA  . ARG A 1 129 ? -5.794  12.107  -0.451  1.00 15.12 ? 108 ARG A CA  1 
ATOM   851  C C   . ARG A 1 129 ? -5.573  13.290  -1.390  1.00 14.33 ? 108 ARG A C   1 
ATOM   852  O O   . ARG A 1 129 ? -4.945  14.282  -1.022  1.00 19.22 ? 108 ARG A O   1 
ATOM   853  C CB  . ARG A 1 129 ? -6.756  12.482  0.678   1.00 15.50 ? 108 ARG A CB  1 
ATOM   854  C CG  . ARG A 1 129 ? -7.457  11.292  1.318   1.00 16.02 ? 108 ARG A CG  1 
ATOM   855  C CD  . ARG A 1 129 ? -8.460  10.627  0.365   1.00 18.25 ? 108 ARG A CD  1 
ATOM   856  N NE  . ARG A 1 129 ? -9.314  11.584  -0.355  1.00 20.52 ? 108 ARG A NE  1 
ATOM   857  C CZ  . ARG A 1 129 ? -10.415 12.151  0.141   1.00 21.37 ? 108 ARG A CZ  1 
ATOM   858  N NH1 . ARG A 1 129 ? -10.816 11.882  1.377   1.00 24.09 ? 108 ARG A NH1 1 
ATOM   859  N NH2 . ARG A 1 129 ? -11.116 13.005  -0.593  1.00 25.45 ? 108 ARG A NH2 1 
ATOM   860  N N   . GLU A 1 130 ? -6.069  13.174  -2.613  1.00 13.31 ? 109 GLU A N   1 
ATOM   861  C CA  . GLU A 1 130 ? -5.960  14.266  -3.567  1.00 15.71 ? 109 GLU A CA  1 
ATOM   862  C C   . GLU A 1 130 ? -7.299  14.417  -4.249  1.00 14.18 ? 109 GLU A C   1 
ATOM   863  O O   . GLU A 1 130 ? -7.771  13.482  -4.888  1.00 14.38 ? 109 GLU A O   1 
ATOM   864  C CB  . GLU A 1 130 ? -4.867  13.989  -4.600  1.00 18.15 ? 109 GLU A CB  1 
ATOM   865  C CG  . GLU A 1 130 ? -3.475  13.907  -3.979  1.00 25.75 ? 109 GLU A CG  1 
ATOM   866  C CD  . GLU A 1 130 ? -2.365  14.112  -4.984  1.00 32.48 ? 109 GLU A CD  1 
ATOM   867  O OE1 . GLU A 1 130 ? -2.639  14.039  -6.203  1.00 38.27 ? 109 GLU A OE1 1 
ATOM   868  O OE2 . GLU A 1 130 ? -1.218  14.355  -4.551  1.00 40.39 ? 109 GLU A OE2 1 
ATOM   869  N N   . ASP A 1 131 ? -7.907  15.596  -4.113  1.00 13.74 ? 110 ASP A N   1 
ATOM   870  C CA  . ASP A 1 131 ? -9.294  15.788  -4.526  1.00 13.12 ? 110 ASP A CA  1 
ATOM   871  C C   . ASP A 1 131 ? -10.147 14.657  -3.947  1.00 11.92 ? 110 ASP A C   1 
ATOM   872  O O   . ASP A 1 131 ? -10.087 14.390  -2.756  1.00 13.46 ? 110 ASP A O   1 
ATOM   873  C CB  . ASP A 1 131 ? -9.412  15.879  -6.052  1.00 13.82 ? 110 ASP A CB  1 
ATOM   874  C CG  . ASP A 1 131 ? -8.672  17.067  -6.616  1.00 21.33 ? 110 ASP A CG  1 
ATOM   875  O OD1 . ASP A 1 131 ? -8.610  18.102  -5.917  1.00 23.79 ? 110 ASP A OD1 1 
ATOM   876  O OD2 . ASP A 1 131 ? -8.152  16.968  -7.748  1.00 25.67 ? 110 ASP A OD2 1 
ATOM   877  N N   . ASP A 1 132 ? -10.908 13.971  -4.786  1.00 13.68 ? 111 ASP A N   1 
ATOM   878  C CA  . ASP A 1 132 ? -11.766 12.899  -4.299  1.00 14.36 ? 111 ASP A CA  1 
ATOM   879  C C   . ASP A 1 132 ? -11.091 11.539  -4.379  1.00 14.64 ? 111 ASP A C   1 
ATOM   880  O O   . ASP A 1 132 ? -11.707 10.517  -4.084  1.00 15.71 ? 111 ASP A O   1 
ATOM   881  C CB  . ASP A 1 132 ? -13.079 12.876  -5.075  1.00 13.99 ? 111 ASP A CB  1 
ATOM   882  C CG  . ASP A 1 132 ? -13.999 13.992  -4.670  1.00 14.06 ? 111 ASP A CG  1 
ATOM   883  O OD1 . ASP A 1 132 ? -14.058 14.306  -3.468  1.00 14.49 ? 111 ASP A OD1 1 
ATOM   884  O OD2 . ASP A 1 132 ? -14.659 14.554  -5.565  1.00 15.76 ? 111 ASP A OD2 1 
ATOM   885  N N   . LYS A 1 133 ? -9.822  11.537  -4.767  1.00 11.76 ? 112 LYS A N   1 
ATOM   886  C CA  . LYS A 1 133 ? -9.094  10.285  -4.963  1.00 11.89 ? 112 LYS A CA  1 
ATOM   887  C C   . LYS A 1 133 ? -8.145  9.943   -3.822  1.00 12.53 ? 112 LYS A C   1 
ATOM   888  O O   . LYS A 1 133 ? -7.787  10.784  -2.999  1.00 12.40 ? 112 LYS A O   1 
ATOM   889  C CB  . LYS A 1 133 ? -8.317  10.339  -6.274  1.00 13.30 ? 112 LYS A CB  1 
ATOM   890  C CG  . LYS A 1 133 ? -9.232  10.504  -7.487  1.00 18.45 ? 112 LYS A CG  1 
ATOM   891  C CD  . LYS A 1 133 ? -8.502  11.019  -8.705  1.00 23.24 ? 112 LYS A CD  1 
ATOM   892  C CE  . LYS A 1 133 ? -9.491  11.362  -9.819  1.00 28.85 ? 112 LYS A CE  1 
ATOM   893  N NZ  . LYS A 1 133 ? -8.794  11.592  -11.119 1.00 35.65 ? 112 LYS A NZ  1 
ATOM   894  N N   . LEU A 1 134 ? -7.746  8.679   -3.784  1.00 12.05 ? 113 LEU A N   1 
ATOM   895  C CA  . LEU A 1 134 ? -6.686  8.257   -2.896  1.00 10.30 ? 113 LEU A CA  1 
ATOM   896  C C   . LEU A 1 134 ? -5.553  7.838   -3.823  1.00 9.82  ? 113 LEU A C   1 
ATOM   897  O O   . LEU A 1 134 ? -5.746  7.004   -4.711  1.00 12.07 ? 113 LEU A O   1 
ATOM   898  C CB  . LEU A 1 134 ? -7.146  7.106   -1.995  1.00 12.72 ? 113 LEU A CB  1 
ATOM   899  C CG  . LEU A 1 134 ? -6.244  6.759   -0.797  1.00 16.20 ? 113 LEU A CG  1 
ATOM   900  C CD1 . LEU A 1 134 ? -6.998  5.951   0.244   1.00 15.41 ? 113 LEU A CD1 1 
ATOM   901  C CD2 . LEU A 1 134 ? -5.007  6.007   -1.244  1.00 19.52 ? 113 LEU A CD2 1 
ATOM   902  N N   . VAL A 1 135 ? -4.394  8.462   -3.657  1.00 10.61 ? 114 VAL A N   1 
ATOM   903  C CA  . VAL A 1 135 ? -3.263  8.207   -4.539  1.00 11.49 ? 114 VAL A CA  1 
ATOM   904  C C   . VAL A 1 135 ? -2.203  7.428   -3.781  1.00 11.41 ? 114 VAL A C   1 
ATOM   905  O O   . VAL A 1 135 ? -1.852  7.795   -2.660  1.00 11.76 ? 114 VAL A O   1 
ATOM   906  C CB  . VAL A 1 135 ? -2.660  9.509   -5.083  1.00 14.68 ? 114 VAL A CB  1 
ATOM   907  C CG1 . VAL A 1 135 ? -1.481  9.219   -6.006  1.00 15.99 ? 114 VAL A CG1 1 
ATOM   908  C CG2 . VAL A 1 135 ? -3.726  10.312  -5.812  1.00 15.55 ? 114 VAL A CG2 1 
ATOM   909  N N   . VAL A 1 136 ? -1.722  6.343   -4.382  1.00 11.65 ? 115 VAL A N   1 
ATOM   910  C CA  . VAL A 1 136 ? -0.710  5.492   -3.765  1.00 10.04 ? 115 VAL A CA  1 
ATOM   911  C C   . VAL A 1 136 ? 0.552   5.567   -4.610  1.00 10.58 ? 115 VAL A C   1 
ATOM   912  O O   . VAL A 1 136 ? 0.531   5.222   -5.792  1.00 12.04 ? 115 VAL A O   1 
ATOM   913  C CB  . VAL A 1 136 ? -1.185  4.026   -3.692  1.00 9.61  ? 115 VAL A CB  1 
ATOM   914  C CG1 . VAL A 1 136 ? -0.137  3.150   -3.040  1.00 9.99  ? 115 VAL A CG1 1 
ATOM   915  C CG2 . VAL A 1 136 ? -2.494  3.928   -2.917  1.00 12.53 ? 115 VAL A CG2 1 
ATOM   916  N N   . GLU A 1 137 ? 1.643   6.029   -4.009  1.00 10.60 ? 116 GLU A N   1 
ATOM   917  C CA  . GLU A 1 137 ? 2.932   6.099   -4.691  1.00 11.45 ? 116 GLU A CA  1 
ATOM   918  C C   . GLU A 1 137 ? 3.881   5.069   -4.104  1.00 10.28 ? 116 GLU A C   1 
ATOM   919  O O   . GLU A 1 137 ? 4.150   5.078   -2.906  1.00 10.20 ? 116 GLU A O   1 
ATOM   920  C CB  . GLU A 1 137 ? 3.526   7.498   -4.539  1.00 15.92 ? 116 GLU A CB  1 
ATOM   921  C CG  . GLU A 1 137 ? 2.827   8.546   -5.390  1.00 20.78 ? 116 GLU A CG  1 
ATOM   922  C CD  . GLU A 1 137 ? 3.164   9.963   -4.971  1.00 34.71 ? 116 GLU A CD  1 
ATOM   923  O OE1 . GLU A 1 137 ? 2.456   10.895  -5.414  1.00 37.65 ? 116 GLU A OE1 1 
ATOM   924  O OE2 . GLU A 1 137 ? 4.128   10.147  -4.194  1.00 33.93 ? 116 GLU A OE2 1 
ATOM   925  N N   . CYS A 1 138 ? 4.380   4.172   -4.947  1.00 9.94  ? 117 CYS A N   1 
ATOM   926  C CA  . CYS A 1 138 ? 5.260   3.109   -4.486  1.00 10.48 ? 117 CYS A CA  1 
ATOM   927  C C   . CYS A 1 138 ? 6.638   3.379   -5.063  1.00 11.74 ? 117 CYS A C   1 
ATOM   928  O O   . CYS A 1 138 ? 6.786   3.500   -6.273  1.00 11.81 ? 117 CYS A O   1 
ATOM   929  C CB  . CYS A 1 138 ? 4.779   1.749   -4.992  1.00 10.58 ? 117 CYS A CB  1 
ATOM   930  S SG  . CYS A 1 138 ? 3.026   1.404   -4.679  1.00 18.30 ? 117 CYS A SG  1 
ATOM   931  N N   . VAL A 1 139 ? 7.632   3.477   -4.191  1.00 10.75 ? 118 VAL A N   1 
ATOM   932  C CA  . VAL A 1 139 ? 8.990   3.813   -4.590  1.00 11.08 ? 118 VAL A CA  1 
ATOM   933  C C   . VAL A 1 139 ? 9.978   2.727   -4.166  1.00 13.34 ? 118 VAL A C   1 
ATOM   934  O O   . VAL A 1 139 ? 10.020  2.311   -3.009  1.00 12.46 ? 118 VAL A O   1 
ATOM   935  C CB  . VAL A 1 139 ? 9.430   5.168   -3.990  1.00 15.25 ? 118 VAL A CB  1 
ATOM   936  C CG1 . VAL A 1 139 ? 10.876  5.459   -4.341  1.00 19.76 ? 118 VAL A CG1 1 
ATOM   937  C CG2 . VAL A 1 139 ? 8.528   6.288   -4.480  1.00 20.09 ? 118 VAL A CG2 1 
ATOM   938  N N   . MET A 1 140 ? 10.759  2.250   -5.125  1.00 13.12 ? 119 MET A N   1 
ATOM   939  C CA  . MET A 1 140 ? 11.860  1.344   -4.849  1.00 14.47 ? 119 MET A CA  1 
ATOM   940  C C   . MET A 1 140 ? 13.038  1.942   -5.598  1.00 18.60 ? 119 MET A C   1 
ATOM   941  O O   . MET A 1 140 ? 13.046  1.977   -6.835  1.00 17.04 ? 119 MET A O   1 
ATOM   942  C CB  . MET A 1 140 ? 11.541  -0.064  -5.348  1.00 14.65 ? 119 MET A CB  1 
ATOM   943  C CG  . MET A 1 140 ? 12.672  -1.065  -5.179  1.00 18.68 ? 119 MET A CG  1 
ATOM   944  S SD  . MET A 1 140 ? 12.856  -1.489  -3.459  1.00 18.55 ? 119 MET A SD  1 
ATOM   945  C CE  . MET A 1 140 ? 14.343  -2.478  -3.446  1.00 16.04 ? 119 MET A CE  1 
ATOM   946  N N   . LYS A 1 141 ? 13.994  2.463   -4.832  1.00 21.48 ? 120 LYS A N   1 
ATOM   947  C CA  . LYS A 1 141 ? 15.135  3.193   -5.369  1.00 21.28 ? 120 LYS A CA  1 
ATOM   948  C C   . LYS A 1 141 ? 14.694  4.333   -6.295  1.00 22.38 ? 120 LYS A C   1 
ATOM   949  O O   . LYS A 1 141 ? 14.038  5.286   -5.854  1.00 25.83 ? 120 LYS A O   1 
ATOM   950  C CB  . LYS A 1 141 ? 16.118  2.229   -6.039  1.00 23.47 ? 120 LYS A CB  1 
ATOM   951  C CG  . LYS A 1 141 ? 16.932  1.408   -5.031  1.00 26.65 ? 120 LYS A CG  1 
ATOM   952  C CD  . LYS A 1 141 ? 17.485  0.133   -5.638  1.00 29.27 ? 120 LYS A CD  1 
ATOM   953  C CE  . LYS A 1 141 ? 16.375  -0.881  -5.842  1.00 29.09 ? 120 LYS A CE  1 
ATOM   954  N NZ  . LYS A 1 141 ? 16.860  -2.189  -6.360  1.00 31.57 ? 120 LYS A NZ  1 
ATOM   955  N N   . GLY A 1 142 ? 15.030  4.235   -7.573  1.00 24.81 ? 121 GLY A N   1 
ATOM   956  C CA  . GLY A 1 142 ? 14.695  5.302   -8.495  1.00 19.95 ? 121 GLY A CA  1 
ATOM   957  C C   . GLY A 1 142 ? 13.395  5.088   -9.243  1.00 16.00 ? 121 GLY A C   1 
ATOM   958  O O   . GLY A 1 142 ? 13.031  5.900   -10.086 1.00 16.70 ? 121 GLY A O   1 
ATOM   959  N N   . VAL A 1 143 ? 12.693  4.000   -8.929  1.00 15.30 ? 122 VAL A N   1 
ATOM   960  C CA  . VAL A 1 143 ? 11.490  3.611   -9.663  1.00 13.65 ? 122 VAL A CA  1 
ATOM   961  C C   . VAL A 1 143 ? 10.220  3.886   -8.869  1.00 16.91 ? 122 VAL A C   1 
ATOM   962  O O   . VAL A 1 143 ? 10.079  3.416   -7.738  1.00 16.11 ? 122 VAL A O   1 
ATOM   963  C CB  . VAL A 1 143 ? 11.517  2.117   -10.001 1.00 14.75 ? 122 VAL A CB  1 
ATOM   964  C CG1 . VAL A 1 143 ? 10.215  1.691   -10.649 1.00 13.95 ? 122 VAL A CG1 1 
ATOM   965  C CG2 . VAL A 1 143 ? 12.715  1.791   -10.882 1.00 15.21 ? 122 VAL A CG2 1 
ATOM   966  N N   . THR A 1 144 ? 9.295   4.626   -9.477  1.00 13.18 ? 123 THR A N   1 
ATOM   967  C CA  . THR A 1 144 ? 8.042   5.004   -8.833  1.00 13.38 ? 123 THR A CA  1 
ATOM   968  C C   . THR A 1 144 ? 6.845   4.495   -9.616  1.00 15.97 ? 123 THR A C   1 
ATOM   969  O O   . THR A 1 144 ? 6.780   4.631   -10.839 1.00 17.80 ? 123 THR A O   1 
ATOM   970  C CB  . THR A 1 144 ? 7.919   6.526   -8.693  1.00 16.26 ? 123 THR A CB  1 
ATOM   971  O OG1 . THR A 1 144 ? 9.025   7.032   -7.937  1.00 21.78 ? 123 THR A OG1 1 
ATOM   972  C CG2 . THR A 1 144 ? 6.611   6.900   -7.990  1.00 15.38 ? 123 THR A CG2 1 
ATOM   973  N N   . SER A 1 145 ? 5.890   3.909   -8.906  1.00 12.96 ? 124 SER A N   1 
ATOM   974  C CA  . SER A 1 145 ? 4.616   3.523   -9.493  1.00 12.33 ? 124 SER A CA  1 
ATOM   975  C C   . SER A 1 145 ? 3.512   4.316   -8.824  1.00 10.22 ? 124 SER A C   1 
ATOM   976  O O   . SER A 1 145 ? 3.517   4.492   -7.604  1.00 12.02 ? 124 SER A O   1 
ATOM   977  C CB  . SER A 1 145 ? 4.379   2.029   -9.289  1.00 11.87 ? 124 SER A CB  1 
ATOM   978  O OG  . SER A 1 145 ? 3.062   1.655   -9.644  1.00 12.84 ? 124 SER A OG  1 
ATOM   979  N N   . THR A 1 146 ? 2.561   4.799   -9.620  1.00 9.64  ? 125 THR A N   1 
ATOM   980  C CA  . THR A 1 146 ? 1.455   5.578   -9.093  1.00 11.33 ? 125 THR A CA  1 
ATOM   981  C C   . THR A 1 146 ? 0.166   4.832   -9.352  1.00 11.69 ? 125 THR A C   1 
ATOM   982  O O   . THR A 1 146 ? -0.137  4.474   -10.491 1.00 11.53 ? 125 THR A O   1 
ATOM   983  C CB  . THR A 1 146 ? 1.375   6.959   -9.765  1.00 14.79 ? 125 THR A CB  1 
ATOM   984  O OG1 . THR A 1 146 ? 2.560   7.703   -9.467  1.00 18.83 ? 125 THR A OG1 1 
ATOM   985  C CG2 . THR A 1 146 ? 0.167   7.731   -9.271  1.00 15.06 ? 125 THR A CG2 1 
ATOM   986  N N   . ARG A 1 147 ? -0.596  4.597   -8.292  1.00 10.86 ? 126 ARG A N   1 
ATOM   987  C CA  . ARG A 1 147 ? -1.856  3.892   -8.392  1.00 9.85  ? 126 ARG A CA  1 
ATOM   988  C C   . ARG A 1 147 ? -2.931  4.794   -7.823  1.00 10.05 ? 126 ARG A C   1 
ATOM   989  O O   . ARG A 1 147 ? -2.768  5.337   -6.732  1.00 12.18 ? 126 ARG A O   1 
ATOM   990  C CB  . ARG A 1 147 ? -1.772  2.562   -7.647  1.00 10.85 ? 126 ARG A CB  1 
ATOM   991  C CG  . ARG A 1 147 ? -0.954  1.543   -8.446  1.00 12.18 ? 126 ARG A CG  1 
ATOM   992  C CD  . ARG A 1 147 ? -0.293  0.495   -7.591  1.00 14.70 ? 126 ARG A CD  1 
ATOM   993  N NE  . ARG A 1 147 ? -1.175  -0.559  -7.087  1.00 14.44 ? 126 ARG A NE  1 
ATOM   994  C CZ  . ARG A 1 147 ? -1.665  -1.554  -7.824  1.00 15.35 ? 126 ARG A CZ  1 
ATOM   995  N NH1 . ARG A 1 147 ? -1.435  -1.598  -9.131  1.00 14.06 ? 126 ARG A NH1 1 
ATOM   996  N NH2 . ARG A 1 147 ? -2.411  -2.491  -7.248  1.00 15.92 ? 126 ARG A NH2 1 
ATOM   997  N N   . VAL A 1 148 ? -4.014  4.983   -8.573  1.00 10.48 ? 127 VAL A N   1 
ATOM   998  C CA  . VAL A 1 148 ? -5.060  5.921   -8.180  1.00 10.63 ? 127 VAL A CA  1 
ATOM   999  C C   . VAL A 1 148 ? -6.337  5.164   -7.882  1.00 10.08 ? 127 VAL A C   1 
ATOM   1000 O O   . VAL A 1 148 ? -6.724  4.277   -8.655  1.00 10.91 ? 127 VAL A O   1 
ATOM   1001 C CB  . VAL A 1 148 ? -5.318  6.952   -9.293  1.00 10.98 ? 127 VAL A CB  1 
ATOM   1002 C CG1 . VAL A 1 148 ? -6.460  7.890   -8.916  1.00 13.05 ? 127 VAL A CG1 1 
ATOM   1003 C CG2 . VAL A 1 148 ? -4.055  7.739   -9.572  1.00 13.36 ? 127 VAL A CG2 1 
ATOM   1004 N N   . TYR A 1 149 ? -6.964  5.495   -6.752  1.00 9.78  ? 128 TYR A N   1 
ATOM   1005 C CA  . TYR A 1 149 ? -8.214  4.873   -6.332  1.00 9.31  ? 128 TYR A CA  1 
ATOM   1006 C C   . TYR A 1 149 ? -9.314  5.904   -6.216  1.00 13.25 ? 128 TYR A C   1 
ATOM   1007 O O   . TYR A 1 149 ? -9.063  7.041   -5.833  1.00 12.22 ? 128 TYR A O   1 
ATOM   1008 C CB  . TYR A 1 149 ? -8.048  4.238   -4.951  1.00 10.01 ? 128 TYR A CB  1 
ATOM   1009 C CG  . TYR A 1 149 ? -7.146  3.037   -4.922  1.00 11.02 ? 128 TYR A CG  1 
ATOM   1010 C CD1 . TYR A 1 149 ? -5.772  3.178   -5.024  1.00 10.56 ? 128 TYR A CD1 1 
ATOM   1011 C CD2 . TYR A 1 149 ? -7.672  1.756   -4.788  1.00 10.76 ? 128 TYR A CD2 1 
ATOM   1012 C CE1 . TYR A 1 149 ? -4.937  2.071   -4.995  1.00 11.46 ? 128 TYR A CE1 1 
ATOM   1013 C CE2 . TYR A 1 149 ? -6.854  0.647   -4.753  1.00 11.89 ? 128 TYR A CE2 1 
ATOM   1014 C CZ  . TYR A 1 149 ? -5.487  0.808   -4.861  1.00 13.35 ? 128 TYR A CZ  1 
ATOM   1015 O OH  . TYR A 1 149 ? -4.671  -0.300  -4.830  1.00 15.82 ? 128 TYR A OH  1 
ATOM   1016 N N   . GLU A 1 150 ? -10.534 5.485   -6.522  1.00 12.40 ? 129 GLU A N   1 
ATOM   1017 C CA  . GLU A 1 150 ? -11.703 6.304   -6.267  1.00 14.07 ? 129 GLU A CA  1 
ATOM   1018 C C   . GLU A 1 150 ? -12.632 5.589   -5.292  1.00 14.15 ? 129 GLU A C   1 
ATOM   1019 O O   . GLU A 1 150 ? -12.497 4.401   -5.058  1.00 12.63 ? 129 GLU A O   1 
ATOM   1020 C CB  . GLU A 1 150 ? -12.414 6.621   -7.577  1.00 18.94 ? 129 GLU A CB  1 
ATOM   1021 C CG  . GLU A 1 150 ? -11.641 7.609   -8.425  1.00 23.25 ? 129 GLU A CG  1 
ATOM   1022 C CD  . GLU A 1 150 ? -12.294 7.863   -9.762  1.00 31.38 ? 129 GLU A CD  1 
ATOM   1023 O OE1 . GLU A 1 150 ? -13.419 7.361   -9.979  1.00 31.82 ? 129 GLU A OE1 1 
ATOM   1024 O OE2 . GLU A 1 150 ? -11.676 8.559   -10.596 1.00 35.68 ? 129 GLU A OE2 1 
ATOM   1025 N N   . ARG A 1 151 ? -13.581 6.317   -4.718  1.00 13.42 ? 130 ARG A N   1 
ATOM   1026 C CA  . ARG A 1 151 ? -14.538 5.706   -3.810  1.00 14.71 ? 130 ARG A CA  1 
ATOM   1027 C C   . ARG A 1 151 ? -15.349 4.633   -4.514  1.00 17.74 ? 130 ARG A C   1 
ATOM   1028 O O   . ARG A 1 151 ? -15.780 4.819   -5.654  1.00 19.95 ? 130 ARG A O   1 
ATOM   1029 C CB  . ARG A 1 151 ? -15.483 6.770   -3.274  1.00 16.51 ? 130 ARG A CB  1 
ATOM   1030 C CG  . ARG A 1 151 ? -14.788 7.867   -2.533  1.00 17.47 ? 130 ARG A CG  1 
ATOM   1031 C CD  . ARG A 1 151 ? -14.712 7.511   -1.079  1.00 20.93 ? 130 ARG A CD  1 
ATOM   1032 N NE  . ARG A 1 151 ? -14.160 8.588   -0.271  1.00 22.03 ? 130 ARG A NE  1 
ATOM   1033 C CZ  . ARG A 1 151 ? -13.906 8.464   1.026   1.00 18.77 ? 130 ARG A CZ  1 
ATOM   1034 N NH1 . ARG A 1 151 ? -14.170 7.315   1.629   1.00 16.92 ? 130 ARG A NH1 1 
ATOM   1035 N NH2 . ARG A 1 151 ? -13.386 9.476   1.708   1.00 18.94 ? 130 ARG A NH2 1 
ATOM   1036 N N   . ALA A 1 152 ? -15.559 3.512   -3.837  1.00 18.15 ? 131 ALA A N   1 
ATOM   1037 C CA  . ALA A 1 152 ? -16.307 2.403   -4.418  1.00 22.76 ? 131 ALA A CA  1 
ATOM   1038 C C   . ALA A 1 152 ? -17.804 2.648   -4.303  1.00 25.83 ? 131 ALA A C   1 
ATOM   1039 O O   . ALA A 1 152 ? -18.236 3.583   -3.626  1.00 30.17 ? 131 ALA A O   1 
ATOM   1040 C CB  . ALA A 1 152 ? -15.930 1.101   -3.743  1.00 22.68 ? 131 ALA A CB  1 
HETATM 1041 O OAG . 76D B 2 .   ? -2.534  -4.075  -2.300  1.00 16.57 ? 201 76D A OAG 1 
HETATM 1042 C CAK . 76D B 2 .   ? -1.971  -3.740  -3.396  1.00 15.56 ? 201 76D A CAK 1 
HETATM 1043 O OAH . 76D B 2 .   ? -2.500  -2.917  -4.195  1.00 15.50 ? 201 76D A OAH 1 
HETATM 1044 C CAO . 76D B 2 .   ? -0.612  -4.395  -3.705  1.00 13.12 ? 201 76D A CAO 1 
HETATM 1045 C CAM . 76D B 2 .   ? 0.550   -3.768  -3.302  1.00 15.02 ? 201 76D A CAM 1 
HETATM 1046 C CAQ . 76D B 2 .   ? 0.483   -2.396  -2.591  1.00 16.33 ? 201 76D A CAQ 1 
HETATM 1047 C CAD . 76D B 2 .   ? 1.115   -2.411  -1.227  1.00 14.05 ? 201 76D A CAD 1 
HETATM 1048 C CAC . 76D B 2 .   ? 1.046   -1.248  -3.509  1.00 16.47 ? 201 76D A CAC 1 
HETATM 1049 C CAI . 76D B 2 .   ? 1.779   -4.361  -3.552  1.00 14.62 ? 201 76D A CAI 1 
HETATM 1050 C CAL . 76D B 2 .   ? 1.813   -5.605  -4.192  1.00 13.63 ? 201 76D A CAL 1 
HETATM 1051 C CAP . 76D B 2 .   ? 3.191   -6.296  -4.473  1.00 16.76 ? 201 76D A CAP 1 
HETATM 1052 C CAB . 76D B 2 .   ? 3.115   -7.426  -5.505  1.00 16.84 ? 201 76D A CAB 1 
HETATM 1053 C CAA . 76D B 2 .   ? 4.361   -5.341  -4.626  1.00 16.84 ? 201 76D A CAA 1 
HETATM 1054 C CAJ . 76D B 2 .   ? 0.639   -6.231  -4.588  1.00 13.35 ? 201 76D A CAJ 1 
HETATM 1055 C CAN . 76D B 2 .   ? -0.585  -5.642  -4.336  1.00 13.00 ? 201 76D A CAN 1 
HETATM 1056 C CAR . 76D B 2 .   ? -1.850  -6.309  -4.768  1.00 14.22 ? 201 76D A CAR 1 
HETATM 1057 C CAF . 76D B 2 .   ? -1.890  -6.513  -6.270  1.00 14.76 ? 201 76D A CAF 1 
HETATM 1058 C CAE . 76D B 2 .   ? -2.196  -7.602  -3.972  1.00 18.31 ? 201 76D A CAE 1 
HETATM 1059 O O   . HOH C 3 .   ? 1.161   4.365   3.088   1.00 9.68  ? 301 HOH A O   1 
HETATM 1060 O O   . HOH C 3 .   ? 5.555   -3.418  -1.467  1.00 11.43 ? 302 HOH A O   1 
HETATM 1061 O O   . HOH C 3 .   ? 1.842   -1.414  14.889  1.00 10.74 ? 303 HOH A O   1 
HETATM 1062 O O   . HOH C 3 .   ? -4.805  -11.383 -11.933 1.00 11.31 ? 304 HOH A O   1 
HETATM 1063 O O   . HOH C 3 .   ? 0.734   -3.847  14.231  1.00 12.89 ? 305 HOH A O   1 
HETATM 1064 O O   . HOH C 3 .   ? -6.874  -9.575  -11.852 1.00 14.62 ? 306 HOH A O   1 
HETATM 1065 O O   . HOH C 3 .   ? 3.377   1.362   12.119  1.00 9.48  ? 307 HOH A O   1 
HETATM 1066 O O   . HOH C 3 .   ? -2.526  -4.379  -9.538  1.00 14.53 ? 308 HOH A O   1 
HETATM 1067 O O   . HOH C 3 .   ? -3.302  -4.821  3.162   1.00 14.76 ? 309 HOH A O   1 
HETATM 1068 O O   . HOH C 3 .   ? 8.680   1.621   15.533  1.00 14.23 ? 310 HOH A O   1 
HETATM 1069 O O   . HOH C 3 .   ? -8.603  -0.821  12.976  1.00 14.83 ? 311 HOH A O   1 
HETATM 1070 O O   . HOH C 3 .   ? -13.156 3.641   10.512  1.00 15.33 ? 312 HOH A O   1 
HETATM 1071 O O   . HOH C 3 .   ? -10.317 -2.072  6.951   1.00 17.04 ? 313 HOH A O   1 
HETATM 1072 O O   . HOH C 3 .   ? 1.177   -6.581  0.156   1.00 16.69 ? 314 HOH A O   1 
HETATM 1073 O O   . HOH C 3 .   ? -2.122  5.180   15.390  1.00 15.09 ? 315 HOH A O   1 
HETATM 1074 O O   . HOH C 3 .   ? -4.996  -2.122  -2.828  1.00 19.93 ? 316 HOH A O   1 
HETATM 1075 O O   . HOH C 3 .   ? -1.991  5.923   -12.118 1.00 16.65 ? 317 HOH A O   1 
HETATM 1076 O O   . HOH C 3 .   ? -13.566 9.058   -5.461  1.00 21.41 ? 318 HOH A O   1 
HETATM 1077 O O   . HOH C 3 .   ? 1.381   -3.330  2.137   1.00 17.39 ? 319 HOH A O   1 
HETATM 1078 O O   . HOH C 3 .   ? 0.646   -6.986  2.994   1.00 19.99 ? 320 HOH A O   1 
HETATM 1079 O O   . HOH C 3 .   ? 1.072   -0.257  -13.992 1.00 17.49 ? 321 HOH A O   1 
HETATM 1080 O O   . HOH C 3 .   ? -11.023 19.521  -7.076  1.00 19.28 ? 322 HOH A O   1 
HETATM 1081 O O   . HOH C 3 .   ? 2.133   -1.707  17.690  1.00 16.74 ? 323 HOH A O   1 
HETATM 1082 O O   . HOH C 3 .   ? -5.641  -7.144  11.260  1.00 23.66 ? 324 HOH A O   1 
HETATM 1083 O O   . HOH C 3 .   ? 2.679   1.713   -16.989 1.00 21.32 ? 325 HOH A O   1 
HETATM 1084 O O   . HOH C 3 .   ? -1.377  -5.678  -0.447  1.00 16.76 ? 326 HOH A O   1 
HETATM 1085 O O   . HOH C 3 .   ? 3.198   -4.580  0.186   1.00 14.35 ? 327 HOH A O   1 
HETATM 1086 O O   . HOH C 3 .   ? 10.213  -0.671  9.233   1.00 19.45 ? 328 HOH A O   1 
HETATM 1087 O O   . HOH C 3 .   ? 16.446  -0.844  -1.317  1.00 24.51 ? 329 HOH A O   1 
HETATM 1088 O O   . HOH C 3 .   ? 12.476  -1.878  -12.668 1.00 21.86 ? 330 HOH A O   1 
HETATM 1089 O O   . HOH C 3 .   ? 7.110   5.617   8.134   1.00 17.32 ? 331 HOH A O   1 
HETATM 1090 O O   . HOH C 3 .   ? -2.123  -0.176  -4.228  1.00 15.93 ? 332 HOH A O   1 
HETATM 1091 O O   . HOH C 3 .   ? 13.266  -8.928  -2.831  1.00 24.81 ? 333 HOH A O   1 
HETATM 1092 O O   . HOH C 3 .   ? -13.442 9.104   4.636   1.00 18.54 ? 334 HOH A O   1 
HETATM 1093 O O   . HOH C 3 .   ? -3.470  13.126  2.366   1.00 22.47 ? 335 HOH A O   1 
HETATM 1094 O O   . HOH C 3 .   ? 6.186   -0.902  -15.589 1.00 20.64 ? 336 HOH A O   1 
HETATM 1095 O O   . HOH C 3 .   ? 8.886   -9.773  9.395   1.00 23.82 ? 337 HOH A O   1 
HETATM 1096 O O   . HOH C 3 .   ? -15.683 5.028   0.719   1.00 20.81 ? 338 HOH A O   1 
HETATM 1097 O O   . HOH C 3 .   ? 2.950   9.402   12.758  1.00 17.52 ? 339 HOH A O   1 
HETATM 1098 O O   . HOH C 3 .   ? -1.390  -3.765  1.596   1.00 20.56 ? 340 HOH A O   1 
HETATM 1099 O O   . HOH C 3 .   ? -13.342 10.770  -1.549  1.00 20.91 ? 341 HOH A O   1 
HETATM 1100 O O   . HOH C 3 .   ? 16.407  2.384   -9.353  1.00 27.30 ? 342 HOH A O   1 
HETATM 1101 O O   . HOH C 3 .   ? -2.562  -10.442 5.047   1.00 21.65 ? 343 HOH A O   1 
HETATM 1102 O O   . HOH C 3 .   ? 0.209   -7.911  -15.830 1.00 21.64 ? 344 HOH A O   1 
HETATM 1103 O O   . HOH C 3 .   ? 7.525   -7.955  -17.047 1.00 21.59 ? 345 HOH A O   1 
HETATM 1104 O O   . HOH C 3 .   ? 4.111   -4.652  16.565  1.00 17.46 ? 346 HOH A O   1 
HETATM 1105 O O   . HOH C 3 .   ? 2.874   -6.667  -14.361 1.00 24.56 ? 347 HOH A O   1 
HETATM 1106 O O   . HOH C 3 .   ? -6.877  1.984   20.240  1.00 21.61 ? 348 HOH A O   1 
HETATM 1107 O O   . HOH C 3 .   ? 8.995   -11.148 -4.075  1.00 17.27 ? 349 HOH A O   1 
HETATM 1108 O O   . HOH C 3 .   ? 12.853  8.784   -10.361 1.00 22.53 ? 350 HOH A O   1 
HETATM 1109 O O   . HOH C 3 .   ? 4.503   8.069   14.316  1.00 25.69 ? 351 HOH A O   1 
HETATM 1110 O O   . HOH C 3 .   ? -13.406 -1.836  13.904  1.00 23.90 ? 352 HOH A O   1 
HETATM 1111 O O   . HOH C 3 .   ? 0.983   -9.599  7.375   1.00 21.09 ? 353 HOH A O   1 
HETATM 1112 O O   . HOH C 3 .   ? 7.223   6.338   -13.164 1.00 24.37 ? 354 HOH A O   1 
HETATM 1113 O O   . HOH C 3 .   ? 1.095   10.321  14.560  1.00 25.78 ? 355 HOH A O   1 
HETATM 1114 O O   . HOH C 3 .   ? 10.928  -14.914 -12.008 1.00 21.00 ? 356 HOH A O   1 
HETATM 1115 O O   . HOH C 3 .   ? -11.227 13.733  -7.729  1.00 20.29 ? 357 HOH A O   1 
HETATM 1116 O O   . HOH C 3 .   ? -8.807  0.257   19.437  1.00 19.59 ? 358 HOH A O   1 
HETATM 1117 O O   . HOH C 3 .   ? -7.055  -5.500  -15.047 1.00 22.81 ? 359 HOH A O   1 
HETATM 1118 O O   . HOH C 3 .   ? 12.364  -9.351  -10.151 1.00 24.03 ? 360 HOH A O   1 
HETATM 1119 O O   . HOH C 3 .   ? -5.699  -14.470 -0.331  1.00 25.27 ? 361 HOH A O   1 
HETATM 1120 O O   . HOH C 3 .   ? -1.673  17.265  3.767   1.00 24.82 ? 362 HOH A O   1 
HETATM 1121 O O   . HOH C 3 .   ? -1.161  -2.689  -12.401 1.00 25.57 ? 363 HOH A O   1 
HETATM 1122 O O   . HOH C 3 .   ? 4.216   6.604   -16.716 1.00 28.44 ? 364 HOH A O   1 
HETATM 1123 O O   . HOH C 3 .   ? 6.688   -15.458 -9.368  1.00 20.11 ? 365 HOH A O   1 
HETATM 1124 O O   . HOH C 3 .   ? -2.776  -1.895  -0.014  1.00 24.44 ? 366 HOH A O   1 
HETATM 1125 O O   . HOH C 3 .   ? -5.186  -15.350 -9.089  1.00 24.71 ? 367 HOH A O   1 
HETATM 1126 O O   . HOH C 3 .   ? -8.287  -15.706 -6.776  1.00 21.06 ? 368 HOH A O   1 
HETATM 1127 O O   . HOH C 3 .   ? -4.029  -15.829 -6.760  1.00 25.95 ? 369 HOH A O   1 
HETATM 1128 O O   . HOH C 3 .   ? -11.088 -1.320  12.128  1.00 22.01 ? 370 HOH A O   1 
HETATM 1129 O O   . HOH C 3 .   ? -13.446 13.504  -1.092  1.00 24.14 ? 371 HOH A O   1 
HETATM 1130 O O   . HOH C 3 .   ? 5.743   4.628   -18.173 1.00 25.19 ? 372 HOH A O   1 
HETATM 1131 O O   . HOH C 3 .   ? 14.957  -9.582  6.288   1.00 23.75 ? 373 HOH A O   1 
HETATM 1132 O O   . HOH C 3 .   ? 8.405   -13.077 -6.112  1.00 22.95 ? 374 HOH A O   1 
HETATM 1133 O O   . HOH C 3 .   ? -11.263 -10.814 -3.046  1.00 27.70 ? 375 HOH A O   1 
HETATM 1134 O O   . HOH C 3 .   ? 12.453  2.997   1.164   1.00 25.16 ? 376 HOH A O   1 
HETATM 1135 O O   . HOH C 3 .   ? -2.243  0.299   -1.249  1.00 24.27 ? 377 HOH A O   1 
HETATM 1136 O O   . HOH C 3 .   ? 2.545   -14.356 -3.946  1.00 29.82 ? 378 HOH A O   1 
HETATM 1137 O O   . HOH C 3 .   ? 3.236   -1.796  -15.389 1.00 20.22 ? 379 HOH A O   1 
HETATM 1138 O O   . HOH C 3 .   ? -4.809  -1.327  -13.789 1.00 30.29 ? 380 HOH A O   1 
HETATM 1139 O O   . HOH C 3 .   ? 14.035  2.382   -2.092  1.00 25.91 ? 381 HOH A O   1 
HETATM 1140 O O   . HOH C 3 .   ? -3.665  17.084  -1.436  1.00 24.32 ? 382 HOH A O   1 
HETATM 1141 O O   . HOH C 3 .   ? 4.242   6.136   -12.011 1.00 24.11 ? 383 HOH A O   1 
HETATM 1142 O O   . HOH C 3 .   ? 6.694   6.732   -1.836  1.00 22.17 ? 384 HOH A O   1 
HETATM 1143 O O   . HOH C 3 .   ? -9.336  14.965  -9.406  1.00 29.97 ? 385 HOH A O   1 
HETATM 1144 O O   . HOH C 3 .   ? 14.510  -5.912  8.101   1.00 26.00 ? 386 HOH A O   1 
HETATM 1145 O O   . HOH C 3 .   ? -10.046 6.934   16.274  1.00 28.66 ? 387 HOH A O   1 
HETATM 1146 O O   . HOH C 3 .   ? 11.399  -12.116 2.462   1.00 20.72 ? 388 HOH A O   1 
HETATM 1147 O O   . HOH C 3 .   ? -17.384 4.537   -1.198  1.00 26.95 ? 389 HOH A O   1 
HETATM 1148 O O   . HOH C 3 .   ? -4.598  15.900  1.272   1.00 24.52 ? 390 HOH A O   1 
HETATM 1149 O O   . HOH C 3 .   ? 3.244   5.590   19.469  1.00 30.76 ? 391 HOH A O   1 
HETATM 1150 O O   . HOH C 3 .   ? -1.680  6.930   17.339  1.00 29.49 ? 392 HOH A O   1 
HETATM 1151 O O   . HOH C 3 .   ? -4.108  -3.182  -12.507 1.00 25.49 ? 393 HOH A O   1 
HETATM 1152 O O   . HOH C 3 .   ? 6.125   -13.940 -5.199  1.00 27.15 ? 394 HOH A O   1 
HETATM 1153 O O   . HOH C 3 .   ? -14.128 -0.050  12.232  1.00 30.18 ? 395 HOH A O   1 
HETATM 1154 O O   . HOH C 3 .   ? 12.383  3.973   -0.970  1.00 27.93 ? 396 HOH A O   1 
HETATM 1155 O O   . HOH C 3 .   ? -14.030 -4.301  13.493  1.00 32.60 ? 397 HOH A O   1 
HETATM 1156 O O   . HOH C 3 .   ? -13.391 12.750  2.253   1.00 34.85 ? 398 HOH A O   1 
HETATM 1157 O O   . HOH C 3 .   ? 11.080  6.614   3.063   1.00 32.84 ? 399 HOH A O   1 
HETATM 1158 O O   . HOH C 3 .   ? -11.663 -1.007  -9.960  1.00 25.98 ? 400 HOH A O   1 
HETATM 1159 O O   . HOH C 3 .   ? 12.094  6.413   -1.096  1.00 29.15 ? 401 HOH A O   1 
HETATM 1160 O O   . HOH C 3 .   ? -4.177  2.180   -15.548 1.00 23.93 ? 402 HOH A O   1 
HETATM 1161 O O   . HOH C 3 .   ? 6.882   -10.912 8.435   1.00 25.43 ? 403 HOH A O   1 
HETATM 1162 O O   . HOH C 3 .   ? -12.789 11.878  -8.874  1.00 31.38 ? 404 HOH A O   1 
HETATM 1163 O O   . HOH C 3 .   ? 0.618   6.519   17.446  1.00 24.53 ? 405 HOH A O   1 
HETATM 1164 O O   . HOH C 3 .   ? 12.373  -8.555  7.458   1.00 24.66 ? 406 HOH A O   1 
HETATM 1165 O O   . HOH C 3 .   ? -5.456  -7.454  -3.290  1.00 17.99 ? 407 HOH A O   1 
HETATM 1166 O O   . HOH C 3 .   ? -8.465  -8.821  3.036   1.00 25.66 ? 408 HOH A O   1 
HETATM 1167 O O   . HOH C 3 .   ? -6.657  -11.262 4.340   1.00 33.37 ? 409 HOH A O   1 
HETATM 1168 O O   . HOH C 3 .   ? 0.181   14.957  9.919   1.00 28.74 ? 410 HOH A O   1 
HETATM 1169 O O   . HOH C 3 .   ? 1.191   -16.435 -9.952  1.00 27.17 ? 411 HOH A O   1 
HETATM 1170 O O   . HOH C 3 .   ? -14.241 5.312   -10.003 1.00 32.71 ? 412 HOH A O   1 
HETATM 1171 O O   . HOH C 3 .   ? -11.137 -2.229  -7.554  1.00 24.17 ? 413 HOH A O   1 
HETATM 1172 O O   . HOH C 3 .   ? -11.598 -6.025  -5.898  1.00 28.45 ? 414 HOH A O   1 
HETATM 1173 O O   . HOH C 3 .   ? -13.629 -6.487  -7.787  1.00 33.37 ? 415 HOH A O   1 
HETATM 1174 O O   . HOH C 3 .   ? -12.020 -11.328 -5.544  1.00 31.44 ? 416 HOH A O   1 
HETATM 1175 O O   . HOH C 3 .   ? 15.617  -6.357  -5.149  1.00 26.99 ? 417 HOH A O   1 
HETATM 1176 O O   . HOH C 3 .   ? 1.809   -16.137 -7.596  1.00 30.02 ? 418 HOH A O   1 
HETATM 1177 O O   . HOH C 3 .   ? 1.143   8.734   16.734  1.00 32.05 ? 419 HOH A O   1 
HETATM 1178 O O   . HOH C 3 .   ? 4.723   11.881  11.814  1.00 30.50 ? 420 HOH A O   1 
HETATM 1179 O O   . HOH C 3 .   ? 9.103   7.628   6.921   1.00 31.51 ? 421 HOH A O   1 
HETATM 1180 O O   . HOH C 3 .   ? 1.034   9.153   -2.668  1.00 25.25 ? 422 HOH A O   1 
HETATM 1181 O O   . HOH C 3 .   ? 6.299   8.896   -3.325  1.00 28.13 ? 423 HOH A O   1 
HETATM 1182 O O   . HOH C 3 .   ? 2.609   8.148   -13.747 1.00 31.67 ? 424 HOH A O   1 
# 
